data_6L8S
#
_entry.id   6L8S
#
_cell.length_a   119.454
_cell.length_b   207.596
_cell.length_c   187.364
_cell.angle_alpha   90.000
_cell.angle_beta   90.000
_cell.angle_gamma   90.000
#
_symmetry.space_group_name_H-M   'C 2 2 21'
#
loop_
_entity.id
_entity.type
_entity.pdbx_description
1 polymer Hemocyanin
2 polymer Hemocyanin
3 polymer Hemocyanin
4 non-polymer 'COPPER (II) ION'
5 non-polymer 2-acetamido-2-deoxy-beta-D-glucopyranose
6 non-polymer 'OXYGEN ATOM'
7 non-polymer 'SULFATE ION'
8 non-polymer 'MAGNESIUM ION'
9 non-polymer 1,2-ETHANEDIOL
10 non-polymer 'CHLORIDE ION'
11 water water
#
loop_
_entity_poly.entity_id
_entity_poly.type
_entity_poly.pdbx_seq_one_letter_code
_entity_poly.pdbx_strand_id
1 'polypeptide(L)'
;SSTAHKQQNINHLLDKIYEDTKYPDLQEIAKNFNPLGDTSMYNDQGAAAEVLMKELNDHRLLEQHHWYSLFNARQREEAL
MLFAVLNQCKVWHCFRNNAAYFREQMNEGEFVYALYVGVIHSKLGDGIVLPPLYEITPHMFTNSEVIDKAYSAKMTQKAG
TFNVSFTGTKKNKEQRVAYFGEDIGMNIHHVTWHMDFPFWWQDSYGNHLDRKGELFFWVHHQLTARFDFERLSNWLDPVD
ELHWDRIIREGFAPLTSYKYGGEFPVRPDNIHFEDVDGVAHVHDMEITENRIYEAIDHGYITATDGHTIDIRQPKGIELL
GDIIESSMYSPNAQYYGSLHNTAHVMLGRQGDPHGKFNLPPGVMEHFETATRDPSFFRLHKYMDNIFKKHTDSFPPYTHD
DLEFAGMVVDGVAIDGELTTFFDEFQYSLINAVDSGESIEDVEINARVHRLNHKEFTYKITVSNSIGSDHLATFRIFLCP
IEDNNGITLTLDKERWLCIELDKFFQKVPSGTHTIHRSSKDSSVTVPDMPSFHSLKEQADNAVNGGSDLDLSAYERSCGI
PERMLLPKSKPEGMEFNLFVAVTDGVKDTEGHNGDHDHGGTHAQCGVHGEAYPDNRPLGYPLERRIPDERVFDGVPNIKH
VVVKIVHHPE
;
A
2 'polypeptide(L)'
;ASSTAHKQQDINHLLDKIYEDTKYPDLQEIAKNFNPLGDTSMYNDQGAAAEVLMKELNDHRLLEQHHWYSLFNARQREEA
LMLFAVLNQCKVWYCFRNNAAYFREQMNEGEFVYALYVGVIHSKLGDGIVLPPLYEITPHMFTNSEVIDKAYSAKMTQKA
GTFNVSFTGTKKNKEQRVAYFGEDIGMNIHHVTWHMDFPFWWQDSYGNHLDRKGELFFWVHHQLTARFDFERLSNWLDPV
DELHWDRIIREGFAPLTSYKYGGEFPVRPDNIHFEDVDGVAHVHDMEITENRIYEAIDHGYITATDGHTIDIRQPKGIEL
LGDIIESSMYSPNAQYYGSLHNTAHVMLGRQGDPHGKFNLPPGVMEHFETATRDPSFFRLHKYMDNIFKKHTDSFPPYTH
DDLEFAGMAVDGVAIDGELITFFDEFQYSLINAVDSGESIEDVEINARVHRLNHKEFTYKITVSNSIGSDHLATFRIFLC
PIEDNNGITLTLDKERWLCIELDKFFQKVPSGTHTIHRSSKDSSVTVPDMPSFHSLKEQADNAVNGGSDLDLSAYERSCG
IPERMLLPKSKPEGMEFNLFVAVTDGDKDTEGHNGDHDHGGTHAQCGVHGEAYPDNRPLGYPLERRIPDERVFDGVPNIK
HVVVKIVHHP
;
B
3 'polypeptide(L)'
;ASSTAHKQQDINHLLDKIYEDTKYPDLQEIAKNFNPLGDTSMYNDQGAAAEVLMKELNDHRLLEQHHWYSLFNARQREEA
LMLFAVLNQCKVWHCFRNNAAYFREQMNEGEFVYALYVGVIHSKLGDGIVLPPLYEITPHMFTNSEVIDKAYSAKMTQKA
GTFNVSFTGTKKNKEQRVAYFGEDIGMNIHHVTWHMDFPFWWQDSYGNHLDRKGELFFWVHHQLTARFDFERLSNWLDPV
DELHWDRIIREGFAPLTSYKYGGEFPVRPDNKHFEDVDGVAHVHDMEITENRIYEAIDHGYITATDGHTIDIRQPKGIEL
LGDIIESSMYSPNAQYYGSLHNTAHVMLGRQGDPHGKFNLPPGVMEHFETATRDPSFFRLHKYMDNIFKKHTDSFPPYTH
DDLEFAGMAVDGVAIDGELITFFDEFQYSLINAVDSGESIEDVEINARVHRLNHKEFTYKITVSNSIGSDHLATFRIFLC
PIEDNNGITLTLDKARWLCIELDKFFQKVPSGTHTIHRSSKDSSVTVPDMPSFHSLKEQADNAVNGGHDLDLSAYERSCG
IPDRMLLPKSKPEGMEFNLFVAVTDGVKDTEGHNGDHDHGGTHAQCGVHGEAYPDNRPLGYPLERRIPDERVFDGVPNIK
HVVVKIVHHP
;
C
#
# COMPACT_ATOMS: atom_id res chain seq x y z
N SER A 1 -22.32 34.67 40.93
CA SER A 1 -21.16 35.24 40.26
C SER A 1 -19.89 35.14 41.14
N SER A 2 -20.05 34.69 42.38
CA SER A 2 -18.97 34.23 43.22
C SER A 2 -18.79 32.73 43.06
N THR A 3 -17.70 32.19 43.59
CA THR A 3 -17.41 30.77 43.40
C THR A 3 -18.47 29.90 44.07
N ALA A 4 -18.92 30.28 45.26
CA ALA A 4 -19.95 29.50 45.93
C ALA A 4 -21.23 29.43 45.09
N HIS A 5 -21.65 30.57 44.55
CA HIS A 5 -22.87 30.59 43.75
CA HIS A 5 -22.88 30.58 43.75
C HIS A 5 -22.67 29.86 42.43
N LYS A 6 -21.50 30.01 41.80
CA LYS A 6 -21.23 29.31 40.55
C LYS A 6 -21.21 27.81 40.77
N GLN A 7 -20.54 27.36 41.84
CA GLN A 7 -20.52 25.93 42.14
C GLN A 7 -21.93 25.40 42.36
N GLN A 8 -22.73 26.12 43.14
CA GLN A 8 -24.10 25.69 43.39
C GLN A 8 -24.91 25.64 42.11
N ASN A 9 -24.74 26.64 41.24
CA ASN A 9 -25.43 26.66 39.95
C ASN A 9 -25.08 25.41 39.14
N ILE A 10 -23.79 25.07 39.08
CA ILE A 10 -23.37 23.88 38.35
C ILE A 10 -23.95 22.62 39.00
N ASN A 11 -23.86 22.53 40.34
CA ASN A 11 -24.46 21.40 41.05
C ASN A 11 -25.92 21.24 40.67
N HIS A 12 -26.68 22.33 40.69
CA HIS A 12 -28.09 22.28 40.35
C HIS A 12 -28.29 21.84 38.90
N LEU A 13 -27.52 22.42 37.98
CA LEU A 13 -27.69 22.09 36.56
C LEU A 13 -27.45 20.61 36.27
N LEU A 14 -26.53 19.99 37.01
CA LEU A 14 -26.17 18.60 36.76
C LEU A 14 -26.99 17.61 37.57
N ASP A 15 -27.84 18.11 38.47
CA ASP A 15 -28.66 17.25 39.33
C ASP A 15 -29.78 16.59 38.53
N LYS A 16 -29.96 15.29 38.73
CA LYS A 16 -31.03 14.50 38.10
C LYS A 16 -31.17 14.84 36.62
N ILE A 17 -30.07 14.61 35.90
CA ILE A 17 -29.91 15.15 34.56
C ILE A 17 -30.88 14.57 33.53
N TYR A 18 -31.53 13.43 33.83
CA TYR A 18 -32.45 12.84 32.87
C TYR A 18 -33.86 13.39 32.98
N GLU A 19 -34.11 14.32 33.91
CA GLU A 19 -35.45 14.86 34.12
C GLU A 19 -35.40 16.37 34.04
N ASP A 20 -36.55 16.97 33.73
CA ASP A 20 -36.69 18.42 33.77
C ASP A 20 -36.21 18.95 35.12
N THR A 21 -35.63 20.14 35.11
CA THR A 21 -35.02 20.64 36.34
C THR A 21 -36.08 20.82 37.43
N LYS A 22 -35.67 20.54 38.67
CA LYS A 22 -36.54 20.64 39.83
C LYS A 22 -36.29 21.92 40.62
N TYR A 23 -35.37 22.76 40.16
CA TYR A 23 -35.05 23.99 40.86
C TYR A 23 -35.89 25.13 40.31
N PRO A 24 -36.69 25.81 41.15
CA PRO A 24 -37.60 26.83 40.62
C PRO A 24 -36.89 27.93 39.87
N ASP A 25 -35.71 28.35 40.33
CA ASP A 25 -35.00 29.41 39.61
C ASP A 25 -34.58 28.95 38.22
N LEU A 26 -34.10 27.71 38.08
CA LEU A 26 -33.68 27.23 36.76
C LEU A 26 -34.88 27.00 35.85
N GLN A 27 -36.01 26.55 36.41
CA GLN A 27 -37.22 26.44 35.60
CA GLN A 27 -37.24 26.44 35.62
C GLN A 27 -37.65 27.79 35.07
N GLU A 28 -37.61 28.83 35.93
CA GLU A 28 -38.00 30.16 35.48
CA GLU A 28 -37.99 30.17 35.48
C GLU A 28 -37.08 30.65 34.35
N ILE A 29 -35.77 30.41 34.49
CA ILE A 29 -34.83 30.85 33.46
C ILE A 29 -35.09 30.08 32.16
N ALA A 30 -35.28 28.77 32.25
CA ALA A 30 -35.49 28.00 31.04
C ALA A 30 -36.76 28.44 30.32
N LYS A 31 -37.74 28.93 31.08
CA LYS A 31 -39.01 29.37 30.50
C LYS A 31 -38.88 30.74 29.86
N ASN A 32 -38.19 31.68 30.51
CA ASN A 32 -38.26 33.08 30.14
C ASN A 32 -37.01 33.65 29.48
N PHE A 33 -35.86 33.01 29.67
CA PHE A 33 -34.63 33.54 29.11
C PHE A 33 -34.60 33.39 27.60
N ASN A 34 -34.15 34.45 26.92
CA ASN A 34 -34.00 34.44 25.47
C ASN A 34 -32.52 34.51 25.14
N PRO A 35 -31.90 33.45 24.63
CA PRO A 35 -30.46 33.52 24.31
C PRO A 35 -30.10 34.62 23.33
N LEU A 36 -31.09 35.15 22.59
CA LEU A 36 -30.88 36.18 21.60
C LEU A 36 -31.37 37.54 22.07
N GLY A 37 -31.77 37.66 23.34
CA GLY A 37 -32.41 38.89 23.80
C GLY A 37 -31.47 40.05 24.04
N ASP A 38 -30.22 39.76 24.42
CA ASP A 38 -29.23 40.79 24.70
C ASP A 38 -27.87 40.25 24.25
N THR A 39 -27.52 40.55 22.99
CA THR A 39 -26.27 40.04 22.43
C THR A 39 -25.03 40.68 23.04
N SER A 40 -25.19 41.73 23.85
CA SER A 40 -24.04 42.36 24.50
C SER A 40 -23.40 41.46 25.54
N MET A 41 -24.06 40.35 25.92
CA MET A 41 -23.46 39.43 26.86
C MET A 41 -22.45 38.48 26.22
N TYR A 42 -22.33 38.48 24.89
CA TYR A 42 -21.41 37.60 24.17
C TYR A 42 -20.25 38.38 23.58
N ASN A 43 -19.10 37.72 23.52
CA ASN A 43 -17.95 38.31 22.83
C ASN A 43 -18.11 38.31 21.31
N ASP A 44 -18.95 37.43 20.76
CA ASP A 44 -19.21 37.40 19.32
C ASP A 44 -20.53 38.09 18.97
N GLN A 45 -21.07 38.88 19.90
CA GLN A 45 -22.31 39.62 19.66
CA GLN A 45 -22.32 39.63 19.71
C GLN A 45 -23.45 38.71 19.23
N GLY A 46 -23.44 37.47 19.73
CA GLY A 46 -24.55 36.55 19.52
C GLY A 46 -24.43 35.58 18.38
N ALA A 47 -23.29 35.56 17.66
CA ALA A 47 -23.17 34.70 16.49
C ALA A 47 -23.41 33.23 16.85
N ALA A 48 -22.79 32.75 17.91
CA ALA A 48 -22.94 31.34 18.27
C ALA A 48 -24.36 31.05 18.75
N ALA A 49 -24.96 31.97 19.50
CA ALA A 49 -26.32 31.78 19.96
C ALA A 49 -27.28 31.71 18.78
N GLU A 50 -27.05 32.50 17.74
CA GLU A 50 -27.91 32.46 16.56
C GLU A 50 -27.84 31.10 15.87
N VAL A 51 -26.64 30.54 15.74
CA VAL A 51 -26.48 29.23 15.10
C VAL A 51 -27.25 28.16 15.86
N LEU A 52 -27.09 28.13 17.18
CA LEU A 52 -27.75 27.09 17.97
C LEU A 52 -29.26 27.28 17.98
N MET A 53 -29.74 28.52 18.12
CA MET A 53 -31.19 28.75 18.14
C MET A 53 -31.82 28.36 16.82
N LYS A 54 -31.14 28.62 15.70
CA LYS A 54 -31.68 28.21 14.41
C LYS A 54 -31.82 26.69 14.33
N GLU A 55 -30.80 25.97 14.78
CA GLU A 55 -30.89 24.51 14.78
C GLU A 55 -32.03 24.03 15.65
N LEU A 56 -32.17 24.65 16.83
CA LEU A 56 -33.26 24.29 17.74
C LEU A 56 -34.62 24.57 17.11
N ASN A 57 -34.77 25.75 16.51
CA ASN A 57 -36.06 26.16 15.96
C ASN A 57 -36.42 25.34 14.72
N ASP A 58 -35.43 24.84 13.99
CA ASP A 58 -35.68 23.99 12.83
C ASP A 58 -35.85 22.52 13.20
N HIS A 59 -35.92 22.18 14.49
CA HIS A 59 -36.11 20.81 14.95
C HIS A 59 -35.02 19.88 14.42
N ARG A 60 -33.77 20.37 14.42
CA ARG A 60 -32.65 19.62 13.88
CA ARG A 60 -32.65 19.62 13.89
C ARG A 60 -31.74 19.05 14.96
N LEU A 61 -32.06 19.24 16.24
CA LEU A 61 -31.22 18.76 17.32
C LEU A 61 -31.67 17.39 17.81
N LEU A 62 -30.71 16.62 18.31
CA LEU A 62 -31.01 15.30 18.87
C LEU A 62 -32.02 15.43 20.01
N GLU A 63 -32.99 14.51 20.03
CA GLU A 63 -34.00 14.48 21.06
C GLU A 63 -33.39 14.16 22.42
N GLN A 64 -34.10 14.56 23.48
CA GLN A 64 -33.76 14.09 24.81
C GLN A 64 -34.06 12.60 24.94
N HIS A 65 -33.40 11.98 25.93
CA HIS A 65 -33.54 10.56 26.21
C HIS A 65 -33.10 9.72 25.00
N HIS A 66 -31.82 9.87 24.67
CA HIS A 66 -31.20 9.20 23.54
C HIS A 66 -29.71 9.10 23.82
N TRP A 67 -29.10 8.00 23.38
CA TRP A 67 -27.66 7.86 23.54
C TRP A 67 -26.94 8.98 22.80
N TYR A 68 -25.77 9.32 23.33
CA TYR A 68 -24.91 10.36 22.80
C TYR A 68 -23.50 9.78 22.71
N SER A 69 -22.83 9.98 21.58
CA SER A 69 -21.43 9.63 21.45
C SER A 69 -20.66 10.82 20.89
N LEU A 70 -19.60 11.21 21.62
CA LEU A 70 -18.71 12.27 21.14
C LEU A 70 -18.07 11.92 19.81
N PHE A 71 -17.98 10.63 19.46
CA PHE A 71 -17.41 10.23 18.17
C PHE A 71 -18.42 10.31 17.05
N ASN A 72 -19.69 10.59 17.34
CA ASN A 72 -20.69 10.77 16.31
C ASN A 72 -20.61 12.21 15.82
N ALA A 73 -20.32 12.39 14.52
CA ALA A 73 -19.94 13.72 14.03
C ALA A 73 -21.05 14.74 14.27
N ARG A 74 -22.30 14.38 13.94
CA ARG A 74 -23.39 15.34 14.07
C ARG A 74 -23.74 15.61 15.53
N GLN A 75 -23.73 14.57 16.37
CA GLN A 75 -24.01 14.81 17.79
C GLN A 75 -22.91 15.65 18.42
N ARG A 76 -21.66 15.41 18.06
CA ARG A 76 -20.57 16.26 18.55
C ARG A 76 -20.78 17.70 18.10
N GLU A 77 -21.14 17.89 16.83
CA GLU A 77 -21.37 19.25 16.32
CA GLU A 77 -21.35 19.25 16.34
C GLU A 77 -22.44 19.96 17.14
N GLU A 78 -23.50 19.24 17.52
CA GLU A 78 -24.57 19.83 18.32
C GLU A 78 -24.07 20.21 19.72
N ALA A 79 -23.34 19.29 20.38
CA ALA A 79 -22.78 19.63 21.68
C ALA A 79 -21.85 20.83 21.58
N LEU A 80 -21.04 20.89 20.53
CA LEU A 80 -20.09 21.99 20.39
C LEU A 80 -20.79 23.31 20.10
N MET A 81 -22.00 23.27 19.53
CA MET A 81 -22.78 24.50 19.35
C MET A 81 -23.14 25.11 20.69
N LEU A 82 -23.50 24.27 21.66
CA LEU A 82 -23.76 24.77 23.01
C LEU A 82 -22.47 25.19 23.69
N PHE A 83 -21.41 24.39 23.58
CA PHE A 83 -20.12 24.84 24.08
C PHE A 83 -19.78 26.22 23.53
N ALA A 84 -19.97 26.42 22.23
CA ALA A 84 -19.61 27.70 21.61
C ALA A 84 -20.36 28.86 22.26
N VAL A 85 -21.64 28.68 22.58
CA VAL A 85 -22.40 29.74 23.24
C VAL A 85 -21.83 30.01 24.63
N LEU A 86 -21.68 28.96 25.45
CA LEU A 86 -21.15 29.15 26.80
C LEU A 86 -19.79 29.83 26.76
N ASN A 87 -18.95 29.46 25.79
CA ASN A 87 -17.60 29.97 25.65
C ASN A 87 -17.57 31.44 25.28
N GLN A 88 -18.67 31.97 24.73
CA GLN A 88 -18.76 33.37 24.34
C GLN A 88 -19.31 34.27 25.44
N CYS A 89 -19.86 33.69 26.50
CA CYS A 89 -20.43 34.48 27.59
C CYS A 89 -19.36 35.29 28.29
N LYS A 90 -19.61 36.60 28.43
CA LYS A 90 -18.67 37.47 29.11
C LYS A 90 -18.76 37.33 30.62
N VAL A 91 -19.94 37.03 31.16
CA VAL A 91 -20.19 37.03 32.59
C VAL A 91 -20.99 35.80 32.96
N TRP A 92 -21.02 35.51 34.26
CA TRP A 92 -21.56 34.24 34.72
C TRP A 92 -23.06 34.12 34.48
N HIS A 93 -23.81 35.22 34.58
CA HIS A 93 -25.26 35.10 34.40
C HIS A 93 -25.59 34.65 32.99
N CYS A 94 -24.79 35.07 32.00
CA CYS A 94 -24.94 34.54 30.64
C CYS A 94 -24.69 33.05 30.59
N PHE A 95 -23.60 32.60 31.21
CA PHE A 95 -23.23 31.19 31.22
C PHE A 95 -24.31 30.36 31.91
N ARG A 96 -24.73 30.78 33.10
CA ARG A 96 -25.76 30.05 33.84
C ARG A 96 -27.09 30.03 33.09
N ASN A 97 -27.51 31.19 32.55
CA ASN A 97 -28.82 31.27 31.94
C ASN A 97 -28.89 30.44 30.66
N ASN A 98 -27.85 30.52 29.82
CA ASN A 98 -27.82 29.69 28.63
C ASN A 98 -27.77 28.21 28.99
N ALA A 99 -26.99 27.85 30.01
CA ALA A 99 -26.96 26.45 30.44
C ALA A 99 -28.34 25.98 30.87
N ALA A 100 -29.04 26.79 31.68
CA ALA A 100 -30.36 26.40 32.15
C ALA A 100 -31.34 26.28 30.99
N TYR A 101 -31.28 27.24 30.06
CA TYR A 101 -32.19 27.23 28.92
C TYR A 101 -31.97 25.99 28.06
N PHE A 102 -30.73 25.71 27.67
CA PHE A 102 -30.51 24.60 26.77
C PHE A 102 -30.52 23.25 27.48
N ARG A 103 -30.36 23.23 28.81
CA ARG A 103 -30.55 21.97 29.53
C ARG A 103 -31.93 21.38 29.22
N GLU A 104 -32.95 22.23 29.12
CA GLU A 104 -34.31 21.76 28.95
C GLU A 104 -34.67 21.53 27.48
N GLN A 105 -33.81 21.93 26.55
CA GLN A 105 -34.06 21.80 25.13
C GLN A 105 -33.24 20.72 24.44
N MET A 106 -32.04 20.43 24.95
CA MET A 106 -31.09 19.60 24.23
C MET A 106 -30.91 18.25 24.89
N ASN A 107 -30.40 17.32 24.09
CA ASN A 107 -30.08 15.99 24.58
C ASN A 107 -29.16 16.05 25.80
N GLU A 108 -29.45 15.19 26.79
CA GLU A 108 -28.74 15.28 28.06
C GLU A 108 -27.25 14.94 27.92
N GLY A 109 -26.92 13.98 27.05
CA GLY A 109 -25.52 13.65 26.84
C GLY A 109 -24.74 14.80 26.20
N GLU A 110 -25.34 15.42 25.17
CA GLU A 110 -24.74 16.61 24.59
C GLU A 110 -24.60 17.72 25.62
N PHE A 111 -25.63 17.93 26.43
CA PHE A 111 -25.62 19.02 27.40
C PHE A 111 -24.51 18.83 28.43
N VAL A 112 -24.44 17.63 29.01
CA VAL A 112 -23.40 17.39 30.02
C VAL A 112 -22.03 17.62 29.42
N TYR A 113 -21.80 17.10 28.21
CA TYR A 113 -20.50 17.28 27.59
C TYR A 113 -20.19 18.75 27.42
N ALA A 114 -21.13 19.51 26.82
CA ALA A 114 -20.90 20.93 26.56
C ALA A 114 -20.68 21.71 27.85
N LEU A 115 -21.42 21.36 28.91
CA LEU A 115 -21.29 22.10 30.16
C LEU A 115 -19.92 21.86 30.79
N TYR A 116 -19.43 20.61 30.71
CA TYR A 116 -18.13 20.29 31.30
C TYR A 116 -17.01 21.01 30.54
N VAL A 117 -16.99 20.89 29.21
CA VAL A 117 -15.91 21.55 28.49
C VAL A 117 -16.08 23.07 28.55
N GLY A 118 -17.32 23.55 28.69
CA GLY A 118 -17.52 24.99 28.86
C GLY A 118 -16.92 25.51 30.15
N VAL A 119 -17.15 24.78 31.25
CA VAL A 119 -16.55 25.15 32.53
C VAL A 119 -15.03 25.08 32.45
N ILE A 120 -14.51 24.03 31.83
CA ILE A 120 -13.06 23.83 31.80
C ILE A 120 -12.37 24.92 30.98
N HIS A 121 -12.97 25.32 29.86
CA HIS A 121 -12.28 26.20 28.91
C HIS A 121 -12.73 27.64 28.98
N SER A 122 -13.60 28.01 29.92
CA SER A 122 -13.94 29.40 30.12
C SER A 122 -13.30 29.89 31.41
N LYS A 123 -12.78 31.12 31.40
CA LYS A 123 -12.29 31.71 32.64
CA LYS A 123 -12.29 31.69 32.65
C LYS A 123 -13.40 31.81 33.69
N LEU A 124 -14.66 31.87 33.25
CA LEU A 124 -15.76 31.91 34.21
C LEU A 124 -15.83 30.63 35.03
N GLY A 125 -15.30 29.53 34.49
CA GLY A 125 -15.30 28.28 35.21
C GLY A 125 -14.20 28.14 36.25
N ASP A 126 -13.29 29.11 36.33
CA ASP A 126 -12.19 29.01 37.28
CA ASP A 126 -12.20 29.01 37.29
C ASP A 126 -12.73 28.86 38.70
N GLY A 127 -12.17 27.91 39.45
CA GLY A 127 -12.58 27.67 40.80
C GLY A 127 -13.72 26.68 40.97
N ILE A 128 -14.42 26.33 39.89
CA ILE A 128 -15.49 25.33 39.96
C ILE A 128 -14.88 23.95 39.94
N VAL A 129 -15.44 23.03 40.72
CA VAL A 129 -15.05 21.62 40.70
C VAL A 129 -16.21 20.84 40.09
N LEU A 130 -15.97 20.23 38.95
CA LEU A 130 -17.05 19.47 38.29
C LEU A 130 -17.31 18.18 39.05
N PRO A 131 -18.57 17.84 39.32
CA PRO A 131 -18.87 16.55 39.96
C PRO A 131 -18.33 15.40 39.14
N PRO A 132 -18.02 14.27 39.78
CA PRO A 132 -17.53 13.13 39.00
C PRO A 132 -18.62 12.61 38.07
N LEU A 133 -18.25 12.38 36.81
CA LEU A 133 -19.25 11.92 35.85
C LEU A 133 -19.86 10.57 36.25
N TYR A 134 -19.17 9.78 37.07
CA TYR A 134 -19.77 8.53 37.47
C TYR A 134 -20.95 8.73 38.42
N GLU A 135 -21.13 9.92 38.97
CA GLU A 135 -22.35 10.21 39.70
C GLU A 135 -23.34 11.06 38.92
N ILE A 136 -22.89 11.74 37.86
CA ILE A 136 -23.82 12.51 37.04
C ILE A 136 -24.52 11.60 36.03
N THR A 137 -23.76 10.70 35.39
CA THR A 137 -24.31 9.71 34.45
C THR A 137 -23.80 8.33 34.85
N PRO A 138 -24.31 7.77 35.95
CA PRO A 138 -23.73 6.51 36.46
C PRO A 138 -23.81 5.34 35.50
N HIS A 139 -24.76 5.32 34.57
CA HIS A 139 -24.85 4.20 33.62
C HIS A 139 -23.54 3.99 32.86
N MET A 140 -22.82 5.07 32.57
CA MET A 140 -21.58 4.98 31.81
C MET A 140 -20.41 4.46 32.64
N PHE A 141 -20.63 4.11 33.91
CA PHE A 141 -19.56 3.66 34.78
C PHE A 141 -19.95 2.47 35.64
N THR A 142 -21.14 1.91 35.46
CA THR A 142 -21.72 0.96 36.42
C THR A 142 -22.34 -0.18 35.63
N ASN A 143 -22.01 -1.41 36.00
CA ASN A 143 -22.53 -2.49 35.17
C ASN A 143 -24.05 -2.61 35.34
N SER A 144 -24.69 -3.27 34.38
CA SER A 144 -26.15 -3.28 34.31
C SER A 144 -26.78 -3.94 35.52
N GLU A 145 -26.11 -4.95 36.09
CA GLU A 145 -26.63 -5.64 37.26
C GLU A 145 -26.88 -4.68 38.40
N VAL A 146 -25.89 -3.84 38.70
CA VAL A 146 -26.00 -2.91 39.83
C VAL A 146 -27.04 -1.83 39.54
N ILE A 147 -27.09 -1.33 38.29
CA ILE A 147 -28.11 -0.36 37.93
C ILE A 147 -29.50 -0.95 38.16
N ASP A 148 -29.68 -2.22 37.80
CA ASP A 148 -30.96 -2.88 38.02
C ASP A 148 -31.32 -2.91 39.50
N LYS A 149 -30.34 -3.16 40.37
CA LYS A 149 -30.60 -3.12 41.80
C LYS A 149 -30.95 -1.70 42.24
N ALA A 150 -30.29 -0.71 41.64
CA ALA A 150 -30.69 0.68 41.85
C ALA A 150 -32.10 0.92 41.35
N TYR A 151 -32.40 0.48 40.12
CA TYR A 151 -33.77 0.57 39.61
C TYR A 151 -34.74 -0.15 40.54
N SER A 152 -34.34 -1.31 41.06
CA SER A 152 -35.21 -2.03 41.99
C SER A 152 -35.36 -1.27 43.29
N ALA A 153 -34.25 -0.72 43.80
CA ALA A 153 -34.32 0.07 45.03
C ALA A 153 -35.25 1.27 44.85
N LYS A 154 -35.24 1.88 43.66
CA LYS A 154 -36.13 3.00 43.43
C LYS A 154 -37.57 2.54 43.23
N MET A 155 -37.77 1.46 42.46
CA MET A 155 -39.12 0.93 42.26
C MET A 155 -39.78 0.57 43.59
N THR A 156 -39.00 0.05 44.52
CA THR A 156 -39.49 -0.37 45.83
C THR A 156 -39.36 0.72 46.88
N GLN A 157 -38.74 1.85 46.54
CA GLN A 157 -38.54 2.97 47.48
C GLN A 157 -37.80 2.53 48.74
N LYS A 158 -36.69 1.83 48.56
CA LYS A 158 -35.85 1.38 49.66
CA LYS A 158 -35.84 1.41 49.67
C LYS A 158 -34.40 1.74 49.36
N ALA A 159 -33.71 2.31 50.35
CA ALA A 159 -32.30 2.64 50.22
C ALA A 159 -31.44 1.38 50.16
N GLY A 160 -30.25 1.52 49.61
CA GLY A 160 -29.32 0.41 49.60
C GLY A 160 -27.97 0.80 49.02
N THR A 161 -26.97 -0.02 49.36
CA THR A 161 -25.63 0.06 48.79
C THR A 161 -25.31 -1.30 48.18
N PHE A 162 -24.92 -1.30 46.91
CA PHE A 162 -24.81 -2.53 46.14
C PHE A 162 -23.39 -2.72 45.64
N ASN A 163 -22.88 -3.94 45.78
CA ASN A 163 -21.49 -4.23 45.42
C ASN A 163 -21.36 -4.44 43.92
N VAL A 164 -20.36 -3.80 43.35
CA VAL A 164 -20.02 -3.94 41.94
C VAL A 164 -18.87 -4.93 41.84
N SER A 165 -19.05 -5.98 41.06
CA SER A 165 -17.96 -6.89 40.73
CA SER A 165 -17.96 -6.89 40.73
C SER A 165 -17.47 -6.63 39.32
N PHE A 166 -16.24 -7.06 39.05
CA PHE A 166 -15.67 -6.84 37.73
C PHE A 166 -16.37 -7.71 36.70
N THR A 167 -16.26 -7.30 35.44
CA THR A 167 -16.90 -8.04 34.37
C THR A 167 -16.19 -9.37 34.14
N GLY A 168 -16.89 -10.29 33.47
CA GLY A 168 -16.35 -11.59 33.14
C GLY A 168 -16.41 -12.60 34.27
N THR A 169 -15.69 -13.70 34.05
CA THR A 169 -15.58 -14.83 34.98
CA THR A 169 -15.58 -14.80 35.01
C THR A 169 -14.10 -15.10 35.27
N LYS A 170 -13.86 -15.95 36.26
CA LYS A 170 -12.47 -16.29 36.58
C LYS A 170 -11.82 -17.10 35.48
N LYS A 171 -12.61 -17.76 34.62
CA LYS A 171 -12.05 -18.44 33.46
CA LYS A 171 -12.06 -18.44 33.45
C LYS A 171 -11.48 -17.46 32.46
N ASN A 172 -11.85 -16.19 32.54
CA ASN A 172 -11.34 -15.16 31.65
C ASN A 172 -10.10 -14.54 32.28
N LYS A 173 -8.92 -14.88 31.75
CA LYS A 173 -7.68 -14.38 32.35
C LYS A 173 -7.61 -12.86 32.29
N GLU A 174 -8.26 -12.24 31.32
CA GLU A 174 -8.25 -10.77 31.24
CA GLU A 174 -8.22 -10.78 31.25
C GLU A 174 -8.92 -10.14 32.44
N GLN A 175 -9.85 -10.86 33.10
CA GLN A 175 -10.47 -10.31 34.29
C GLN A 175 -9.44 -10.04 35.39
N ARG A 176 -8.28 -10.70 35.34
CA ARG A 176 -7.24 -10.46 36.34
C ARG A 176 -6.84 -8.99 36.41
N VAL A 177 -6.98 -8.25 35.31
CA VAL A 177 -6.55 -6.85 35.29
C VAL A 177 -7.72 -5.90 35.05
N ALA A 178 -8.95 -6.36 35.33
CA ALA A 178 -10.11 -5.51 35.14
C ALA A 178 -10.09 -4.30 36.06
N TYR A 179 -9.41 -4.40 37.21
CA TYR A 179 -9.33 -3.27 38.14
C TYR A 179 -8.58 -2.09 37.55
N PHE A 180 -7.91 -2.25 36.41
CA PHE A 180 -7.23 -1.11 35.80
C PHE A 180 -8.21 -0.30 34.94
N GLY A 181 -8.67 -0.88 33.83
CA GLY A 181 -9.50 -0.15 32.89
C GLY A 181 -10.91 0.11 33.38
N GLU A 182 -11.37 -0.64 34.38
CA GLU A 182 -12.70 -0.45 34.95
C GLU A 182 -12.69 0.47 36.17
N ASP A 183 -11.52 0.92 36.63
CA ASP A 183 -11.50 1.82 37.76
C ASP A 183 -12.20 3.14 37.41
N ILE A 184 -13.14 3.56 38.25
CA ILE A 184 -13.95 4.73 37.88
C ILE A 184 -13.08 5.97 37.79
N GLY A 185 -12.05 6.05 38.65
CA GLY A 185 -11.15 7.20 38.59
C GLY A 185 -10.27 7.17 37.36
N MET A 186 -9.79 5.98 36.97
CA MET A 186 -9.03 5.89 35.72
C MET A 186 -9.90 6.33 34.54
N ASN A 187 -11.19 5.99 34.57
CA ASN A 187 -12.11 6.46 33.53
C ASN A 187 -12.25 7.97 33.56
N ILE A 188 -12.34 8.57 34.75
CA ILE A 188 -12.45 10.03 34.84
C ILE A 188 -11.15 10.68 34.36
N HIS A 189 -10.00 10.13 34.73
CA HIS A 189 -8.73 10.63 34.21
C HIS A 189 -8.78 10.71 32.68
N HIS A 190 -9.23 9.62 32.06
CA HIS A 190 -9.22 9.56 30.61
C HIS A 190 -10.20 10.55 29.99
N VAL A 191 -11.46 10.57 30.44
CA VAL A 191 -12.41 11.54 29.86
CA VAL A 191 -12.41 11.53 29.86
C VAL A 191 -11.92 12.95 30.11
N THR A 192 -11.37 13.23 31.29
CA THR A 192 -10.99 14.60 31.59
C THR A 192 -9.78 15.03 30.78
N TRP A 193 -8.82 14.13 30.55
CA TRP A 193 -7.71 14.50 29.66
C TRP A 193 -8.26 14.95 28.32
N HIS A 194 -9.19 14.18 27.75
CA HIS A 194 -9.72 14.58 26.44
C HIS A 194 -10.59 15.83 26.52
N MET A 195 -11.24 16.09 27.67
CA MET A 195 -11.95 17.35 27.82
C MET A 195 -10.98 18.52 27.91
N ASP A 196 -9.82 18.31 28.54
CA ASP A 196 -8.80 19.35 28.63
C ASP A 196 -8.11 19.58 27.30
N PHE A 197 -7.95 18.51 26.52
CA PHE A 197 -7.18 18.54 25.27
C PHE A 197 -7.99 17.95 24.13
N PRO A 198 -9.10 18.58 23.75
CA PRO A 198 -10.02 17.93 22.81
C PRO A 198 -9.51 17.98 21.37
N PHE A 199 -9.76 16.89 20.64
CA PHE A 199 -9.34 16.82 19.25
C PHE A 199 -10.06 17.85 18.40
N TRP A 200 -11.25 18.30 18.83
CA TRP A 200 -11.99 19.30 18.07
C TRP A 200 -11.54 20.73 18.35
N TRP A 201 -10.53 20.92 19.22
CA TRP A 201 -10.17 22.28 19.61
C TRP A 201 -9.66 23.06 18.41
N GLN A 202 -10.14 24.29 18.29
CA GLN A 202 -9.61 25.27 17.35
C GLN A 202 -9.28 26.53 18.14
N ASP A 203 -8.17 27.18 17.78
CA ASP A 203 -7.72 28.30 18.58
C ASP A 203 -8.63 29.51 18.46
N SER A 204 -9.54 29.51 17.49
CA SER A 204 -10.58 30.54 17.46
C SER A 204 -11.47 30.47 18.69
N TYR A 205 -11.45 29.37 19.44
CA TYR A 205 -12.19 29.36 20.70
C TYR A 205 -11.55 30.23 21.77
N GLY A 206 -10.30 30.67 21.59
CA GLY A 206 -9.80 31.71 22.47
C GLY A 206 -8.35 31.63 22.88
N ASN A 207 -7.75 30.43 22.78
CA ASN A 207 -6.39 30.22 23.23
C ASN A 207 -5.87 28.95 22.59
N HIS A 208 -4.56 28.75 22.69
CA HIS A 208 -3.87 27.58 22.15
C HIS A 208 -3.61 26.56 23.25
N LEU A 209 -3.72 25.27 22.90
CA LEU A 209 -3.44 24.20 23.87
C LEU A 209 -2.02 23.71 23.59
N ASP A 210 -1.08 24.16 24.44
CA ASP A 210 0.35 23.98 24.21
C ASP A 210 0.75 22.51 24.18
N ARG A 211 1.45 22.13 23.11
CA ARG A 211 2.06 20.81 22.93
C ARG A 211 1.03 19.69 22.92
N LYS A 212 -0.21 20.02 22.58
CA LYS A 212 -1.31 19.07 22.70
C LYS A 212 -1.02 17.75 21.99
N GLY A 213 -0.49 17.81 20.77
CA GLY A 213 -0.26 16.58 20.02
C GLY A 213 0.78 15.69 20.65
N GLU A 214 1.77 16.27 21.32
CA GLU A 214 2.77 15.45 22.00
C GLU A 214 2.22 14.90 23.31
N LEU A 215 1.42 15.70 24.02
CA LEU A 215 0.76 15.20 25.22
C LEU A 215 -0.22 14.08 24.88
N PHE A 216 -0.85 14.15 23.70
CA PHE A 216 -1.71 13.06 23.25
C PHE A 216 -0.92 11.76 23.13
N PHE A 217 0.27 11.82 22.51
CA PHE A 217 1.14 10.65 22.47
C PHE A 217 1.45 10.18 23.89
N TRP A 218 1.87 11.11 24.75
CA TRP A 218 2.44 10.74 26.04
C TRP A 218 1.41 10.13 26.97
N VAL A 219 0.22 10.73 27.07
CA VAL A 219 -0.77 10.24 28.04
C VAL A 219 -1.20 8.83 27.67
N HIS A 220 -1.30 8.54 26.37
CA HIS A 220 -1.71 7.21 25.94
C HIS A 220 -0.55 6.23 26.02
N HIS A 221 0.67 6.69 25.76
CA HIS A 221 1.82 5.83 26.03
C HIS A 221 1.83 5.39 27.48
N GLN A 222 1.52 6.31 28.39
CA GLN A 222 1.55 5.98 29.81
C GLN A 222 0.40 5.06 30.20
N LEU A 223 -0.79 5.26 29.60
CA LEU A 223 -1.87 4.30 29.84
C LEU A 223 -1.47 2.90 29.39
N THR A 224 -0.87 2.79 28.21
CA THR A 224 -0.45 1.50 27.67
C THR A 224 0.62 0.87 28.56
N ALA A 225 1.63 1.66 28.94
CA ALA A 225 2.70 1.09 29.76
C ALA A 225 2.18 0.72 31.14
N ARG A 226 1.27 1.52 31.69
CA ARG A 226 0.72 1.17 33.00
C ARG A 226 -0.11 -0.10 32.92
N PHE A 227 -0.93 -0.25 31.88
CA PHE A 227 -1.71 -1.49 31.75
C PHE A 227 -0.78 -2.71 31.69
N ASP A 228 0.28 -2.62 30.88
CA ASP A 228 1.21 -3.74 30.77
C ASP A 228 1.87 -4.07 32.12
N PHE A 229 2.10 -3.06 32.96
CA PHE A 229 2.64 -3.35 34.29
C PHE A 229 1.65 -4.15 35.14
N GLU A 230 0.35 -3.91 34.97
CA GLU A 230 -0.64 -4.72 35.67
C GLU A 230 -0.67 -6.15 35.12
N ARG A 231 -0.51 -6.30 33.81
CA ARG A 231 -0.46 -7.64 33.24
C ARG A 231 0.73 -8.41 33.81
N LEU A 232 1.90 -7.78 33.81
CA LEU A 232 3.10 -8.39 34.39
C LEU A 232 2.86 -8.78 35.84
N SER A 233 2.15 -7.95 36.60
CA SER A 233 1.83 -8.25 38.00
C SER A 233 0.92 -9.45 38.16
N ASN A 234 0.22 -9.85 37.10
CA ASN A 234 -0.78 -10.91 37.19
C ASN A 234 -0.45 -12.08 36.28
N TRP A 235 0.84 -12.32 36.06
CA TRP A 235 1.32 -13.51 35.36
C TRP A 235 0.82 -13.56 33.93
N LEU A 236 0.56 -12.39 33.34
CA LEU A 236 0.14 -12.26 31.95
C LEU A 236 1.26 -11.64 31.11
N ASP A 237 1.29 -12.00 29.83
CA ASP A 237 2.22 -11.40 28.88
C ASP A 237 1.75 -9.99 28.51
N PRO A 238 2.62 -9.18 27.91
CA PRO A 238 2.19 -7.84 27.45
C PRO A 238 1.08 -7.95 26.43
N VAL A 239 0.31 -6.88 26.27
CA VAL A 239 -0.70 -6.89 25.21
C VAL A 239 0.00 -6.95 23.86
N ASP A 240 -0.64 -7.64 22.91
CA ASP A 240 -0.22 -7.57 21.52
C ASP A 240 -0.69 -6.23 20.94
N GLU A 241 -0.12 -5.86 19.81
CA GLU A 241 -0.66 -4.71 19.12
C GLU A 241 -1.75 -5.17 18.17
N LEU A 242 -2.73 -4.30 17.96
CA LEU A 242 -3.72 -4.51 16.92
C LEU A 242 -3.07 -4.41 15.54
N HIS A 243 -3.63 -5.16 14.59
CA HIS A 243 -3.34 -4.90 13.19
CA HIS A 243 -3.30 -5.05 13.16
C HIS A 243 -4.61 -5.10 12.37
N TRP A 244 -4.75 -4.25 11.34
CA TRP A 244 -6.01 -4.25 10.62
C TRP A 244 -6.25 -5.55 9.86
N ASP A 245 -5.19 -6.29 9.53
CA ASP A 245 -5.33 -7.51 8.77
C ASP A 245 -5.20 -8.77 9.62
N ARG A 246 -5.26 -8.64 10.95
CA ARG A 246 -5.15 -9.79 11.83
C ARG A 246 -6.29 -9.79 12.84
N ILE A 247 -6.57 -10.96 13.41
CA ILE A 247 -7.70 -11.05 14.31
C ILE A 247 -7.44 -10.24 15.58
N ILE A 248 -8.51 -9.70 16.13
CA ILE A 248 -8.52 -9.14 17.48
CA ILE A 248 -8.50 -9.15 17.49
C ILE A 248 -8.79 -10.32 18.43
N ARG A 249 -7.75 -10.78 19.13
CA ARG A 249 -7.88 -12.02 19.87
CA ARG A 249 -7.86 -12.01 19.88
C ARG A 249 -8.90 -11.89 20.99
N GLU A 250 -8.80 -10.84 21.81
CA GLU A 250 -9.57 -10.76 23.04
CA GLU A 250 -9.56 -10.76 23.06
C GLU A 250 -10.86 -9.99 22.82
N GLY A 251 -11.98 -10.71 22.89
CA GLY A 251 -13.29 -10.08 22.86
C GLY A 251 -13.63 -9.47 24.21
N PHE A 252 -14.90 -9.08 24.36
CA PHE A 252 -15.30 -8.32 25.53
CA PHE A 252 -15.29 -8.32 25.52
C PHE A 252 -16.81 -8.19 25.64
N ALA A 253 -17.35 -8.47 26.82
CA ALA A 253 -18.77 -8.22 27.12
C ALA A 253 -18.84 -7.19 28.24
N PRO A 254 -19.26 -5.95 27.97
CA PRO A 254 -19.21 -4.92 29.02
C PRO A 254 -20.20 -5.16 30.15
N LEU A 255 -21.31 -5.84 29.89
CA LEU A 255 -22.37 -6.05 30.89
C LEU A 255 -22.87 -4.73 31.45
N THR A 256 -22.79 -3.69 30.62
CA THR A 256 -23.17 -2.32 30.94
CA THR A 256 -23.22 -2.34 30.96
C THR A 256 -24.27 -1.88 29.96
N SER A 257 -25.06 -0.89 30.36
CA SER A 257 -26.12 -0.38 29.50
CA SER A 257 -26.10 -0.38 29.48
C SER A 257 -26.12 1.14 29.50
N TYR A 258 -26.63 1.70 28.41
CA TYR A 258 -26.98 3.11 28.39
C TYR A 258 -28.23 3.33 29.23
N LYS A 259 -28.41 4.56 29.72
CA LYS A 259 -29.70 4.91 30.31
C LYS A 259 -30.79 4.86 29.24
N TYR A 260 -30.51 5.42 28.07
CA TYR A 260 -31.36 5.29 26.89
C TYR A 260 -30.51 4.80 25.74
N GLY A 261 -30.93 3.71 25.10
CA GLY A 261 -30.22 3.21 23.96
C GLY A 261 -29.96 1.71 24.02
N GLY A 262 -30.13 1.11 25.19
CA GLY A 262 -29.98 -0.31 25.35
C GLY A 262 -28.63 -0.71 25.92
N GLU A 263 -28.39 -2.02 25.91
CA GLU A 263 -27.15 -2.59 26.42
C GLU A 263 -25.99 -2.26 25.48
N PHE A 264 -24.82 -2.01 26.06
CA PHE A 264 -23.62 -1.86 25.24
C PHE A 264 -23.34 -3.17 24.50
N PRO A 265 -22.91 -3.12 23.24
CA PRO A 265 -22.71 -4.35 22.47
C PRO A 265 -21.47 -5.12 22.91
N VAL A 266 -21.49 -6.42 22.62
CA VAL A 266 -20.37 -7.30 22.95
CA VAL A 266 -20.41 -7.36 22.94
C VAL A 266 -19.57 -7.58 21.68
N ARG A 267 -18.29 -7.92 21.87
CA ARG A 267 -17.44 -8.35 20.77
C ARG A 267 -16.95 -9.76 21.07
N PRO A 268 -17.16 -10.72 20.17
CA PRO A 268 -16.65 -12.08 20.42
CA PRO A 268 -16.65 -12.07 20.43
C PRO A 268 -15.14 -12.14 20.30
N ASP A 269 -14.57 -13.19 20.88
CA ASP A 269 -13.15 -13.46 20.73
C ASP A 269 -12.80 -13.70 19.27
N ASN A 270 -11.55 -13.40 18.90
CA ASN A 270 -10.94 -13.87 17.67
C ASN A 270 -11.73 -13.47 16.42
N ILE A 271 -12.01 -12.17 16.29
CA ILE A 271 -12.69 -11.72 15.09
C ILE A 271 -11.73 -10.92 14.23
N HIS A 272 -11.95 -11.02 12.91
CA HIS A 272 -11.35 -10.12 11.95
C HIS A 272 -12.16 -8.84 11.88
N PHE A 273 -11.46 -7.74 11.66
CA PHE A 273 -12.15 -6.48 11.42
C PHE A 273 -13.02 -6.57 10.17
N GLU A 274 -14.21 -6.01 10.26
CA GLU A 274 -15.09 -5.82 9.13
CA GLU A 274 -15.09 -5.82 9.13
C GLU A 274 -15.25 -4.33 8.85
N ASP A 275 -15.48 -4.01 7.57
CA ASP A 275 -15.82 -2.65 7.21
C ASP A 275 -17.03 -2.19 8.02
N VAL A 276 -17.05 -0.92 8.40
CA VAL A 276 -18.15 -0.35 9.17
C VAL A 276 -18.86 0.68 8.29
N ASP A 277 -20.10 0.38 7.89
CA ASP A 277 -20.87 1.28 7.05
C ASP A 277 -20.96 2.66 7.69
N GLY A 278 -20.69 3.70 6.89
CA GLY A 278 -20.76 5.05 7.36
C GLY A 278 -19.54 5.53 8.12
N VAL A 279 -18.54 4.67 8.32
CA VAL A 279 -17.35 5.02 9.08
C VAL A 279 -16.11 4.88 8.21
N ALA A 280 -15.71 3.65 7.92
CA ALA A 280 -14.54 3.42 7.08
C ALA A 280 -14.49 1.96 6.67
N HIS A 281 -13.80 1.69 5.58
CA HIS A 281 -13.39 0.34 5.24
C HIS A 281 -12.12 0.00 6.00
N VAL A 282 -11.96 -1.28 6.34
CA VAL A 282 -10.71 -1.71 6.97
C VAL A 282 -9.52 -1.27 6.14
N HIS A 283 -9.62 -1.39 4.82
CA HIS A 283 -8.54 -1.00 3.92
C HIS A 283 -8.20 0.48 4.06
N ASP A 284 -9.19 1.32 4.35
CA ASP A 284 -8.93 2.75 4.55
C ASP A 284 -8.01 2.96 5.74
N MET A 285 -8.20 2.16 6.79
CA MET A 285 -7.33 2.27 7.97
C MET A 285 -5.90 1.90 7.62
N GLU A 286 -5.72 0.85 6.81
CA GLU A 286 -4.38 0.47 6.40
C GLU A 286 -3.71 1.57 5.58
N ILE A 287 -4.44 2.17 4.64
CA ILE A 287 -3.88 3.26 3.83
C ILE A 287 -3.49 4.44 4.71
N THR A 288 -4.36 4.82 5.66
CA THR A 288 -4.07 5.92 6.56
C THR A 288 -2.81 5.63 7.37
N GLU A 289 -2.74 4.42 7.94
CA GLU A 289 -1.54 3.99 8.63
C GLU A 289 -0.30 4.13 7.73
N ASN A 290 -0.39 3.65 6.49
CA ASN A 290 0.75 3.71 5.59
C ASN A 290 1.20 5.15 5.37
N ARG A 291 0.23 6.06 5.21
CA ARG A 291 0.57 7.45 4.92
C ARG A 291 1.27 8.09 6.11
N ILE A 292 0.85 7.75 7.32
CA ILE A 292 1.52 8.28 8.51
C ILE A 292 2.96 7.77 8.58
N TYR A 293 3.15 6.46 8.35
CA TYR A 293 4.51 5.92 8.34
C TYR A 293 5.34 6.49 7.22
N GLU A 294 4.73 6.83 6.08
CA GLU A 294 5.47 7.50 5.01
C GLU A 294 6.04 8.81 5.50
N ALA A 295 5.24 9.59 6.24
CA ALA A 295 5.76 10.84 6.78
C ALA A 295 6.90 10.58 7.75
N ILE A 296 6.73 9.59 8.63
CA ILE A 296 7.78 9.31 9.61
C ILE A 296 9.07 8.90 8.92
N ASP A 297 8.97 8.02 7.91
CA ASP A 297 10.19 7.52 7.29
C ASP A 297 10.77 8.50 6.28
N HIS A 298 9.95 9.41 5.73
CA HIS A 298 10.47 10.51 4.92
C HIS A 298 11.19 11.54 5.78
N GLY A 299 10.80 11.67 7.04
CA GLY A 299 11.22 12.77 7.88
C GLY A 299 10.47 14.07 7.65
N TYR A 300 9.32 14.02 6.97
CA TYR A 300 8.54 15.22 6.80
C TYR A 300 7.09 14.85 6.54
N ILE A 301 6.20 15.75 6.95
CA ILE A 301 4.78 15.68 6.69
C ILE A 301 4.51 16.48 5.43
N THR A 302 3.61 15.99 4.59
CA THR A 302 3.30 16.68 3.34
C THR A 302 2.07 17.55 3.56
N ALA A 303 2.23 18.83 3.26
CA ALA A 303 1.16 19.81 3.40
C ALA A 303 0.14 19.65 2.27
N THR A 304 -0.97 20.36 2.41
CA THR A 304 -2.03 20.27 1.40
C THR A 304 -1.54 20.67 0.01
N ASP A 305 -0.61 21.63 -0.10
CA ASP A 305 -0.11 22.03 -1.40
C ASP A 305 1.13 21.24 -1.83
N GLY A 306 1.51 20.22 -1.07
CA GLY A 306 2.62 19.37 -1.43
C GLY A 306 3.94 19.75 -0.82
N HIS A 307 4.06 20.93 -0.22
CA HIS A 307 5.35 21.29 0.37
C HIS A 307 5.59 20.47 1.64
N THR A 308 6.87 20.35 2.00
CA THR A 308 7.27 19.48 3.09
C THR A 308 7.33 20.27 4.41
N ILE A 309 6.95 19.61 5.50
CA ILE A 309 7.07 20.14 6.85
C ILE A 309 8.01 19.21 7.61
N ASP A 310 9.20 19.70 7.92
CA ASP A 310 10.23 18.89 8.56
C ASP A 310 9.77 18.41 9.93
N ILE A 311 9.88 17.11 10.19
CA ILE A 311 9.60 16.58 11.53
C ILE A 311 10.85 16.03 12.19
N ARG A 312 12.03 16.20 11.58
CA ARG A 312 13.29 15.79 12.20
C ARG A 312 13.77 16.86 13.18
N GLN A 313 12.96 17.10 14.19
CA GLN A 313 13.13 18.23 15.09
C GLN A 313 12.19 18.03 16.28
N PRO A 314 12.38 18.78 17.38
CA PRO A 314 11.64 18.45 18.61
C PRO A 314 10.13 18.54 18.47
N LYS A 315 9.61 19.40 17.61
CA LYS A 315 8.16 19.48 17.46
C LYS A 315 7.60 18.43 16.53
N GLY A 316 8.45 17.61 15.89
CA GLY A 316 7.95 16.59 14.99
C GLY A 316 6.97 15.64 15.65
N ILE A 317 7.27 15.21 16.88
CA ILE A 317 6.38 14.30 17.59
CA ILE A 317 6.38 14.30 17.58
C ILE A 317 5.03 14.97 17.83
N GLU A 318 5.03 16.27 18.10
CA GLU A 318 3.77 16.98 18.29
C GLU A 318 2.96 17.03 17.01
N LEU A 319 3.61 17.36 15.89
CA LEU A 319 2.92 17.36 14.61
C LEU A 319 2.38 15.98 14.27
N LEU A 320 3.12 14.93 14.64
CA LEU A 320 2.61 13.59 14.42
C LEU A 320 1.36 13.33 15.25
N GLY A 321 1.36 13.75 16.52
CA GLY A 321 0.14 13.60 17.31
C GLY A 321 -1.02 14.35 16.69
N ASP A 322 -0.75 15.55 16.16
CA ASP A 322 -1.77 16.32 15.46
C ASP A 322 -2.40 15.54 14.30
N ILE A 323 -1.57 14.88 13.48
CA ILE A 323 -2.13 14.21 12.31
C ILE A 323 -2.62 12.80 12.63
N ILE A 324 -2.18 12.19 13.73
CA ILE A 324 -2.58 10.81 14.02
C ILE A 324 -3.90 10.74 14.77
N GLU A 325 -4.15 11.68 15.68
CA GLU A 325 -5.31 11.56 16.57
C GLU A 325 -6.62 11.40 15.77
N SER A 326 -6.88 12.22 14.75
CA SER A 326 -6.24 13.49 14.43
C SER A 326 -7.01 14.61 15.11
N SER A 327 -6.37 15.77 15.24
CA SER A 327 -7.01 16.93 15.79
C SER A 327 -7.14 18.00 14.71
N MET A 328 -7.85 19.07 15.06
CA MET A 328 -7.97 20.21 14.16
C MET A 328 -6.63 20.93 13.95
N TYR A 329 -5.59 20.58 14.72
CA TYR A 329 -4.26 21.11 14.43
C TYR A 329 -3.60 20.39 13.27
N SER A 330 -4.18 19.30 12.76
CA SER A 330 -3.56 18.56 11.68
C SER A 330 -3.33 19.48 10.47
N PRO A 331 -2.12 19.51 9.91
CA PRO A 331 -1.88 20.31 8.70
C PRO A 331 -2.56 19.77 7.46
N ASN A 332 -3.04 18.54 7.47
CA ASN A 332 -3.54 17.98 6.22
C ASN A 332 -4.48 16.82 6.51
N ALA A 333 -5.67 17.12 7.04
CA ALA A 333 -6.61 16.05 7.36
C ALA A 333 -7.16 15.38 6.09
N GLN A 334 -7.19 16.10 4.97
CA GLN A 334 -7.68 15.48 3.74
C GLN A 334 -6.81 14.28 3.36
N TYR A 335 -5.50 14.37 3.62
CA TYR A 335 -4.60 13.29 3.26
C TYR A 335 -4.40 12.30 4.39
N TYR A 336 -4.16 12.79 5.62
CA TYR A 336 -3.82 11.89 6.71
C TYR A 336 -5.04 11.39 7.47
N GLY A 337 -6.22 11.98 7.26
CA GLY A 337 -7.42 11.43 7.85
C GLY A 337 -7.43 11.56 9.36
N SER A 338 -7.93 10.50 10.03
CA SER A 338 -8.06 10.53 11.49
C SER A 338 -7.93 9.08 11.97
N LEU A 339 -6.69 8.58 11.98
CA LEU A 339 -6.46 7.16 12.24
C LEU A 339 -7.01 6.75 13.60
N HIS A 340 -6.64 7.47 14.66
CA HIS A 340 -6.95 7.00 16.02
C HIS A 340 -8.44 7.13 16.32
N ASN A 341 -9.05 8.28 16.00
CA ASN A 341 -10.47 8.45 16.31
C ASN A 341 -11.34 7.53 15.46
N THR A 342 -10.99 7.37 14.19
CA THR A 342 -11.75 6.45 13.37
C THR A 342 -11.59 5.02 13.88
N ALA A 343 -10.39 4.68 14.38
CA ALA A 343 -10.18 3.33 14.90
C ALA A 343 -11.04 3.06 16.12
N HIS A 344 -11.26 4.09 16.97
CA HIS A 344 -12.17 3.93 18.10
C HIS A 344 -13.54 3.49 17.62
N VAL A 345 -14.06 4.14 16.59
CA VAL A 345 -15.38 3.80 16.07
C VAL A 345 -15.35 2.45 15.36
N MET A 346 -14.30 2.19 14.57
CA MET A 346 -14.17 0.89 13.90
C MET A 346 -14.24 -0.26 14.90
N LEU A 347 -13.47 -0.15 15.99
CA LEU A 347 -13.51 -1.16 17.03
C LEU A 347 -14.86 -1.18 17.72
N GLY A 348 -15.35 0.01 18.11
CA GLY A 348 -16.58 0.09 18.86
C GLY A 348 -17.75 -0.54 18.14
N ARG A 349 -17.73 -0.53 16.81
CA ARG A 349 -18.87 -0.98 16.01
CA ARG A 349 -18.87 -0.98 16.01
C ARG A 349 -18.74 -2.41 15.52
N GLN A 350 -17.73 -3.16 15.97
CA GLN A 350 -17.53 -4.50 15.43
C GLN A 350 -18.62 -5.48 15.88
N GLY A 351 -19.44 -5.11 16.86
CA GLY A 351 -20.57 -5.96 17.17
C GLY A 351 -21.76 -5.79 16.27
N ASP A 352 -21.75 -4.78 15.40
CA ASP A 352 -22.86 -4.48 14.50
C ASP A 352 -22.32 -3.64 13.36
N PRO A 353 -21.35 -4.15 12.59
CA PRO A 353 -20.60 -3.25 11.69
C PRO A 353 -21.43 -2.72 10.54
N HIS A 354 -22.54 -3.37 10.20
CA HIS A 354 -23.38 -2.95 9.09
C HIS A 354 -24.71 -2.35 9.55
N GLY A 355 -24.86 -2.10 10.84
CA GLY A 355 -26.08 -1.47 11.33
C GLY A 355 -27.33 -2.30 11.18
N LYS A 356 -27.19 -3.61 11.07
CA LYS A 356 -28.35 -4.49 10.92
C LYS A 356 -29.11 -4.69 12.22
N PHE A 357 -28.47 -4.54 13.37
CA PHE A 357 -29.04 -5.02 14.62
C PHE A 357 -29.56 -3.92 15.53
N ASN A 358 -29.45 -2.65 15.16
CA ASN A 358 -29.99 -1.58 15.98
C ASN A 358 -29.24 -1.45 17.29
N LEU A 359 -27.93 -1.83 17.29
CA LEU A 359 -27.11 -1.76 18.50
C LEU A 359 -26.53 -0.36 18.67
N PRO A 360 -26.46 0.13 19.91
CA PRO A 360 -25.88 1.46 20.15
C PRO A 360 -24.37 1.40 20.06
N PRO A 361 -23.68 2.55 20.12
CA PRO A 361 -22.22 2.54 19.99
C PRO A 361 -21.55 1.70 21.08
N GLY A 362 -20.37 1.17 20.74
CA GLY A 362 -19.61 0.37 21.66
C GLY A 362 -18.94 1.21 22.73
N VAL A 363 -18.37 0.49 23.72
CA VAL A 363 -17.68 1.18 24.82
CA VAL A 363 -17.68 1.16 24.82
C VAL A 363 -16.49 1.96 24.31
N MET A 364 -15.90 1.55 23.18
CA MET A 364 -14.78 2.29 22.63
CA MET A 364 -14.78 2.27 22.60
C MET A 364 -15.18 3.65 22.07
N GLU A 365 -16.48 3.93 21.95
CA GLU A 365 -16.94 5.19 21.36
C GLU A 365 -17.29 6.24 22.41
N HIS A 366 -16.75 6.11 23.62
CA HIS A 366 -16.88 7.12 24.67
C HIS A 366 -15.59 7.11 25.46
N PHE A 367 -15.07 8.29 25.76
CA PHE A 367 -13.90 8.31 26.62
C PHE A 367 -14.21 7.83 28.04
N GLU A 368 -15.47 7.93 28.49
CA GLU A 368 -15.79 7.45 29.83
CA GLU A 368 -15.86 7.43 29.81
C GLU A 368 -15.62 5.94 29.95
N THR A 369 -15.80 5.23 28.86
CA THR A 369 -15.88 3.78 28.90
C THR A 369 -14.76 3.06 28.17
N ALA A 370 -13.98 3.75 27.33
CA ALA A 370 -13.13 3.04 26.37
C ALA A 370 -12.14 2.09 27.05
N THR A 371 -11.56 2.50 28.18
CA THR A 371 -10.55 1.63 28.80
C THR A 371 -11.15 0.39 29.42
N ARG A 372 -12.47 0.29 29.50
CA ARG A 372 -13.05 -0.95 30.01
C ARG A 372 -12.83 -2.10 29.03
N ASP A 373 -12.74 -1.80 27.74
CA ASP A 373 -12.57 -2.80 26.69
C ASP A 373 -11.11 -3.23 26.57
N PRO A 374 -10.80 -4.54 26.70
CA PRO A 374 -9.40 -4.97 26.51
C PRO A 374 -8.79 -4.51 25.20
N SER A 375 -9.58 -4.39 24.14
CA SER A 375 -9.03 -3.99 22.85
C SER A 375 -8.51 -2.56 22.88
N PHE A 376 -8.93 -1.75 23.86
CA PHE A 376 -8.36 -0.41 24.01
C PHE A 376 -6.84 -0.47 24.03
N PHE A 377 -6.30 -1.42 24.78
CA PHE A 377 -4.85 -1.40 24.99
C PHE A 377 -4.10 -2.02 23.82
N ARG A 378 -4.77 -2.92 23.08
CA ARG A 378 -4.17 -3.42 21.85
C ARG A 378 -4.14 -2.34 20.78
N LEU A 379 -5.22 -1.56 20.68
CA LEU A 379 -5.24 -0.43 19.76
C LEU A 379 -4.19 0.60 20.14
N HIS A 380 -4.07 0.90 21.43
CA HIS A 380 -3.16 1.98 21.79
C HIS A 380 -1.70 1.53 21.82
N LYS A 381 -1.43 0.24 22.00
CA LYS A 381 -0.06 -0.21 21.75
C LYS A 381 0.29 -0.08 20.26
N TYR A 382 -0.62 -0.49 19.40
CA TYR A 382 -0.44 -0.29 17.96
C TYR A 382 -0.12 1.16 17.64
N MET A 383 -0.91 2.09 18.17
CA MET A 383 -0.65 3.50 17.91
C MET A 383 0.68 3.92 18.52
N ASP A 384 0.96 3.45 19.73
CA ASP A 384 2.19 3.80 20.41
C ASP A 384 3.41 3.40 19.59
N ASN A 385 3.33 2.27 18.89
CA ASN A 385 4.46 1.83 18.08
C ASN A 385 4.66 2.71 16.85
N ILE A 386 3.59 3.35 16.35
CA ILE A 386 3.78 4.33 15.29
C ILE A 386 4.63 5.48 15.79
N PHE A 387 4.24 6.07 16.93
CA PHE A 387 5.04 7.13 17.53
C PHE A 387 6.46 6.65 17.78
N LYS A 388 6.61 5.40 18.25
CA LYS A 388 7.95 4.92 18.58
C LYS A 388 8.86 4.83 17.37
N LYS A 389 8.32 4.55 16.17
CA LYS A 389 9.20 4.56 15.01
C LYS A 389 9.81 5.94 14.82
N HIS A 390 9.04 7.00 15.07
CA HIS A 390 9.58 8.35 14.99
C HIS A 390 10.60 8.60 16.09
N THR A 391 10.24 8.32 17.34
CA THR A 391 11.17 8.65 18.42
C THR A 391 12.45 7.82 18.32
N ASP A 392 12.34 6.58 17.83
CA ASP A 392 13.54 5.75 17.64
C ASP A 392 14.43 6.23 16.49
N SER A 393 13.94 7.14 15.64
CA SER A 393 14.71 7.54 14.46
C SER A 393 15.81 8.54 14.80
N PHE A 394 15.76 9.18 15.97
CA PHE A 394 16.75 10.17 16.36
C PHE A 394 18.00 9.50 16.90
N PRO A 395 19.14 10.19 16.84
CA PRO A 395 20.38 9.63 17.39
C PRO A 395 20.27 9.47 18.90
N PRO A 396 20.82 8.40 19.46
CA PRO A 396 20.83 8.26 20.90
C PRO A 396 21.49 9.47 21.56
N TYR A 397 21.02 9.79 22.77
CA TYR A 397 21.66 10.84 23.54
C TYR A 397 23.10 10.48 23.87
N THR A 398 23.94 11.51 23.93
CA THR A 398 25.33 11.35 24.32
C THR A 398 25.52 11.73 25.79
N HIS A 399 26.73 11.50 26.27
CA HIS A 399 27.08 11.96 27.61
C HIS A 399 26.82 13.46 27.75
N ASP A 400 27.32 14.25 26.79
CA ASP A 400 27.15 15.70 26.87
C ASP A 400 25.69 16.11 26.80
N ASP A 401 24.87 15.36 26.04
CA ASP A 401 23.45 15.65 25.99
C ASP A 401 22.83 15.54 27.38
N LEU A 402 23.20 14.52 28.13
CA LEU A 402 22.48 14.13 29.34
C LEU A 402 23.03 14.77 30.60
N GLU A 403 24.32 15.12 30.61
CA GLU A 403 24.97 15.54 31.84
C GLU A 403 24.45 16.89 32.31
N PHE A 404 24.03 16.93 33.56
CA PHE A 404 23.79 18.16 34.30
C PHE A 404 25.08 18.42 35.07
N ALA A 405 25.94 19.27 34.51
CA ALA A 405 27.29 19.43 35.04
C ALA A 405 27.26 19.93 36.48
N GLY A 406 27.98 19.23 37.35
CA GLY A 406 28.04 19.59 38.74
C GLY A 406 26.91 19.07 39.59
N MET A 407 26.01 18.26 39.03
CA MET A 407 24.88 17.69 39.76
C MET A 407 24.99 16.18 39.71
N VAL A 408 25.19 15.55 40.87
CA VAL A 408 25.28 14.10 40.96
C VAL A 408 24.21 13.60 41.92
N VAL A 409 23.56 12.51 41.53
CA VAL A 409 22.66 11.79 42.41
C VAL A 409 23.50 10.78 43.18
N ASP A 410 23.69 11.02 44.48
CA ASP A 410 24.49 10.11 45.29
C ASP A 410 23.72 8.88 45.71
N GLY A 411 22.41 9.01 45.95
CA GLY A 411 21.62 7.89 46.40
C GLY A 411 20.16 8.11 46.13
N VAL A 412 19.43 7.01 46.02
CA VAL A 412 17.98 7.03 45.91
C VAL A 412 17.43 5.96 46.84
N ALA A 413 16.49 6.35 47.70
CA ALA A 413 15.85 5.43 48.61
C ALA A 413 14.42 5.89 48.83
N ILE A 414 13.62 5.03 49.44
CA ILE A 414 12.25 5.36 49.77
C ILE A 414 12.02 5.18 51.26
N ASP A 415 11.35 6.16 51.86
CA ASP A 415 10.85 6.04 53.23
C ASP A 415 9.48 5.37 53.18
N GLY A 416 9.38 4.15 53.68
CA GLY A 416 8.11 3.45 53.68
C GLY A 416 8.10 2.31 52.68
N GLU A 417 7.50 1.19 53.10
CA GLU A 417 7.40 0.03 52.21
CA GLU A 417 7.39 0.04 52.22
C GLU A 417 6.45 0.34 51.06
N LEU A 418 6.71 -0.30 49.92
CA LEU A 418 5.84 -0.17 48.75
C LEU A 418 4.83 -1.30 48.82
N THR A 419 3.59 -0.97 49.20
CA THR A 419 2.56 -1.95 49.50
C THR A 419 1.29 -1.53 48.78
N THR A 420 0.72 -2.44 48.00
CA THR A 420 -0.59 -2.22 47.39
C THR A 420 -1.62 -3.12 48.04
N PHE A 421 -2.89 -2.73 47.86
CA PHE A 421 -4.01 -3.48 48.41
C PHE A 421 -5.26 -3.01 47.68
N PHE A 422 -6.36 -3.70 47.92
CA PHE A 422 -7.66 -3.26 47.44
C PHE A 422 -8.48 -2.75 48.61
N ASP A 423 -9.13 -1.61 48.43
CA ASP A 423 -10.08 -1.14 49.42
C ASP A 423 -11.41 -0.82 48.75
N GLU A 424 -12.35 -0.27 49.51
CA GLU A 424 -13.71 -0.08 49.02
C GLU A 424 -14.01 1.41 48.89
N PHE A 425 -14.76 1.75 47.85
CA PHE A 425 -15.10 3.12 47.51
C PHE A 425 -16.56 3.15 47.09
N GLN A 426 -17.30 4.17 47.54
CA GLN A 426 -18.72 4.28 47.24
C GLN A 426 -19.02 5.54 46.44
N TYR A 427 -20.02 5.42 45.56
CA TYR A 427 -20.53 6.58 44.84
C TYR A 427 -22.03 6.41 44.64
N SER A 428 -22.71 7.53 44.42
CA SER A 428 -24.16 7.56 44.42
C SER A 428 -24.71 7.21 43.04
N LEU A 429 -25.77 6.41 43.02
CA LEU A 429 -26.49 6.07 41.80
C LEU A 429 -27.78 6.85 41.63
N ILE A 430 -28.01 7.87 42.47
CA ILE A 430 -29.31 8.54 42.49
C ILE A 430 -29.64 9.16 41.13
N ASN A 431 -28.64 9.74 40.45
CA ASN A 431 -28.91 10.35 39.15
C ASN A 431 -29.33 9.33 38.10
N ALA A 432 -29.06 8.04 38.32
CA ALA A 432 -29.39 7.01 37.34
C ALA A 432 -30.85 6.61 37.38
N VAL A 433 -31.55 6.87 38.48
CA VAL A 433 -32.90 6.35 38.68
C VAL A 433 -33.90 7.48 38.46
N ASP A 434 -35.14 7.10 38.16
CA ASP A 434 -36.17 8.07 37.84
C ASP A 434 -36.94 8.42 39.10
N SER A 435 -37.23 9.70 39.27
CA SER A 435 -38.00 10.11 40.44
C SER A 435 -39.20 10.94 40.00
N GLY A 436 -39.86 11.59 40.95
CA GLY A 436 -40.89 12.57 40.65
C GLY A 436 -42.11 12.04 39.93
N GLU A 437 -43.14 12.88 39.82
CA GLU A 437 -43.15 14.17 40.50
C GLU A 437 -43.74 13.99 41.89
N SER A 438 -43.23 14.77 42.84
CA SER A 438 -43.72 14.77 44.23
C SER A 438 -43.64 13.38 44.85
N ILE A 439 -42.45 12.77 44.78
CA ILE A 439 -42.15 11.55 45.53
C ILE A 439 -40.70 11.61 45.96
N GLU A 440 -40.45 11.25 47.22
CA GLU A 440 -39.17 11.54 47.85
C GLU A 440 -38.08 10.56 47.38
N ASP A 441 -36.84 11.02 47.50
CA ASP A 441 -35.67 10.25 47.10
C ASP A 441 -35.16 9.39 48.24
N VAL A 442 -34.31 8.43 47.89
CA VAL A 442 -33.70 7.55 48.86
C VAL A 442 -32.26 7.30 48.43
N GLU A 443 -31.41 7.01 49.41
CA GLU A 443 -29.97 6.87 49.17
C GLU A 443 -29.68 5.55 48.46
N ILE A 444 -29.01 5.62 47.33
CA ILE A 444 -28.72 4.44 46.52
C ILE A 444 -27.26 4.54 46.07
N ASN A 445 -26.42 3.63 46.54
CA ASN A 445 -24.98 3.71 46.30
C ASN A 445 -24.44 2.45 45.67
N ALA A 446 -23.37 2.62 44.89
CA ALA A 446 -22.54 1.53 44.42
C ALA A 446 -21.26 1.46 45.25
N ARG A 447 -20.80 0.25 45.55
CA ARG A 447 -19.54 0.05 46.24
CA ARG A 447 -19.54 0.05 46.24
C ARG A 447 -18.63 -0.75 45.31
N VAL A 448 -17.45 -0.21 45.03
CA VAL A 448 -16.48 -0.86 44.15
C VAL A 448 -15.21 -1.14 44.95
N HIS A 449 -14.52 -2.21 44.59
CA HIS A 449 -13.17 -2.46 45.08
C HIS A 449 -12.18 -1.81 44.15
N ARG A 450 -11.22 -1.08 44.71
CA ARG A 450 -10.26 -0.32 43.93
C ARG A 450 -8.85 -0.55 44.45
N LEU A 451 -7.88 -0.56 43.54
CA LEU A 451 -6.50 -0.63 43.95
C LEU A 451 -6.13 0.59 44.78
N ASN A 452 -5.21 0.40 45.72
CA ASN A 452 -4.66 1.51 46.48
C ASN A 452 -3.26 1.12 46.94
N HIS A 453 -2.57 2.07 47.54
CA HIS A 453 -1.22 1.83 48.03
C HIS A 453 -1.00 2.65 49.30
N LYS A 454 0.01 2.26 50.07
CA LYS A 454 0.37 3.01 51.26
C LYS A 454 1.26 4.19 50.89
N GLU A 455 1.21 5.24 51.74
CA GLU A 455 2.02 6.42 51.52
CA GLU A 455 2.03 6.42 51.51
C GLU A 455 3.51 6.09 51.66
N PHE A 456 4.33 6.74 50.83
CA PHE A 456 5.78 6.66 50.94
C PHE A 456 6.36 8.00 50.50
N THR A 457 7.66 8.17 50.77
CA THR A 457 8.38 9.40 50.43
C THR A 457 9.73 9.05 49.82
N TYR A 458 10.04 9.64 48.67
CA TYR A 458 11.36 9.45 48.06
C TYR A 458 12.44 10.20 48.84
N LYS A 459 13.61 9.58 48.96
CA LYS A 459 14.80 10.18 49.54
CA LYS A 459 14.80 10.18 49.54
C LYS A 459 15.87 10.19 48.45
N ILE A 460 16.12 11.37 47.87
CA ILE A 460 17.05 11.51 46.76
C ILE A 460 18.20 12.41 47.21
N THR A 461 19.37 11.82 47.40
CA THR A 461 20.54 12.56 47.87
C THR A 461 21.34 13.05 46.67
N VAL A 462 21.49 14.36 46.54
CA VAL A 462 22.22 14.95 45.44
C VAL A 462 23.37 15.78 46.01
N SER A 463 24.39 15.96 45.17
CA SER A 463 25.51 16.86 45.48
C SER A 463 25.60 17.89 44.38
N ASN A 464 25.45 19.15 44.75
CA ASN A 464 25.56 20.27 43.82
C ASN A 464 26.95 20.85 44.01
N SER A 465 27.89 20.45 43.15
CA SER A 465 29.27 20.90 43.24
C SER A 465 29.56 22.12 42.36
N ILE A 466 28.55 22.93 42.07
CA ILE A 466 28.75 24.29 41.56
C ILE A 466 28.58 25.24 42.74
N GLY A 467 29.26 26.37 42.69
CA GLY A 467 29.21 27.31 43.79
C GLY A 467 27.99 28.19 43.81
N SER A 468 26.83 27.61 43.47
CA SER A 468 25.58 28.35 43.42
C SER A 468 24.41 27.37 43.50
N ASP A 469 23.32 27.82 44.11
CA ASP A 469 22.08 27.06 44.10
C ASP A 469 21.55 26.97 42.68
N HIS A 470 21.00 25.81 42.32
CA HIS A 470 20.53 25.63 40.96
C HIS A 470 19.19 24.92 40.95
N LEU A 471 18.29 25.42 40.09
CA LEU A 471 17.02 24.76 39.83
C LEU A 471 17.27 23.43 39.14
N ALA A 472 16.59 22.38 39.60
CA ALA A 472 16.73 21.06 39.00
C ALA A 472 15.35 20.49 38.75
N THR A 473 15.23 19.69 37.69
CA THR A 473 14.03 18.89 37.42
C THR A 473 14.30 17.46 37.87
N PHE A 474 13.43 16.93 38.71
CA PHE A 474 13.52 15.55 39.16
C PHE A 474 12.50 14.73 38.38
N ARG A 475 12.99 13.73 37.64
CA ARG A 475 12.16 12.90 36.78
C ARG A 475 12.25 11.47 37.28
N ILE A 476 11.10 10.89 37.66
CA ILE A 476 11.08 9.62 38.38
C ILE A 476 10.23 8.63 37.60
N PHE A 477 10.82 7.48 37.27
CA PHE A 477 10.18 6.44 36.48
C PHE A 477 10.33 5.10 37.20
N LEU A 478 9.36 4.22 36.99
CA LEU A 478 9.43 2.84 37.45
C LEU A 478 9.55 1.93 36.23
N CYS A 479 10.57 1.07 36.23
CA CYS A 479 10.94 0.29 35.06
C CYS A 479 10.97 -1.19 35.42
N PRO A 480 10.54 -2.07 34.53
CA PRO A 480 10.63 -3.50 34.82
C PRO A 480 12.07 -3.97 34.75
N ILE A 481 12.39 -4.99 35.55
CA ILE A 481 13.69 -5.64 35.51
C ILE A 481 13.65 -6.88 34.63
N GLU A 482 12.60 -7.68 34.77
CA GLU A 482 12.43 -8.91 34.04
C GLU A 482 11.05 -8.90 33.39
N ASP A 483 10.90 -9.66 32.31
CA ASP A 483 9.61 -9.80 31.69
C ASP A 483 8.87 -10.99 32.34
N ASN A 484 7.69 -11.31 31.80
CA ASN A 484 6.87 -12.39 32.36
C ASN A 484 7.50 -13.76 32.21
N ASN A 485 8.54 -13.89 31.40
CA ASN A 485 9.26 -15.14 31.24
C ASN A 485 10.50 -15.23 32.12
N GLY A 486 10.69 -14.26 33.02
CA GLY A 486 11.87 -14.26 33.85
C GLY A 486 13.14 -13.82 33.17
N ILE A 487 13.04 -13.15 32.01
CA ILE A 487 14.21 -12.73 31.25
C ILE A 487 14.59 -11.32 31.64
N THR A 488 15.87 -11.12 31.97
CA THR A 488 16.34 -9.80 32.38
C THR A 488 16.38 -8.86 31.18
N LEU A 489 15.82 -7.67 31.35
CA LEU A 489 15.71 -6.72 30.27
C LEU A 489 16.92 -5.79 30.24
N THR A 490 17.39 -5.48 29.04
CA THR A 490 18.37 -4.41 28.91
C THR A 490 17.68 -3.06 29.09
N LEU A 491 18.49 -2.02 29.31
CA LEU A 491 17.91 -0.69 29.47
C LEU A 491 17.13 -0.27 28.23
N ASP A 492 17.65 -0.59 27.04
CA ASP A 492 16.90 -0.26 25.83
C ASP A 492 15.57 -0.98 25.76
N LYS A 493 15.51 -2.21 26.29
CA LYS A 493 14.26 -2.95 26.31
C LYS A 493 13.36 -2.56 27.48
N GLU A 494 13.90 -1.90 28.50
CA GLU A 494 13.09 -1.41 29.62
C GLU A 494 12.45 -0.08 29.31
N ARG A 495 13.17 0.80 28.61
CA ARG A 495 12.85 2.23 28.65
C ARG A 495 11.42 2.51 28.18
N TRP A 496 10.95 1.81 27.14
CA TRP A 496 9.62 2.09 26.61
C TRP A 496 8.51 1.51 27.47
N LEU A 497 8.87 0.64 28.41
CA LEU A 497 7.93 0.05 29.35
C LEU A 497 7.85 0.82 30.66
N CYS A 498 8.75 1.79 30.87
CA CYS A 498 8.78 2.51 32.13
C CYS A 498 7.55 3.39 32.28
N ILE A 499 7.08 3.53 33.51
CA ILE A 499 5.94 4.39 33.80
C ILE A 499 6.42 5.58 34.61
N GLU A 500 5.89 6.75 34.25
CA GLU A 500 6.22 7.99 34.94
C GLU A 500 5.57 8.00 36.31
N LEU A 501 6.37 8.24 37.35
CA LEU A 501 5.86 8.35 38.71
C LEU A 501 5.80 9.78 39.22
N ASP A 502 6.67 10.66 38.72
CA ASP A 502 6.72 12.02 39.24
C ASP A 502 7.61 12.87 38.36
N LYS A 503 7.37 14.18 38.42
CA LYS A 503 8.24 15.18 37.83
C LYS A 503 8.05 16.46 38.62
N PHE A 504 9.13 17.02 39.16
CA PHE A 504 8.99 18.23 39.93
C PHE A 504 10.24 19.07 39.80
N PHE A 505 10.09 20.37 40.03
CA PHE A 505 11.17 21.34 39.97
C PHE A 505 11.49 21.80 41.38
N GLN A 506 12.79 21.78 41.72
CA GLN A 506 13.19 22.18 43.06
C GLN A 506 14.59 22.76 43.02
N LYS A 507 14.80 23.84 43.77
CA LYS A 507 16.12 24.45 43.85
C LYS A 507 17.05 23.57 44.70
N VAL A 508 18.21 23.24 44.15
CA VAL A 508 19.19 22.40 44.84
C VAL A 508 20.32 23.30 45.32
N PRO A 509 20.42 23.58 46.62
CA PRO A 509 21.51 24.44 47.10
C PRO A 509 22.86 23.77 46.95
N SER A 510 23.90 24.59 47.00
CA SER A 510 25.25 24.06 46.92
C SER A 510 25.50 23.07 48.04
N GLY A 511 26.33 22.07 47.76
CA GLY A 511 26.64 21.05 48.74
C GLY A 511 25.86 19.77 48.49
N THR A 512 25.89 18.89 49.50
CA THR A 512 25.21 17.60 49.44
C THR A 512 23.95 17.69 50.30
N HIS A 513 22.81 17.36 49.69
CA HIS A 513 21.52 17.50 50.36
C HIS A 513 20.59 16.37 49.93
N THR A 514 19.67 16.03 50.84
CA THR A 514 18.67 15.00 50.59
C THR A 514 17.36 15.69 50.24
N ILE A 515 16.82 15.37 49.06
CA ILE A 515 15.52 15.87 48.64
C ILE A 515 14.46 14.86 49.04
N HIS A 516 13.41 15.32 49.72
CA HIS A 516 12.30 14.49 50.11
C HIS A 516 11.09 14.85 49.27
N ARG A 517 10.39 13.83 48.75
CA ARG A 517 9.20 14.04 47.94
C ARG A 517 8.17 12.97 48.29
N SER A 518 7.02 13.40 48.80
CA SER A 518 5.96 12.47 49.18
C SER A 518 5.23 11.93 47.96
N SER A 519 4.85 10.64 48.03
CA SER A 519 4.04 10.05 46.96
C SER A 519 2.76 10.84 46.72
N LYS A 520 2.18 11.42 47.76
CA LYS A 520 0.94 12.20 47.65
CA LYS A 520 0.94 12.16 47.60
C LYS A 520 1.09 13.39 46.72
N ASP A 521 2.29 13.94 46.59
CA ASP A 521 2.50 15.16 45.84
C ASP A 521 2.82 14.94 44.36
N SER A 522 2.73 13.71 43.87
CA SER A 522 3.12 13.41 42.50
C SER A 522 2.41 14.32 41.51
N SER A 523 3.17 14.85 40.55
CA SER A 523 2.59 15.62 39.45
C SER A 523 1.95 14.74 38.38
N VAL A 524 1.99 13.42 38.57
CA VAL A 524 1.34 12.50 37.64
C VAL A 524 -0.09 12.20 38.08
N THR A 525 -0.38 12.33 39.38
CA THR A 525 -1.61 11.83 39.94
C THR A 525 -2.47 12.96 40.52
N VAL A 526 -3.74 12.64 40.73
CA VAL A 526 -4.67 13.51 41.44
C VAL A 526 -5.50 12.66 42.39
N PRO A 527 -6.02 13.26 43.46
CA PRO A 527 -6.81 12.48 44.43
C PRO A 527 -8.13 12.01 43.83
N ASP A 528 -8.80 11.13 44.58
CA ASP A 528 -10.18 10.78 44.27
C ASP A 528 -11.04 12.04 44.23
N MET A 529 -12.01 12.06 43.30
CA MET A 529 -12.91 13.21 43.18
C MET A 529 -13.78 13.34 44.43
N PRO A 530 -14.06 14.55 44.89
CA PRO A 530 -15.09 14.71 45.92
C PRO A 530 -16.44 14.30 45.37
N SER A 531 -17.27 13.70 46.23
CA SER A 531 -18.57 13.23 45.82
C SER A 531 -19.49 14.39 45.47
N PHE A 532 -20.48 14.10 44.62
CA PHE A 532 -21.52 15.08 44.31
C PHE A 532 -22.20 15.55 45.59
N HIS A 533 -22.48 14.63 46.51
CA HIS A 533 -23.10 15.01 47.77
C HIS A 533 -22.22 15.97 48.56
N SER A 534 -20.90 15.71 48.58
CA SER A 534 -19.99 16.60 49.28
C SER A 534 -19.93 17.97 48.60
N LEU A 535 -19.92 18.01 47.28
CA LEU A 535 -19.88 19.29 46.58
C LEU A 535 -21.15 20.10 46.85
N LYS A 536 -22.31 19.43 46.87
CA LYS A 536 -23.54 20.13 47.20
C LYS A 536 -23.50 20.68 48.62
N GLU A 537 -23.04 19.88 49.58
CA GLU A 537 -23.01 20.33 50.96
CA GLU A 537 -23.02 20.34 50.96
C GLU A 537 -22.09 21.54 51.13
N GLN A 538 -20.92 21.50 50.50
CA GLN A 538 -19.98 22.61 50.66
C GLN A 538 -20.49 23.86 49.95
N ALA A 539 -21.04 23.72 48.74
CA ALA A 539 -21.58 24.88 48.05
C ALA A 539 -22.81 25.44 48.78
N ASP A 540 -23.71 24.57 49.23
CA ASP A 540 -24.90 25.04 49.94
C ASP A 540 -24.52 25.74 51.24
N ASN A 541 -23.54 25.19 51.96
CA ASN A 541 -23.15 25.82 53.22
C ASN A 541 -22.58 27.20 53.00
N ALA A 542 -21.89 27.41 51.87
CA ALA A 542 -21.32 28.72 51.57
C ALA A 542 -22.40 29.70 51.12
N VAL A 543 -23.24 29.30 50.17
CA VAL A 543 -24.28 30.18 49.65
C VAL A 543 -25.24 30.60 50.78
N ASN A 544 -25.79 29.63 51.50
CA ASN A 544 -26.71 29.93 52.60
C ASN A 544 -25.89 30.36 53.80
N GLY A 545 -25.51 31.64 53.80
CA GLY A 545 -24.73 32.18 54.90
C GLY A 545 -23.69 33.18 54.47
N GLY A 546 -22.68 32.72 53.73
CA GLY A 546 -21.61 33.59 53.30
C GLY A 546 -20.27 33.20 53.90
N SER A 547 -19.54 32.32 53.22
CA SER A 547 -18.27 31.83 53.72
C SER A 547 -17.36 31.52 52.53
N ASP A 548 -16.17 32.11 52.53
CA ASP A 548 -15.22 31.94 51.44
C ASP A 548 -14.42 30.66 51.68
N LEU A 549 -14.91 29.56 51.13
CA LEU A 549 -14.22 28.28 51.26
C LEU A 549 -13.08 28.20 50.25
N ASP A 550 -11.90 27.81 50.73
CA ASP A 550 -10.76 27.66 49.84
C ASP A 550 -10.98 26.46 48.91
N LEU A 551 -11.88 26.61 47.94
CA LEU A 551 -12.07 25.56 46.92
C LEU A 551 -10.81 25.31 46.11
N SER A 552 -9.86 26.24 46.12
CA SER A 552 -8.55 26.03 45.48
C SER A 552 -7.78 24.90 46.13
N ALA A 553 -8.47 23.88 46.63
CA ALA A 553 -7.86 22.73 47.28
C ALA A 553 -7.76 21.54 46.34
N TYR A 554 -8.88 21.14 45.75
CA TYR A 554 -8.88 19.98 44.86
C TYR A 554 -7.91 20.18 43.72
N GLU A 555 -7.30 19.09 43.28
CA GLU A 555 -6.31 19.11 42.22
C GLU A 555 -6.89 19.59 40.90
N ARG A 556 -7.14 18.62 40.03
CA ARG A 556 -7.96 18.66 38.82
C ARG A 556 -8.54 17.26 38.73
N SER A 557 -9.39 16.99 37.74
CA SER A 557 -9.82 15.61 37.54
C SER A 557 -8.96 14.85 36.54
N CYS A 558 -8.09 15.56 35.82
CA CYS A 558 -7.13 14.92 34.92
C CYS A 558 -5.90 14.49 35.72
N GLY A 559 -5.52 13.23 35.58
CA GLY A 559 -4.35 12.67 36.25
C GLY A 559 -4.66 11.24 36.68
N ILE A 560 -3.64 10.39 36.66
CA ILE A 560 -3.74 9.01 37.16
C ILE A 560 -4.24 9.10 38.60
N PRO A 561 -5.22 8.31 39.02
CA PRO A 561 -5.64 8.38 40.44
C PRO A 561 -4.47 8.09 41.35
N GLU A 562 -4.36 8.88 42.42
CA GLU A 562 -3.31 8.66 43.42
CA GLU A 562 -3.31 8.66 43.42
C GLU A 562 -3.25 7.20 43.83
N ARG A 563 -4.40 6.58 44.06
CA ARG A 563 -4.46 5.20 44.51
C ARG A 563 -3.80 4.24 43.54
N MET A 564 -3.67 4.63 42.26
CA MET A 564 -3.11 3.76 41.24
C MET A 564 -1.68 4.15 40.87
N LEU A 565 -1.01 4.95 41.69
CA LEU A 565 0.36 5.35 41.39
C LEU A 565 1.25 4.15 41.10
N LEU A 566 1.13 3.06 41.91
CA LEU A 566 1.97 1.88 41.77
C LEU A 566 1.22 0.74 41.09
N PRO A 567 1.94 -0.09 40.35
CA PRO A 567 1.34 -1.33 39.85
C PRO A 567 0.96 -2.24 41.01
N LYS A 568 0.00 -3.13 40.75
CA LYS A 568 -0.48 -4.06 41.78
C LYS A 568 0.66 -4.89 42.38
N SER A 569 1.56 -5.38 41.53
CA SER A 569 2.58 -6.34 41.91
C SER A 569 1.95 -7.63 42.43
N LYS A 570 2.74 -8.46 43.13
CA LYS A 570 2.37 -9.80 43.54
C LYS A 570 2.45 -9.95 45.05
N PRO A 571 1.67 -10.86 45.63
CA PRO A 571 1.80 -11.12 47.07
C PRO A 571 3.21 -11.55 47.47
N GLU A 572 3.89 -12.34 46.64
CA GLU A 572 5.25 -12.78 46.87
CA GLU A 572 5.24 -12.76 46.94
C GLU A 572 6.28 -11.66 46.70
N GLY A 573 5.85 -10.50 46.23
CA GLY A 573 6.72 -9.37 45.95
C GLY A 573 7.31 -9.41 44.54
N MET A 574 7.55 -8.23 44.00
CA MET A 574 8.24 -8.08 42.72
CA MET A 574 8.23 -8.08 42.72
C MET A 574 9.26 -6.96 42.85
N GLU A 575 10.39 -7.11 42.19
CA GLU A 575 11.42 -6.08 42.18
C GLU A 575 11.34 -5.28 40.89
N PHE A 576 11.52 -3.97 41.00
CA PHE A 576 11.52 -3.04 39.87
C PHE A 576 12.70 -2.11 39.97
N ASN A 577 13.05 -1.49 38.85
CA ASN A 577 14.06 -0.44 38.82
C ASN A 577 13.37 0.91 39.00
N LEU A 578 13.77 1.66 40.02
CA LEU A 578 13.34 3.03 40.22
C LEU A 578 14.39 3.94 39.60
N PHE A 579 14.00 4.65 38.53
CA PHE A 579 14.92 5.41 37.70
C PHE A 579 14.73 6.90 37.98
N VAL A 580 15.81 7.59 38.35
CA VAL A 580 15.76 9.01 38.66
C VAL A 580 16.73 9.74 37.75
N ALA A 581 16.23 10.74 37.02
CA ALA A 581 17.07 11.62 36.23
C ALA A 581 16.88 13.04 36.75
N VAL A 582 17.98 13.69 37.09
CA VAL A 582 17.97 15.06 37.59
C VAL A 582 18.56 15.94 36.50
N THR A 583 17.76 16.86 35.97
CA THR A 583 18.15 17.63 34.81
C THR A 583 18.10 19.12 35.11
N ASP A 584 18.73 19.89 34.24
CA ASP A 584 18.88 21.33 34.42
C ASP A 584 17.54 22.06 34.41
N GLY A 585 17.06 22.46 35.59
CA GLY A 585 15.76 23.10 35.68
C GLY A 585 15.72 24.46 35.01
N VAL A 586 16.84 25.17 35.00
CA VAL A 586 16.89 26.48 34.35
C VAL A 586 16.59 26.33 32.86
N LYS A 587 17.21 25.35 32.21
CA LYS A 587 16.96 25.13 30.80
CA LYS A 587 16.96 25.12 30.80
C LYS A 587 15.59 24.51 30.58
N ASP A 588 15.17 23.59 31.47
CA ASP A 588 13.90 22.88 31.27
C ASP A 588 12.70 23.82 31.37
N THR A 589 12.78 24.83 32.23
CA THR A 589 11.65 25.72 32.50
C THR A 589 11.79 27.08 31.85
N GLU A 590 12.83 27.30 31.04
CA GLU A 590 13.04 28.60 30.40
CA GLU A 590 13.02 28.60 30.41
C GLU A 590 11.75 29.06 29.72
N GLY A 591 11.27 30.25 30.11
CA GLY A 591 10.05 30.81 29.59
C GLY A 591 8.84 30.60 30.46
N HIS A 592 8.94 29.80 31.52
CA HIS A 592 7.81 29.53 32.41
C HIS A 592 8.14 29.66 33.89
N ASN A 593 9.36 30.08 34.25
CA ASN A 593 9.80 30.26 35.62
C ASN A 593 9.89 28.95 36.40
N GLY A 594 10.70 28.93 37.44
CA GLY A 594 10.82 27.76 38.28
C GLY A 594 10.01 27.86 39.55
N ASP A 595 9.99 29.05 40.15
CA ASP A 595 9.24 29.29 41.37
C ASP A 595 7.73 29.31 41.15
N HIS A 596 7.28 29.38 39.90
CA HIS A 596 5.86 29.49 39.62
C HIS A 596 5.11 28.21 40.00
N ASP A 597 3.84 28.36 40.36
CA ASP A 597 2.98 27.22 40.68
C ASP A 597 2.54 26.55 39.38
N HIS A 598 2.76 25.24 39.29
CA HIS A 598 2.42 24.47 38.10
C HIS A 598 1.26 23.50 38.35
N GLY A 599 0.57 23.62 39.47
CA GLY A 599 -0.53 22.73 39.77
C GLY A 599 -0.05 21.33 40.13
N GLY A 600 -1.01 20.43 40.33
CA GLY A 600 -0.75 19.10 40.81
C GLY A 600 -0.68 18.02 39.75
N THR A 601 -0.79 18.37 38.47
CA THR A 601 -0.94 17.32 37.46
C THR A 601 -0.25 17.72 36.15
N HIS A 602 0.87 18.45 36.22
CA HIS A 602 1.44 19.00 35.00
C HIS A 602 2.18 17.94 34.16
N ALA A 603 2.50 16.77 34.72
CA ALA A 603 3.33 15.82 33.99
C ALA A 603 2.64 15.35 32.70
N GLN A 604 1.35 14.99 32.80
CA GLN A 604 0.60 14.53 31.64
C GLN A 604 -0.61 15.40 31.31
N CYS A 605 -1.07 16.21 32.26
CA CYS A 605 -2.25 17.04 32.06
C CYS A 605 -1.94 18.52 31.96
N GLY A 606 -0.66 18.89 31.98
CA GLY A 606 -0.28 20.27 31.82
C GLY A 606 -0.80 21.16 32.94
N VAL A 607 -0.79 22.46 32.65
CA VAL A 607 -1.16 23.52 33.59
C VAL A 607 -2.33 24.28 32.99
N HIS A 608 -3.46 24.29 33.70
CA HIS A 608 -4.68 24.90 33.18
CA HIS A 608 -4.68 24.89 33.16
C HIS A 608 -4.43 26.34 32.77
N GLY A 609 -4.70 26.66 31.51
CA GLY A 609 -4.58 28.01 31.02
C GLY A 609 -3.19 28.57 30.88
N GLU A 610 -2.16 27.71 30.90
CA GLU A 610 -0.77 28.13 30.79
CA GLU A 610 -0.78 28.15 30.77
C GLU A 610 -0.05 27.23 29.80
N ALA A 611 1.15 27.66 29.40
CA ALA A 611 1.97 26.81 28.54
C ALA A 611 2.49 25.62 29.33
N TYR A 612 2.84 24.56 28.60
CA TYR A 612 3.42 23.39 29.25
C TYR A 612 4.77 23.76 29.84
N PRO A 613 5.04 23.43 31.12
CA PRO A 613 6.16 24.06 31.83
C PRO A 613 7.52 23.43 31.61
N ASP A 614 7.61 22.28 30.95
CA ASP A 614 8.85 21.53 30.76
C ASP A 614 9.14 21.49 29.26
N ASN A 615 10.28 22.07 28.86
CA ASN A 615 10.63 22.15 27.45
C ASN A 615 11.13 20.84 26.86
N ARG A 616 11.50 19.88 27.70
CA ARG A 616 12.09 18.66 27.19
C ARG A 616 11.06 17.81 26.46
N PRO A 617 11.47 16.94 25.55
CA PRO A 617 10.54 15.98 24.96
C PRO A 617 9.84 15.19 26.06
N LEU A 618 8.57 14.89 25.85
CA LEU A 618 7.85 14.05 26.80
CA LEU A 618 7.86 14.06 26.81
C LEU A 618 8.52 12.69 26.86
N GLY A 619 8.79 12.22 28.08
CA GLY A 619 9.52 10.97 28.29
C GLY A 619 10.99 11.13 28.51
N TYR A 620 11.51 12.35 28.43
CA TYR A 620 12.93 12.60 28.62
C TYR A 620 13.40 12.03 29.96
N PRO A 621 14.56 11.35 30.00
CA PRO A 621 15.50 11.09 28.92
C PRO A 621 15.40 9.68 28.36
N LEU A 622 14.22 9.06 28.44
CA LEU A 622 14.05 7.66 28.06
C LEU A 622 13.43 7.49 26.68
N GLU A 623 13.20 8.57 25.95
CA GLU A 623 12.39 8.53 24.74
C GLU A 623 13.20 8.31 23.48
N ARG A 624 14.53 8.20 23.57
CA ARG A 624 15.36 7.82 22.43
C ARG A 624 15.99 6.46 22.70
N ARG A 625 16.44 5.81 21.63
CA ARG A 625 17.11 4.52 21.76
C ARG A 625 18.32 4.64 22.68
N ILE A 626 18.55 3.61 23.48
CA ILE A 626 19.75 3.55 24.32
C ILE A 626 20.49 2.26 24.00
N PRO A 627 21.17 2.19 22.85
CA PRO A 627 21.84 0.94 22.48
C PRO A 627 23.04 0.64 23.34
N ASP A 628 23.66 1.65 23.93
CA ASP A 628 24.87 1.51 24.73
C ASP A 628 24.57 2.00 26.14
N GLU A 629 24.36 1.05 27.04
CA GLU A 629 24.04 1.42 28.42
CA GLU A 629 24.06 1.37 28.43
C GLU A 629 25.19 2.14 29.11
N ARG A 630 26.42 1.99 28.60
CA ARG A 630 27.55 2.72 29.20
C ARG A 630 27.31 4.23 29.21
N VAL A 631 26.56 4.75 28.23
CA VAL A 631 26.34 6.19 28.14
C VAL A 631 25.57 6.69 29.35
N PHE A 632 24.49 5.97 29.72
CA PHE A 632 23.68 6.39 30.86
C PHE A 632 24.42 6.17 32.18
N ASP A 633 25.18 5.08 32.28
CA ASP A 633 25.91 4.80 33.51
C ASP A 633 26.98 5.85 33.80
N GLY A 634 27.46 6.54 32.77
CA GLY A 634 28.51 7.53 32.92
C GLY A 634 28.03 8.93 33.25
N VAL A 635 26.73 9.11 33.45
CA VAL A 635 26.12 10.41 33.71
C VAL A 635 25.81 10.50 35.19
N PRO A 636 26.49 11.37 35.96
CA PRO A 636 26.29 11.37 37.42
C PRO A 636 24.91 11.79 37.87
N ASN A 637 24.15 12.52 37.05
CA ASN A 637 22.82 12.98 37.47
C ASN A 637 21.72 11.97 37.11
N ILE A 638 22.07 10.75 36.74
CA ILE A 638 21.12 9.67 36.52
C ILE A 638 21.49 8.49 37.40
N LYS A 639 20.49 7.90 38.05
CA LYS A 639 20.74 6.75 38.91
C LYS A 639 19.45 5.94 39.00
N HIS A 640 19.59 4.62 39.03
CA HIS A 640 18.45 3.77 39.32
C HIS A 640 18.82 2.80 40.43
N VAL A 641 17.81 2.42 41.22
CA VAL A 641 17.99 1.50 42.33
C VAL A 641 16.87 0.48 42.26
N VAL A 642 17.09 -0.67 42.88
CA VAL A 642 16.07 -1.72 42.92
C VAL A 642 15.14 -1.46 44.09
N VAL A 643 13.83 -1.50 43.83
CA VAL A 643 12.80 -1.38 44.85
C VAL A 643 11.86 -2.57 44.72
N LYS A 644 11.21 -2.91 45.84
CA LYS A 644 10.30 -4.03 45.91
CA LYS A 644 10.30 -4.03 45.91
C LYS A 644 8.90 -3.52 46.24
N ILE A 645 7.91 -4.03 45.51
CA ILE A 645 6.50 -3.73 45.76
C ILE A 645 5.82 -5.05 46.11
N VAL A 646 5.05 -5.05 47.19
CA VAL A 646 4.33 -6.23 47.64
C VAL A 646 2.83 -5.93 47.59
N HIS A 647 2.05 -6.84 47.02
CA HIS A 647 0.62 -6.76 47.12
C HIS A 647 0.15 -7.45 48.39
N HIS A 648 -0.72 -6.77 49.14
CA HIS A 648 -1.36 -7.30 50.35
C HIS A 648 -2.79 -7.70 49.97
N PRO A 649 -3.06 -8.98 49.72
CA PRO A 649 -4.45 -9.37 49.42
C PRO A 649 -5.30 -9.31 50.68
N GLU A 650 -6.60 -9.46 50.48
CA GLU A 650 -7.55 -9.40 51.60
C GLU A 650 -7.25 -10.48 52.64
N ALA B 1 60.16 -9.95 4.64
CA ALA B 1 59.02 -10.30 5.49
C ALA B 1 57.70 -9.92 4.81
N SER B 2 57.77 -8.92 3.95
CA SER B 2 56.63 -8.50 3.14
C SER B 2 56.57 -9.23 1.80
N SER B 3 57.45 -10.21 1.58
CA SER B 3 57.43 -10.96 0.34
C SER B 3 56.14 -11.77 0.25
N THR B 4 55.73 -12.06 -1.00
CA THR B 4 54.51 -12.82 -1.19
C THR B 4 54.57 -14.17 -0.48
N ALA B 5 55.75 -14.80 -0.49
CA ALA B 5 55.91 -16.10 0.18
C ALA B 5 55.55 -16.01 1.65
N HIS B 6 56.11 -15.01 2.33
CA HIS B 6 55.91 -14.91 3.76
C HIS B 6 54.50 -14.44 4.07
N LYS B 7 53.96 -13.51 3.28
CA LYS B 7 52.58 -13.08 3.51
C LYS B 7 51.61 -14.24 3.32
N GLN B 8 51.82 -15.03 2.28
CA GLN B 8 50.96 -16.19 2.06
C GLN B 8 51.10 -17.19 3.21
N GLN B 9 52.34 -17.46 3.62
CA GLN B 9 52.54 -18.36 4.74
C GLN B 9 51.85 -17.85 5.99
N ASP B 10 51.99 -16.55 6.27
CA ASP B 10 51.34 -15.96 7.44
C ASP B 10 49.83 -16.15 7.37
N ILE B 11 49.23 -15.91 6.21
CA ILE B 11 47.79 -16.07 6.08
C ILE B 11 47.40 -17.54 6.25
N ASN B 12 48.16 -18.45 5.63
CA ASN B 12 47.90 -19.87 5.80
C ASN B 12 47.89 -20.24 7.28
N HIS B 13 48.89 -19.75 8.03
CA HIS B 13 48.99 -20.11 9.44
C HIS B 13 47.84 -19.51 10.24
N LEU B 14 47.48 -18.26 9.97
CA LEU B 14 46.40 -17.63 10.70
C LEU B 14 45.07 -18.36 10.52
N LEU B 15 44.86 -18.98 9.35
CA LEU B 15 43.59 -19.63 9.06
C LEU B 15 43.59 -21.12 9.38
N ASP B 16 44.72 -21.66 9.81
CA ASP B 16 44.84 -23.07 10.14
C ASP B 16 44.12 -23.37 11.45
N LYS B 17 43.36 -24.46 11.48
CA LYS B 17 42.69 -24.95 12.69
C LYS B 17 42.04 -23.79 13.47
N ILE B 18 41.10 -23.14 12.77
CA ILE B 18 40.61 -21.85 13.20
C ILE B 18 39.80 -21.90 14.48
N TYR B 19 39.33 -23.08 14.90
CA TYR B 19 38.53 -23.14 16.11
C TYR B 19 39.38 -23.32 17.36
N GLU B 20 40.69 -23.41 17.22
CA GLU B 20 41.56 -23.62 18.36
C GLU B 20 42.58 -22.50 18.45
N ASP B 21 43.09 -22.25 19.66
CA ASP B 21 44.19 -21.32 19.83
C ASP B 21 45.32 -21.67 18.86
N THR B 22 46.04 -20.64 18.38
CA THR B 22 47.02 -20.88 17.33
C THR B 22 48.10 -21.84 17.80
N LYS B 23 48.49 -22.76 16.92
CA LYS B 23 49.52 -23.73 17.24
C LYS B 23 50.90 -23.30 16.73
N TYR B 24 51.00 -22.09 16.18
CA TYR B 24 52.26 -21.58 15.67
C TYR B 24 52.92 -20.72 16.72
N PRO B 25 54.07 -21.12 17.27
CA PRO B 25 54.68 -20.33 18.35
C PRO B 25 54.95 -18.88 17.99
N ASP B 26 55.28 -18.58 16.73
CA ASP B 26 55.55 -17.18 16.40
C ASP B 26 54.26 -16.37 16.47
N LEU B 27 53.13 -16.93 16.03
CA LEU B 27 51.87 -16.21 16.19
C LEU B 27 51.46 -16.14 17.66
N GLN B 28 51.75 -17.18 18.44
CA GLN B 28 51.51 -17.13 19.87
C GLN B 28 52.23 -15.95 20.52
N GLU B 29 53.51 -15.76 20.19
CA GLU B 29 54.26 -14.69 20.80
CA GLU B 29 54.28 -14.68 20.77
C GLU B 29 53.69 -13.33 20.43
N ILE B 30 53.28 -13.16 19.16
CA ILE B 30 52.70 -11.89 18.75
C ILE B 30 51.40 -11.64 19.52
N ALA B 31 50.53 -12.66 19.58
CA ALA B 31 49.26 -12.49 20.26
C ALA B 31 49.45 -12.12 21.73
N LYS B 32 50.52 -12.62 22.35
CA LYS B 32 50.79 -12.29 23.74
C LYS B 32 51.38 -10.90 23.89
N ASN B 33 52.30 -10.52 23.00
CA ASN B 33 53.15 -9.35 23.28
C ASN B 33 52.87 -8.14 22.42
N PHE B 34 52.17 -8.29 21.30
CA PHE B 34 51.92 -7.15 20.42
C PHE B 34 50.89 -6.21 21.04
N ASN B 35 51.11 -4.92 20.90
CA ASN B 35 50.18 -3.91 21.38
C ASN B 35 49.60 -3.15 20.19
N PRO B 36 48.35 -3.38 19.80
CA PRO B 36 47.76 -2.62 18.68
C PRO B 36 47.82 -1.13 18.88
N LEU B 37 47.90 -0.67 20.14
CA LEU B 37 47.94 0.74 20.47
C LEU B 37 49.36 1.26 20.65
N GLY B 38 50.38 0.45 20.33
CA GLY B 38 51.75 0.77 20.67
C GLY B 38 52.54 1.61 19.70
N ASP B 39 52.01 1.95 18.54
CA ASP B 39 52.74 2.78 17.58
C ASP B 39 51.73 3.32 16.55
N THR B 40 51.23 4.53 16.79
CA THR B 40 50.17 5.04 15.93
C THR B 40 50.66 5.30 14.51
N SER B 41 51.97 5.45 14.32
CA SER B 41 52.52 5.65 12.98
C SER B 41 52.37 4.41 12.11
N MET B 42 51.95 3.27 12.67
CA MET B 42 51.66 2.09 11.88
C MET B 42 50.47 2.28 10.95
N TYR B 43 49.63 3.27 11.22
CA TYR B 43 48.30 3.33 10.65
C TYR B 43 48.08 4.61 9.87
N ASN B 44 47.30 4.53 8.80
CA ASN B 44 47.00 5.73 8.04
C ASN B 44 45.97 6.61 8.71
N ASP B 45 45.34 6.14 9.81
CA ASP B 45 44.34 6.90 10.53
C ASP B 45 44.83 7.33 11.90
N GLN B 46 46.15 7.34 12.10
CA GLN B 46 46.78 7.75 13.35
C GLN B 46 46.33 6.88 14.54
N GLY B 47 45.87 5.66 14.26
CA GLY B 47 45.60 4.71 15.31
C GLY B 47 44.17 4.64 15.80
N ALA B 48 43.24 5.36 15.14
CA ALA B 48 41.88 5.49 15.65
C ALA B 48 41.13 4.16 15.62
N ALA B 49 41.20 3.43 14.50
CA ALA B 49 40.48 2.15 14.42
C ALA B 49 40.97 1.18 15.48
N ALA B 50 42.28 1.16 15.75
CA ALA B 50 42.79 0.28 16.80
C ALA B 50 42.24 0.67 18.16
N GLU B 51 42.17 1.98 18.45
CA GLU B 51 41.58 2.41 19.71
C GLU B 51 40.13 1.97 19.83
N VAL B 52 39.36 2.15 18.76
CA VAL B 52 37.95 1.78 18.79
C VAL B 52 37.79 0.30 19.13
N LEU B 53 38.53 -0.56 18.44
CA LEU B 53 38.38 -2.00 18.66
C LEU B 53 38.88 -2.40 20.04
N MET B 54 40.03 -1.86 20.47
CA MET B 54 40.56 -2.23 21.78
C MET B 54 39.61 -1.82 22.89
N LYS B 55 38.88 -0.71 22.73
CA LYS B 55 37.93 -0.33 23.77
C LYS B 55 36.79 -1.34 23.88
N GLU B 56 36.26 -1.81 22.74
CA GLU B 56 35.23 -2.84 22.77
C GLU B 56 35.75 -4.11 23.41
N LEU B 57 36.98 -4.50 23.07
CA LEU B 57 37.58 -5.70 23.66
C LEU B 57 37.78 -5.53 25.16
N ASN B 58 38.35 -4.39 25.56
CA ASN B 58 38.66 -4.18 26.97
C ASN B 58 37.40 -4.04 27.82
N ASP B 59 36.30 -3.58 27.21
CA ASP B 59 35.02 -3.47 27.90
C ASP B 59 34.22 -4.78 27.85
N HIS B 60 34.80 -5.85 27.30
CA HIS B 60 34.15 -7.17 27.23
C HIS B 60 32.85 -7.12 26.44
N ARG B 61 32.84 -6.38 25.34
CA ARG B 61 31.62 -6.20 24.55
C ARG B 61 31.61 -7.01 23.27
N LEU B 62 32.61 -7.86 23.05
CA LEU B 62 32.73 -8.60 21.81
C LEU B 62 32.16 -10.02 21.94
N LEU B 63 31.67 -10.53 20.82
CA LEU B 63 31.11 -11.87 20.77
C LEU B 63 32.17 -12.90 21.18
N GLU B 64 31.76 -13.85 22.02
CA GLU B 64 32.66 -14.88 22.49
C GLU B 64 33.11 -15.79 21.35
N GLN B 65 34.27 -16.42 21.55
CA GLN B 65 34.70 -17.48 20.65
C GLN B 65 33.79 -18.71 20.81
N HIS B 66 33.83 -19.58 19.79
CA HIS B 66 32.99 -20.78 19.71
C HIS B 66 31.50 -20.42 19.77
N HIS B 67 31.08 -19.63 18.78
CA HIS B 67 29.71 -19.17 18.69
C HIS B 67 29.41 -18.94 17.21
N TRP B 68 28.18 -19.22 16.79
CA TRP B 68 27.84 -18.93 15.41
C TRP B 68 28.01 -17.45 15.12
N TYR B 69 28.29 -17.16 13.85
CA TYR B 69 28.46 -15.80 13.33
C TYR B 69 27.59 -15.68 12.08
N SER B 70 26.86 -14.58 11.96
CA SER B 70 26.15 -14.27 10.72
C SER B 70 26.47 -12.84 10.32
N LEU B 71 26.95 -12.68 9.08
CA LEU B 71 27.21 -11.34 8.54
C LEU B 71 25.96 -10.47 8.56
N PHE B 72 24.77 -11.08 8.53
CA PHE B 72 23.53 -10.30 8.53
C PHE B 72 23.13 -9.83 9.92
N ASN B 73 23.82 -10.28 10.96
CA ASN B 73 23.59 -9.81 12.32
C ASN B 73 24.32 -8.49 12.53
N ALA B 74 23.57 -7.42 12.83
CA ALA B 74 24.14 -6.08 12.85
C ALA B 74 25.33 -5.98 13.79
N ARG B 75 25.15 -6.41 15.04
CA ARG B 75 26.22 -6.23 16.02
C ARG B 75 27.42 -7.09 15.69
N GLN B 76 27.19 -8.34 15.28
CA GLN B 76 28.32 -9.20 14.94
C GLN B 76 29.07 -8.66 13.73
N ARG B 77 28.34 -8.18 12.72
CA ARG B 77 29.00 -7.54 11.58
C ARG B 77 29.80 -6.33 12.03
N GLU B 78 29.22 -5.48 12.88
CA GLU B 78 29.95 -4.29 13.35
CA GLU B 78 29.95 -4.29 13.33
C GLU B 78 31.27 -4.69 14.00
N GLU B 79 31.26 -5.79 14.76
CA GLU B 79 32.48 -6.24 15.41
C GLU B 79 33.51 -6.73 14.39
N ALA B 80 33.07 -7.56 13.45
CA ALA B 80 33.98 -7.98 12.38
C ALA B 80 34.54 -6.78 11.64
N LEU B 81 33.70 -5.77 11.36
CA LEU B 81 34.18 -4.62 10.61
C LEU B 81 35.12 -3.75 11.44
N MET B 82 35.04 -3.81 12.77
CA MET B 82 36.04 -3.10 13.57
C MET B 82 37.42 -3.68 13.35
N LEU B 83 37.51 -5.00 13.21
CA LEU B 83 38.81 -5.60 12.91
C LEU B 83 39.21 -5.33 11.48
N PHE B 84 38.28 -5.45 10.54
CA PHE B 84 38.60 -5.03 9.17
C PHE B 84 39.17 -3.62 9.15
N ALA B 85 38.56 -2.70 9.90
CA ALA B 85 38.98 -1.31 9.83
C ALA B 85 40.41 -1.14 10.30
N VAL B 86 40.83 -1.93 11.30
CA VAL B 86 42.22 -1.88 11.76
C VAL B 86 43.15 -2.38 10.66
N LEU B 87 42.87 -3.59 10.14
CA LEU B 87 43.72 -4.17 9.11
C LEU B 87 43.83 -3.23 7.91
N ASN B 88 42.72 -2.60 7.54
CA ASN B 88 42.65 -1.70 6.41
C ASN B 88 43.49 -0.44 6.61
N GLN B 89 43.82 -0.08 7.84
CA GLN B 89 44.62 1.12 8.07
C GLN B 89 46.12 0.83 8.20
N CYS B 90 46.51 -0.44 8.28
CA CYS B 90 47.92 -0.76 8.41
C CYS B 90 48.69 -0.32 7.18
N LYS B 91 49.83 0.33 7.41
CA LYS B 91 50.68 0.77 6.31
C LYS B 91 51.54 -0.36 5.77
N VAL B 92 51.99 -1.28 6.63
CA VAL B 92 53.01 -2.27 6.29
C VAL B 92 52.54 -3.62 6.80
N TRP B 93 53.07 -4.69 6.18
CA TRP B 93 52.60 -6.04 6.46
C TRP B 93 52.70 -6.39 7.94
N TYR B 94 53.76 -5.96 8.63
CA TYR B 94 53.89 -6.44 10.01
C TYR B 94 52.73 -5.94 10.87
N CYS B 95 52.21 -4.73 10.58
CA CYS B 95 51.03 -4.24 11.28
C CYS B 95 49.82 -5.12 10.99
N PHE B 96 49.64 -5.47 9.72
CA PHE B 96 48.52 -6.32 9.31
C PHE B 96 48.62 -7.70 9.95
N ARG B 97 49.77 -8.34 9.82
CA ARG B 97 49.97 -9.67 10.39
C ARG B 97 49.83 -9.66 11.90
N ASN B 98 50.39 -8.64 12.57
CA ASN B 98 50.42 -8.65 14.02
C ASN B 98 49.04 -8.38 14.60
N ASN B 99 48.29 -7.46 13.98
CA ASN B 99 46.93 -7.26 14.43
C ASN B 99 46.08 -8.49 14.18
N ALA B 100 46.26 -9.13 13.02
CA ALA B 100 45.50 -10.35 12.76
C ALA B 100 45.83 -11.42 13.79
N ALA B 101 47.11 -11.62 14.11
CA ALA B 101 47.46 -12.62 15.11
C ALA B 101 46.89 -12.25 16.47
N TYR B 102 47.01 -10.97 16.85
CA TYR B 102 46.49 -10.52 18.14
C TYR B 102 45.00 -10.78 18.26
N PHE B 103 44.23 -10.36 17.27
CA PHE B 103 42.79 -10.46 17.39
C PHE B 103 42.26 -11.85 17.07
N ARG B 104 43.03 -12.68 16.36
CA ARG B 104 42.61 -14.08 16.18
C ARG B 104 42.36 -14.73 17.53
N GLU B 105 43.19 -14.43 18.51
CA GLU B 105 43.08 -15.06 19.82
C GLU B 105 42.08 -14.37 20.74
N GLN B 106 41.56 -13.21 20.36
CA GLN B 106 40.63 -12.44 21.18
C GLN B 106 39.20 -12.46 20.67
N MET B 107 38.99 -12.67 19.38
CA MET B 107 37.69 -12.45 18.75
C MET B 107 37.07 -13.75 18.27
N ASN B 108 35.74 -13.71 18.15
CA ASN B 108 34.99 -14.82 17.57
C ASN B 108 35.57 -15.24 16.22
N GLU B 109 35.66 -16.56 16.02
CA GLU B 109 36.34 -17.10 14.84
C GLU B 109 35.62 -16.76 13.54
N GLY B 110 34.29 -16.74 13.55
CA GLY B 110 33.57 -16.36 12.34
C GLY B 110 33.81 -14.91 11.97
N GLU B 111 33.75 -14.02 12.96
CA GLU B 111 34.08 -12.61 12.73
C GLU B 111 35.51 -12.47 12.24
N PHE B 112 36.44 -13.20 12.87
CA PHE B 112 37.85 -13.10 12.51
C PHE B 112 38.08 -13.53 11.07
N VAL B 113 37.55 -14.70 10.68
CA VAL B 113 37.74 -15.17 9.31
C VAL B 113 37.17 -14.16 8.32
N TYR B 114 35.96 -13.67 8.59
CA TYR B 114 35.37 -12.68 7.70
C TYR B 114 36.27 -11.45 7.57
N ALA B 115 36.69 -10.88 8.70
CA ALA B 115 37.50 -9.65 8.66
C ALA B 115 38.83 -9.88 7.97
N LEU B 116 39.45 -11.03 8.19
CA LEU B 116 40.74 -11.29 7.56
C LEU B 116 40.60 -11.40 6.05
N TYR B 117 39.53 -12.07 5.59
CA TYR B 117 39.30 -12.20 4.15
C TYR B 117 39.08 -10.84 3.51
N VAL B 118 38.15 -10.03 4.05
CA VAL B 118 37.88 -8.75 3.40
C VAL B 118 39.06 -7.80 3.58
N GLY B 119 39.83 -7.98 4.66
CA GLY B 119 41.03 -7.19 4.85
C GLY B 119 42.08 -7.46 3.78
N VAL B 120 42.33 -8.74 3.49
CA VAL B 120 43.25 -9.11 2.43
C VAL B 120 42.75 -8.59 1.08
N ILE B 121 41.44 -8.75 0.83
CA ILE B 121 40.90 -8.39 -0.48
C ILE B 121 41.00 -6.89 -0.73
N HIS B 122 40.78 -6.09 0.32
CA HIS B 122 40.63 -4.65 0.16
C HIS B 122 41.83 -3.85 0.62
N SER B 123 42.94 -4.51 0.93
CA SER B 123 44.17 -3.80 1.24
C SER B 123 45.19 -4.07 0.15
N LYS B 124 45.96 -3.04 -0.22
CA LYS B 124 47.07 -3.26 -1.13
CA LYS B 124 47.05 -3.29 -1.14
C LYS B 124 48.06 -4.28 -0.57
N LEU B 125 48.13 -4.38 0.77
CA LEU B 125 48.99 -5.38 1.38
C LEU B 125 48.58 -6.80 1.03
N GLY B 126 47.30 -6.99 0.68
CA GLY B 126 46.82 -8.31 0.31
C GLY B 126 47.13 -8.71 -1.12
N ASP B 127 47.68 -7.80 -1.92
CA ASP B 127 47.92 -8.12 -3.32
C ASP B 127 48.85 -9.32 -3.41
N GLY B 128 48.51 -10.23 -4.30
CA GLY B 128 49.28 -11.42 -4.48
C GLY B 128 48.91 -12.56 -3.57
N ILE B 129 48.18 -12.33 -2.49
CA ILE B 129 47.81 -13.44 -1.63
C ILE B 129 46.65 -14.21 -2.25
N VAL B 130 46.69 -15.53 -2.17
CA VAL B 130 45.57 -16.38 -2.55
C VAL B 130 44.90 -16.87 -1.29
N LEU B 131 43.64 -16.51 -1.10
CA LEU B 131 42.95 -16.92 0.11
C LEU B 131 42.55 -18.39 0.00
N PRO B 132 42.80 -19.19 1.04
CA PRO B 132 42.37 -20.58 0.99
C PRO B 132 40.88 -20.68 0.78
N PRO B 133 40.40 -21.75 0.17
CA PRO B 133 38.95 -21.91 0.01
C PRO B 133 38.27 -22.04 1.36
N LEU B 134 37.20 -21.25 1.55
CA LEU B 134 36.50 -21.30 2.83
C LEU B 134 35.93 -22.69 3.13
N TYR B 135 35.70 -23.52 2.11
CA TYR B 135 35.20 -24.85 2.42
C TYR B 135 36.25 -25.73 3.10
N GLU B 136 37.51 -25.33 3.11
CA GLU B 136 38.49 -26.02 3.94
C GLU B 136 38.82 -25.28 5.22
N ILE B 137 38.53 -23.97 5.28
CA ILE B 137 38.80 -23.23 6.53
C ILE B 137 37.67 -23.44 7.53
N THR B 138 36.40 -23.38 7.07
CA THR B 138 35.23 -23.64 7.91
C THR B 138 34.36 -24.68 7.21
N PRO B 139 34.79 -25.95 7.19
CA PRO B 139 34.09 -26.95 6.37
C PRO B 139 32.64 -27.18 6.77
N HIS B 140 32.26 -26.90 8.02
CA HIS B 140 30.87 -27.09 8.40
C HIS B 140 29.92 -26.31 7.50
N MET B 141 30.36 -25.15 7.02
CA MET B 141 29.49 -24.28 6.23
C MET B 141 29.36 -24.74 4.79
N PHE B 142 30.02 -25.85 4.41
CA PHE B 142 29.99 -26.35 3.04
C PHE B 142 29.80 -27.86 2.96
N THR B 143 29.49 -28.53 4.07
CA THR B 143 29.55 -29.99 4.17
C THR B 143 28.35 -30.48 4.97
N ASN B 144 27.61 -31.44 4.44
CA ASN B 144 26.42 -31.85 5.18
C ASN B 144 26.81 -32.56 6.47
N SER B 145 25.84 -32.63 7.38
CA SER B 145 26.08 -33.11 8.75
C SER B 145 26.53 -34.56 8.77
N GLU B 146 26.04 -35.38 7.84
CA GLU B 146 26.40 -36.78 7.87
C GLU B 146 27.89 -36.96 7.60
N VAL B 147 28.45 -36.19 6.66
CA VAL B 147 29.86 -36.31 6.36
C VAL B 147 30.69 -35.72 7.50
N ILE B 148 30.25 -34.60 8.09
CA ILE B 148 30.94 -34.08 9.26
C ILE B 148 30.97 -35.13 10.37
N ASP B 149 29.85 -35.82 10.58
CA ASP B 149 29.85 -36.83 11.62
CA ASP B 149 29.82 -36.87 11.61
C ASP B 149 30.86 -37.94 11.33
N LYS B 150 31.02 -38.31 10.05
CA LYS B 150 32.02 -39.31 9.71
C LYS B 150 33.43 -38.78 9.98
N ALA B 151 33.64 -37.49 9.71
CA ALA B 151 34.92 -36.87 10.03
C ALA B 151 35.16 -36.87 11.53
N TYR B 152 34.14 -36.54 12.33
CA TYR B 152 34.28 -36.63 13.77
C TYR B 152 34.61 -38.05 14.20
N SER B 153 33.95 -39.04 13.56
CA SER B 153 34.23 -40.44 13.90
C SER B 153 35.65 -40.81 13.53
N ALA B 154 36.14 -40.34 12.37
CA ALA B 154 37.52 -40.59 11.98
C ALA B 154 38.48 -40.03 13.01
N LYS B 155 38.19 -38.83 13.54
CA LYS B 155 39.08 -38.23 14.53
C LYS B 155 38.99 -38.96 15.87
N MET B 156 37.77 -39.35 16.27
CA MET B 156 37.61 -40.09 17.53
C MET B 156 38.39 -41.40 17.51
N THR B 157 38.46 -42.05 16.35
CA THR B 157 39.13 -43.33 16.19
C THR B 157 40.54 -43.20 15.64
N GLN B 158 41.02 -41.98 15.39
CA GLN B 158 42.38 -41.76 14.91
CA GLN B 158 42.37 -41.73 14.89
C GLN B 158 42.67 -42.54 13.63
N LYS B 159 41.72 -42.51 12.69
CA LYS B 159 41.84 -43.26 11.44
CA LYS B 159 41.83 -43.26 11.44
C LYS B 159 41.53 -42.33 10.28
N ALA B 160 42.49 -42.18 9.36
CA ALA B 160 42.27 -41.35 8.18
C ALA B 160 41.17 -41.93 7.30
N GLY B 161 40.50 -41.05 6.55
CA GLY B 161 39.47 -41.51 5.65
C GLY B 161 39.04 -40.44 4.68
N THR B 162 38.40 -40.89 3.60
CA THR B 162 37.76 -40.01 2.64
C THR B 162 36.30 -40.41 2.49
N PHE B 163 35.39 -39.45 2.65
CA PHE B 163 33.96 -39.74 2.75
C PHE B 163 33.19 -39.07 1.63
N ASN B 164 32.21 -39.79 1.08
CA ASN B 164 31.44 -39.33 -0.07
C ASN B 164 30.24 -38.51 0.37
N VAL B 165 30.08 -37.33 -0.24
CA VAL B 165 28.91 -36.48 -0.10
C VAL B 165 27.94 -36.84 -1.22
N SER B 166 26.62 -36.77 -0.97
CA SER B 166 25.68 -37.26 -1.97
C SER B 166 24.35 -36.49 -1.95
N PHE B 167 24.42 -35.16 -1.81
CA PHE B 167 23.29 -34.24 -2.01
C PHE B 167 22.15 -34.43 -1.00
N THR B 168 21.50 -33.31 -0.63
CA THR B 168 20.41 -33.37 0.32
C THR B 168 19.14 -33.92 -0.33
N GLY B 169 18.14 -34.22 0.50
CA GLY B 169 16.85 -34.70 0.05
C GLY B 169 16.85 -36.14 -0.45
N THR B 170 15.71 -36.52 -0.99
CA THR B 170 15.47 -37.83 -1.61
CA THR B 170 15.44 -37.82 -1.60
C THR B 170 15.12 -37.64 -3.08
N LYS B 171 15.10 -38.74 -3.83
CA LYS B 171 14.69 -38.67 -5.24
C LYS B 171 13.22 -38.32 -5.37
N LYS B 172 12.41 -38.55 -4.33
CA LYS B 172 11.02 -38.12 -4.36
CA LYS B 172 11.02 -38.12 -4.36
C LYS B 172 10.90 -36.60 -4.38
N ASN B 173 11.96 -35.89 -4.05
CA ASN B 173 11.97 -34.43 -4.03
C ASN B 173 12.52 -33.94 -5.37
N LYS B 174 11.65 -33.40 -6.22
CA LYS B 174 12.10 -33.00 -7.55
C LYS B 174 13.16 -31.92 -7.48
N GLU B 175 13.12 -31.08 -6.44
CA GLU B 175 14.11 -30.03 -6.31
CA GLU B 175 14.13 -30.04 -6.37
C GLU B 175 15.52 -30.61 -6.19
N GLN B 176 15.66 -31.84 -5.67
CA GLN B 176 16.97 -32.48 -5.58
CA GLN B 176 17.01 -32.36 -5.58
C GLN B 176 17.61 -32.65 -6.95
N ARG B 177 16.81 -32.67 -8.02
CA ARG B 177 17.36 -32.82 -9.37
C ARG B 177 18.39 -31.75 -9.66
N VAL B 178 18.25 -30.57 -9.05
CA VAL B 178 19.15 -29.45 -9.34
C VAL B 178 19.98 -29.07 -8.12
N ALA B 179 20.12 -29.97 -7.16
CA ALA B 179 20.91 -29.66 -5.97
C ALA B 179 22.37 -29.41 -6.32
N TYR B 180 22.87 -29.99 -7.42
CA TYR B 180 24.27 -29.81 -7.83
C TYR B 180 24.58 -28.36 -8.18
N PHE B 181 23.56 -27.52 -8.35
CA PHE B 181 23.84 -26.12 -8.67
C PHE B 181 24.13 -25.34 -7.39
N GLY B 182 23.13 -25.18 -6.52
CA GLY B 182 23.29 -24.35 -5.34
C GLY B 182 24.14 -24.95 -4.24
N GLU B 183 24.34 -26.27 -4.26
CA GLU B 183 25.20 -26.90 -3.27
C GLU B 183 26.63 -27.05 -3.75
N ASP B 184 26.93 -26.71 -5.00
CA ASP B 184 28.31 -26.82 -5.48
C ASP B 184 29.22 -25.94 -4.64
N ILE B 185 30.32 -26.51 -4.13
CA ILE B 185 31.14 -25.75 -3.19
C ILE B 185 31.76 -24.55 -3.86
N GLY B 186 32.09 -24.65 -5.15
CA GLY B 186 32.65 -23.53 -5.87
C GLY B 186 31.64 -22.44 -6.16
N MET B 187 30.39 -22.84 -6.49
CA MET B 187 29.34 -21.85 -6.64
C MET B 187 29.15 -21.07 -5.34
N ASN B 188 29.27 -21.76 -4.20
CA ASN B 188 29.13 -21.05 -2.94
C ASN B 188 30.31 -20.13 -2.69
N ILE B 189 31.53 -20.53 -3.09
CA ILE B 189 32.67 -19.63 -2.97
C ILE B 189 32.50 -18.43 -3.90
N HIS B 190 32.05 -18.66 -5.14
CA HIS B 190 31.75 -17.55 -6.04
C HIS B 190 30.87 -16.52 -5.33
N HIS B 191 29.81 -17.01 -4.69
CA HIS B 191 28.82 -16.12 -4.11
C HIS B 191 29.38 -15.37 -2.92
N VAL B 192 30.05 -16.07 -1.99
CA VAL B 192 30.60 -15.35 -0.84
CA VAL B 192 30.62 -15.36 -0.84
C VAL B 192 31.68 -14.37 -1.31
N THR B 193 32.47 -14.75 -2.32
CA THR B 193 33.56 -13.88 -2.71
C THR B 193 33.04 -12.64 -3.43
N TRP B 194 31.98 -12.78 -4.24
CA TRP B 194 31.39 -11.59 -4.83
C TRP B 194 31.02 -10.58 -3.76
N HIS B 195 30.36 -11.06 -2.70
CA HIS B 195 29.95 -10.14 -1.64
C HIS B 195 31.13 -9.62 -0.83
N MET B 196 32.21 -10.39 -0.72
CA MET B 196 33.42 -9.87 -0.09
C MET B 196 34.07 -8.80 -0.96
N ASP B 197 34.04 -8.98 -2.28
CA ASP B 197 34.60 -8.00 -3.20
C ASP B 197 33.75 -6.74 -3.25
N PHE B 198 32.43 -6.88 -3.10
CA PHE B 198 31.47 -5.80 -3.27
C PHE B 198 30.53 -5.73 -2.07
N PRO B 199 31.07 -5.44 -0.88
CA PRO B 199 30.23 -5.58 0.33
C PRO B 199 29.23 -4.45 0.49
N PHE B 200 28.04 -4.80 0.98
CA PHE B 200 26.98 -3.80 1.16
C PHE B 200 27.35 -2.78 2.22
N TRP B 201 28.27 -3.12 3.12
CA TRP B 201 28.71 -2.22 4.16
C TRP B 201 29.82 -1.28 3.71
N TRP B 202 30.27 -1.39 2.47
CA TRP B 202 31.38 -0.56 2.00
C TRP B 202 31.05 0.92 2.10
N GLN B 203 32.01 1.70 2.61
CA GLN B 203 32.01 3.15 2.54
C GLN B 203 33.31 3.60 1.90
N ASP B 204 33.23 4.60 1.03
CA ASP B 204 34.42 5.01 0.28
C ASP B 204 35.48 5.63 1.19
N SER B 205 35.10 6.01 2.41
CA SER B 205 36.08 6.47 3.37
C SER B 205 37.07 5.37 3.74
N TYR B 206 36.77 4.10 3.43
CA TYR B 206 37.74 3.03 3.62
C TYR B 206 38.89 3.10 2.64
N GLY B 207 38.76 3.87 1.55
CA GLY B 207 39.94 4.11 0.75
C GLY B 207 39.70 4.27 -0.74
N ASN B 208 38.61 3.71 -1.25
CA ASN B 208 38.38 3.75 -2.68
C ASN B 208 36.92 3.46 -2.95
N HIS B 209 36.48 3.82 -4.15
CA HIS B 209 35.11 3.60 -4.59
C HIS B 209 35.01 2.28 -5.33
N LEU B 210 33.88 1.57 -5.17
CA LEU B 210 33.65 0.31 -5.87
C LEU B 210 32.76 0.61 -7.06
N ASP B 211 33.36 0.68 -8.25
CA ASP B 211 32.70 1.20 -9.44
C ASP B 211 31.51 0.34 -9.85
N ARG B 212 30.35 1.00 -10.02
CA ARG B 212 29.13 0.40 -10.55
C ARG B 212 28.59 -0.72 -9.67
N LYS B 213 28.95 -0.70 -8.38
CA LYS B 213 28.63 -1.80 -7.48
C LYS B 213 27.14 -2.15 -7.49
N GLY B 214 26.27 -1.13 -7.40
CA GLY B 214 24.84 -1.41 -7.33
C GLY B 214 24.30 -2.11 -8.57
N GLU B 215 24.88 -1.80 -9.73
CA GLU B 215 24.47 -2.44 -10.98
C GLU B 215 25.07 -3.84 -11.08
N LEU B 216 26.30 -4.02 -10.61
CA LEU B 216 26.87 -5.35 -10.55
C LEU B 216 26.11 -6.24 -9.58
N PHE B 217 25.58 -5.65 -8.51
CA PHE B 217 24.71 -6.40 -7.59
C PHE B 217 23.49 -6.96 -8.32
N PHE B 218 22.81 -6.11 -9.12
CA PHE B 218 21.71 -6.59 -9.95
C PHE B 218 22.18 -7.71 -10.87
N TRP B 219 23.29 -7.51 -11.56
CA TRP B 219 23.69 -8.40 -12.65
C TRP B 219 24.14 -9.77 -12.12
N VAL B 220 24.96 -9.80 -11.06
CA VAL B 220 25.47 -11.10 -10.62
C VAL B 220 24.32 -11.98 -10.14
N HIS B 221 23.31 -11.37 -9.52
CA HIS B 221 22.18 -12.15 -9.01
C HIS B 221 21.20 -12.50 -10.12
N HIS B 222 21.01 -11.60 -11.09
CA HIS B 222 20.27 -11.95 -12.30
C HIS B 222 20.88 -13.20 -12.96
N GLN B 223 22.22 -13.26 -13.02
CA GLN B 223 22.86 -14.40 -13.68
C GLN B 223 22.76 -15.66 -12.84
N LEU B 224 22.84 -15.54 -11.51
CA LEU B 224 22.60 -16.72 -10.67
C LEU B 224 21.19 -17.25 -10.91
N THR B 225 20.21 -16.35 -10.97
CA THR B 225 18.83 -16.77 -11.16
C THR B 225 18.65 -17.41 -12.53
N ALA B 226 19.18 -16.76 -13.56
CA ALA B 226 19.02 -17.30 -14.91
C ALA B 226 19.76 -18.61 -15.07
N ARG B 227 20.94 -18.74 -14.45
CA ARG B 227 21.66 -20.01 -14.53
C ARG B 227 20.89 -21.13 -13.81
N PHE B 228 20.31 -20.84 -12.64
CA PHE B 228 19.53 -21.87 -11.95
C PHE B 228 18.37 -22.34 -12.81
N ASP B 229 17.64 -21.39 -13.42
CA ASP B 229 16.53 -21.78 -14.27
C ASP B 229 16.98 -22.64 -15.46
N PHE B 230 18.19 -22.40 -15.98
CA PHE B 230 18.70 -23.27 -17.04
C PHE B 230 18.93 -24.70 -16.55
N GLU B 231 19.38 -24.86 -15.30
CA GLU B 231 19.45 -26.20 -14.72
C GLU B 231 18.06 -26.81 -14.55
N ARG B 232 17.07 -26.02 -14.15
CA ARG B 232 15.72 -26.55 -14.04
C ARG B 232 15.22 -27.02 -15.40
N LEU B 233 15.39 -26.20 -16.44
CA LEU B 233 14.99 -26.59 -17.79
C LEU B 233 15.70 -27.86 -18.25
N SER B 234 16.97 -28.01 -17.86
CA SER B 234 17.75 -29.21 -18.18
C SER B 234 17.20 -30.46 -17.51
N ASN B 235 16.41 -30.30 -16.45
CA ASN B 235 15.97 -31.42 -15.63
C ASN B 235 14.45 -31.55 -15.61
N TRP B 236 13.79 -31.13 -16.70
CA TRP B 236 12.36 -31.33 -16.90
C TRP B 236 11.52 -30.60 -15.86
N LEU B 237 12.06 -29.51 -15.30
CA LEU B 237 11.34 -28.70 -14.33
C LEU B 237 10.95 -27.36 -14.96
N ASP B 238 9.90 -26.76 -14.42
CA ASP B 238 9.50 -25.41 -14.80
C ASP B 238 10.41 -24.38 -14.15
N PRO B 239 10.40 -23.13 -14.62
CA PRO B 239 11.18 -22.09 -13.95
C PRO B 239 10.71 -21.87 -12.52
N VAL B 240 11.59 -21.30 -11.69
CA VAL B 240 11.16 -20.96 -10.34
C VAL B 240 10.08 -19.88 -10.42
N ASP B 241 9.12 -19.97 -9.51
CA ASP B 241 8.22 -18.85 -9.27
C ASP B 241 8.97 -17.75 -8.54
N GLU B 242 8.39 -16.56 -8.53
CA GLU B 242 8.92 -15.51 -7.66
C GLU B 242 8.26 -15.61 -6.29
N LEU B 243 9.03 -15.25 -5.26
CA LEU B 243 8.50 -15.04 -3.92
C LEU B 243 7.47 -13.92 -3.92
N HIS B 244 6.45 -14.05 -3.07
CA HIS B 244 5.55 -12.95 -2.73
C HIS B 244 5.36 -12.92 -1.22
N TRP B 245 5.43 -11.73 -0.61
CA TRP B 245 5.32 -11.66 0.84
C TRP B 245 3.96 -12.14 1.34
N ASP B 246 2.92 -12.07 0.51
CA ASP B 246 1.59 -12.48 0.94
C ASP B 246 1.19 -13.84 0.39
N ARG B 247 2.11 -14.58 -0.21
CA ARG B 247 1.80 -15.88 -0.75
C ARG B 247 2.71 -16.94 -0.17
N ILE B 248 2.28 -18.20 -0.32
CA ILE B 248 3.04 -19.29 0.29
CA ILE B 248 3.01 -19.33 0.24
C ILE B 248 4.38 -19.45 -0.42
N ILE B 249 5.37 -19.83 0.37
CA ILE B 249 6.66 -20.30 -0.14
C ILE B 249 6.46 -21.80 -0.36
N ARG B 250 6.31 -22.21 -1.62
CA ARG B 250 5.93 -23.60 -1.89
CA ARG B 250 5.93 -23.60 -1.89
C ARG B 250 7.01 -24.57 -1.42
N GLU B 251 8.26 -24.34 -1.83
CA GLU B 251 9.32 -25.32 -1.65
C GLU B 251 10.07 -25.07 -0.34
N GLY B 252 9.90 -25.98 0.62
CA GLY B 252 10.69 -25.98 1.83
C GLY B 252 12.08 -26.53 1.60
N PHE B 253 12.80 -26.74 2.69
CA PHE B 253 14.21 -27.12 2.60
C PHE B 253 14.66 -27.70 3.92
N ALA B 254 15.34 -28.84 3.86
CA ALA B 254 16.02 -29.41 5.03
C ALA B 254 17.51 -29.40 4.73
N PRO B 255 18.28 -28.47 5.31
CA PRO B 255 19.69 -28.36 4.94
C PRO B 255 20.50 -29.61 5.26
N LEU B 256 20.15 -30.31 6.34
CA LEU B 256 20.92 -31.46 6.81
C LEU B 256 22.38 -31.09 6.99
N THR B 257 22.59 -29.84 7.42
CA THR B 257 23.89 -29.26 7.69
CA THR B 257 23.90 -29.29 7.70
C THR B 257 23.89 -28.68 9.09
N SER B 258 25.08 -28.51 9.66
CA SER B 258 25.20 -28.02 11.03
CA SER B 258 25.21 -28.02 11.03
C SER B 258 26.29 -26.96 11.10
N TYR B 259 26.14 -26.05 12.07
CA TYR B 259 27.23 -25.18 12.47
C TYR B 259 28.26 -25.99 13.25
N LYS B 260 29.51 -25.54 13.21
CA LYS B 260 30.48 -26.07 14.16
C LYS B 260 30.02 -25.83 15.58
N TYR B 261 29.58 -24.59 15.86
CA TYR B 261 28.99 -24.20 17.14
C TYR B 261 27.68 -23.51 16.85
N GLY B 262 26.60 -24.00 17.47
CA GLY B 262 25.30 -23.39 17.29
C GLY B 262 24.21 -24.38 16.94
N GLY B 263 24.59 -25.61 16.58
CA GLY B 263 23.62 -26.65 16.28
C GLY B 263 23.34 -26.81 14.80
N GLU B 264 22.32 -27.61 14.52
CA GLU B 264 21.93 -27.90 13.15
CA GLU B 264 21.96 -27.89 13.14
C GLU B 264 21.24 -26.70 12.52
N PHE B 265 21.46 -26.48 11.23
CA PHE B 265 20.73 -25.44 10.52
C PHE B 265 19.24 -25.79 10.52
N PRO B 266 18.35 -24.80 10.63
CA PRO B 266 16.92 -25.08 10.75
C PRO B 266 16.28 -25.44 9.42
N VAL B 267 15.27 -26.27 9.51
CA VAL B 267 14.47 -26.71 8.36
C VAL B 267 13.31 -25.76 8.15
N ARG B 268 12.88 -25.60 6.90
CA ARG B 268 11.66 -24.87 6.58
C ARG B 268 10.66 -25.82 5.95
N PRO B 269 9.44 -25.91 6.47
CA PRO B 269 8.44 -26.80 5.87
C PRO B 269 8.03 -26.30 4.50
N ASP B 270 7.53 -27.23 3.69
CA ASP B 270 6.83 -26.88 2.46
C ASP B 270 5.63 -25.99 2.78
N ASN B 271 5.31 -25.11 1.82
CA ASN B 271 3.98 -24.50 1.71
C ASN B 271 3.63 -23.65 2.93
N ILE B 272 4.55 -22.81 3.36
CA ILE B 272 4.29 -21.98 4.52
C ILE B 272 4.16 -20.53 4.09
N HIS B 273 3.30 -19.81 4.82
CA HIS B 273 3.20 -18.37 4.71
C HIS B 273 4.31 -17.72 5.53
N PHE B 274 4.78 -16.57 5.07
CA PHE B 274 5.72 -15.80 5.85
C PHE B 274 5.10 -15.34 7.16
N GLU B 275 5.86 -15.47 8.23
CA GLU B 275 5.48 -14.92 9.52
CA GLU B 275 5.49 -14.93 9.53
C GLU B 275 6.43 -13.79 9.89
N ASP B 276 5.92 -12.85 10.68
CA ASP B 276 6.76 -11.80 11.26
C ASP B 276 7.93 -12.44 12.01
N VAL B 277 9.09 -11.81 11.93
CA VAL B 277 10.28 -12.31 12.59
C VAL B 277 10.67 -11.32 13.68
N ASP B 278 10.53 -11.74 14.95
CA ASP B 278 10.82 -10.85 16.06
C ASP B 278 12.26 -10.37 15.99
N GLY B 279 12.46 -9.06 16.17
CA GLY B 279 13.77 -8.48 16.11
C GLY B 279 14.30 -8.21 14.72
N VAL B 280 13.52 -8.51 13.68
CA VAL B 280 13.98 -8.35 12.30
C VAL B 280 13.01 -7.42 11.57
N ALA B 281 11.82 -7.93 11.25
CA ALA B 281 10.82 -7.15 10.53
C ALA B 281 9.48 -7.85 10.56
N HIS B 282 8.42 -7.08 10.36
CA HIS B 282 7.11 -7.63 10.04
C HIS B 282 7.04 -7.93 8.56
N VAL B 283 6.26 -8.94 8.20
CA VAL B 283 6.04 -9.22 6.78
C VAL B 283 5.50 -7.98 6.07
N HIS B 284 4.60 -7.25 6.72
CA HIS B 284 4.05 -6.04 6.12
C HIS B 284 5.14 -5.00 5.88
N ASP B 285 6.16 -4.94 6.72
CA ASP B 285 7.25 -4.00 6.46
C ASP B 285 7.93 -4.31 5.13
N MET B 286 8.05 -5.60 4.80
CA MET B 286 8.67 -5.98 3.52
C MET B 286 7.81 -5.49 2.36
N GLU B 287 6.49 -5.61 2.48
CA GLU B 287 5.59 -5.15 1.43
C GLU B 287 5.69 -3.64 1.24
N ILE B 288 5.73 -2.88 2.34
CA ILE B 288 5.86 -1.43 2.23
C ILE B 288 7.18 -1.06 1.57
N THR B 289 8.26 -1.72 1.96
CA THR B 289 9.56 -1.42 1.36
C THR B 289 9.53 -1.68 -0.14
N GLU B 290 9.01 -2.85 -0.52
CA GLU B 290 8.85 -3.16 -1.94
C GLU B 290 8.04 -2.08 -2.64
N ASN B 291 6.93 -1.65 -2.04
CA ASN B 291 6.10 -0.62 -2.67
C ASN B 291 6.89 0.65 -2.88
N ARG B 292 7.70 1.05 -1.89
CA ARG B 292 8.46 2.29 -2.01
C ARG B 292 9.48 2.22 -3.13
N ILE B 293 10.13 1.07 -3.29
CA ILE B 293 11.10 0.91 -4.38
C ILE B 293 10.38 0.99 -5.72
N TYR B 294 9.24 0.31 -5.86
CA TYR B 294 8.49 0.42 -7.11
C TYR B 294 7.97 1.84 -7.34
N GLU B 295 7.68 2.59 -6.28
CA GLU B 295 7.31 3.99 -6.46
C GLU B 295 8.43 4.77 -7.11
N ALA B 296 9.67 4.53 -6.68
CA ALA B 296 10.81 5.23 -7.29
C ALA B 296 10.95 4.85 -8.77
N ILE B 297 10.86 3.55 -9.05
CA ILE B 297 11.00 3.09 -10.43
C ILE B 297 9.95 3.71 -11.31
N ASP B 298 8.69 3.70 -10.86
CA ASP B 298 7.60 4.19 -11.69
C ASP B 298 7.55 5.72 -11.73
N HIS B 299 8.11 6.41 -10.73
CA HIS B 299 8.27 7.85 -10.77
C HIS B 299 9.39 8.26 -11.72
N GLY B 300 10.39 7.39 -11.88
CA GLY B 300 11.60 7.76 -12.57
C GLY B 300 12.57 8.54 -11.72
N TYR B 301 12.38 8.54 -10.41
CA TYR B 301 13.33 9.20 -9.53
C TYR B 301 13.24 8.58 -8.15
N ILE B 302 14.36 8.59 -7.47
CA ILE B 302 14.48 8.24 -6.06
C ILE B 302 14.26 9.51 -5.25
N THR B 303 13.64 9.39 -4.09
CA THR B 303 13.37 10.55 -3.24
C THR B 303 14.44 10.63 -2.17
N ALA B 304 15.11 11.78 -2.10
CA ALA B 304 16.17 12.02 -1.12
C ALA B 304 15.57 12.28 0.26
N THR B 305 16.46 12.30 1.26
CA THR B 305 15.98 12.50 2.64
C THR B 305 15.25 13.82 2.82
N ASP B 306 15.60 14.85 2.02
CA ASP B 306 14.91 16.14 2.12
C ASP B 306 13.79 16.28 1.08
N GLY B 307 13.45 15.20 0.38
CA GLY B 307 12.36 15.20 -0.56
C GLY B 307 12.73 15.49 -2.00
N HIS B 308 13.94 15.96 -2.28
CA HIS B 308 14.24 16.31 -3.66
C HIS B 308 14.42 15.05 -4.51
N THR B 309 14.28 15.22 -5.82
CA THR B 309 14.29 14.10 -6.75
C THR B 309 15.72 13.75 -7.16
N ILE B 310 15.99 12.45 -7.25
CA ILE B 310 17.24 11.91 -7.75
C ILE B 310 16.91 11.14 -9.02
N ASP B 311 17.26 11.70 -10.16
CA ASP B 311 16.86 11.15 -11.44
C ASP B 311 17.43 9.76 -11.68
N ILE B 312 16.58 8.78 -12.03
CA ILE B 312 17.06 7.47 -12.41
C ILE B 312 16.70 7.12 -13.86
N ARG B 313 16.19 8.07 -14.64
CA ARG B 313 15.93 7.87 -16.07
C ARG B 313 17.20 8.12 -16.88
N GLN B 314 18.24 7.39 -16.51
CA GLN B 314 19.57 7.57 -17.07
CA GLN B 314 19.57 7.57 -17.07
C GLN B 314 20.37 6.31 -16.79
N PRO B 315 21.52 6.13 -17.46
CA PRO B 315 22.23 4.84 -17.31
C PRO B 315 22.63 4.49 -15.89
N LYS B 316 22.90 5.48 -15.03
CA LYS B 316 23.25 5.16 -13.64
CA LYS B 316 23.25 5.14 -13.65
C LYS B 316 22.03 4.77 -12.81
N GLY B 317 20.82 4.94 -13.34
CA GLY B 317 19.62 4.66 -12.56
C GLY B 317 19.59 3.24 -12.01
N ILE B 318 19.95 2.26 -12.85
CA ILE B 318 19.95 0.86 -12.38
C ILE B 318 20.94 0.68 -11.24
N GLU B 319 22.06 1.41 -11.26
CA GLU B 319 23.03 1.32 -10.18
C GLU B 319 22.47 1.92 -8.89
N LEU B 320 21.85 3.10 -8.99
CA LEU B 320 21.22 3.71 -7.81
C LEU B 320 20.14 2.81 -7.24
N LEU B 321 19.39 2.12 -8.11
CA LEU B 321 18.39 1.16 -7.63
C LEU B 321 19.06 0.03 -6.87
N GLY B 322 20.17 -0.49 -7.39
CA GLY B 322 20.91 -1.51 -6.65
C GLY B 322 21.35 -1.01 -5.29
N ASP B 323 21.83 0.24 -5.24
CA ASP B 323 22.21 0.84 -3.96
C ASP B 323 21.04 0.81 -2.96
N ILE B 324 19.83 1.16 -3.39
CA ILE B 324 18.73 1.26 -2.43
C ILE B 324 18.05 -0.07 -2.17
N ILE B 325 18.17 -1.04 -3.08
CA ILE B 325 17.48 -2.32 -2.94
C ILE B 325 18.27 -3.31 -2.08
N GLU B 326 19.60 -3.30 -2.17
CA GLU B 326 20.37 -4.36 -1.53
C GLU B 326 20.11 -4.41 -0.01
N SER B 327 20.15 -3.28 0.71
CA SER B 327 20.68 -1.98 0.31
C SER B 327 22.14 -1.90 0.77
N SER B 328 22.87 -0.96 0.20
CA SER B 328 24.24 -0.72 0.59
C SER B 328 24.37 0.65 1.24
N MET B 329 25.57 0.92 1.75
CA MET B 329 25.84 2.24 2.32
C MET B 329 25.88 3.33 1.27
N TYR B 330 25.79 2.98 -0.01
CA TYR B 330 25.62 3.98 -1.06
C TYR B 330 24.18 4.47 -1.19
N SER B 331 23.22 3.80 -0.54
CA SER B 331 21.83 4.25 -0.60
C SER B 331 21.72 5.70 -0.15
N PRO B 332 21.10 6.58 -0.94
CA PRO B 332 20.91 7.97 -0.49
CA PRO B 332 20.91 7.97 -0.49
C PRO B 332 19.83 8.12 0.58
N ASN B 333 19.04 7.09 0.86
CA ASN B 333 17.94 7.28 1.78
C ASN B 333 17.52 5.97 2.41
N ALA B 334 18.38 5.39 3.26
CA ALA B 334 18.03 4.12 3.91
C ALA B 334 16.92 4.28 4.93
N GLN B 335 16.73 5.47 5.48
CA GLN B 335 15.62 5.66 6.42
C GLN B 335 14.29 5.37 5.74
N TYR B 336 14.16 5.75 4.47
CA TYR B 336 12.92 5.55 3.75
C TYR B 336 12.88 4.22 2.99
N TYR B 337 13.97 3.86 2.31
CA TYR B 337 13.92 2.66 1.47
C TYR B 337 14.37 1.40 2.20
N GLY B 338 14.97 1.52 3.38
CA GLY B 338 15.27 0.33 4.16
C GLY B 338 16.34 -0.53 3.52
N SER B 339 16.16 -1.85 3.62
CA SER B 339 17.12 -2.81 3.09
C SER B 339 16.33 -4.06 2.70
N LEU B 340 15.63 -3.97 1.56
CA LEU B 340 14.71 -5.03 1.17
C LEU B 340 15.41 -6.38 1.05
N HIS B 341 16.49 -6.43 0.27
CA HIS B 341 17.12 -7.72 -0.05
C HIS B 341 17.78 -8.34 1.18
N ASN B 342 18.59 -7.55 1.92
CA ASN B 342 19.28 -8.12 3.07
C ASN B 342 18.30 -8.52 4.17
N THR B 343 17.29 -7.68 4.44
CA THR B 343 16.30 -8.09 5.42
C THR B 343 15.55 -9.32 4.94
N ALA B 344 15.28 -9.42 3.64
CA ALA B 344 14.60 -10.61 3.11
C ALA B 344 15.40 -11.87 3.38
N HIS B 345 16.72 -11.80 3.25
CA HIS B 345 17.55 -12.98 3.57
C HIS B 345 17.28 -13.45 5.00
N VAL B 346 17.19 -12.50 5.94
CA VAL B 346 16.96 -12.86 7.33
C VAL B 346 15.53 -13.33 7.55
N MET B 347 14.56 -12.63 6.95
CA MET B 347 13.16 -13.05 7.07
C MET B 347 13.02 -14.50 6.62
N LEU B 348 13.57 -14.82 5.45
CA LEU B 348 13.49 -16.19 4.94
CA LEU B 348 13.48 -16.19 4.95
C LEU B 348 14.26 -17.15 5.84
N GLY B 349 15.48 -16.77 6.24
CA GLY B 349 16.31 -17.65 7.03
C GLY B 349 15.71 -18.03 8.37
N ARG B 350 14.87 -17.17 8.95
CA ARG B 350 14.32 -17.37 10.28
CA ARG B 350 14.32 -17.39 10.28
C ARG B 350 12.94 -18.02 10.27
N GLN B 351 12.43 -18.44 9.11
CA GLN B 351 11.05 -18.94 9.06
C GLN B 351 10.88 -20.31 9.71
N GLY B 352 11.98 -20.99 10.07
CA GLY B 352 11.88 -22.19 10.87
C GLY B 352 11.71 -21.94 12.36
N ASP B 353 11.77 -20.68 12.78
CA ASP B 353 11.68 -20.29 14.18
C ASP B 353 11.46 -18.79 14.25
N PRO B 354 10.38 -18.27 13.65
CA PRO B 354 10.29 -16.82 13.42
C PRO B 354 10.23 -15.99 14.68
N HIS B 355 9.79 -16.58 15.81
CA HIS B 355 9.68 -15.85 17.06
C HIS B 355 10.77 -16.20 18.04
N GLY B 356 11.75 -17.00 17.62
CA GLY B 356 12.83 -17.38 18.52
C GLY B 356 12.41 -18.28 19.65
N LYS B 357 11.24 -18.91 19.53
CA LYS B 357 10.73 -19.76 20.60
CA LYS B 357 10.75 -19.75 20.61
C LYS B 357 11.59 -21.00 20.80
N PHE B 358 12.16 -21.54 19.73
CA PHE B 358 12.86 -22.82 19.79
C PHE B 358 14.36 -22.66 19.86
N ASN B 359 14.86 -21.43 19.83
CA ASN B 359 16.29 -21.13 19.94
C ASN B 359 17.09 -21.77 18.80
N LEU B 360 16.50 -21.80 17.63
CA LEU B 360 17.28 -22.33 16.52
C LEU B 360 18.24 -21.25 16.01
N PRO B 361 19.38 -21.67 15.48
CA PRO B 361 20.36 -20.70 14.95
C PRO B 361 19.90 -20.14 13.61
N PRO B 362 20.60 -19.17 13.03
CA PRO B 362 20.15 -18.59 11.76
C PRO B 362 20.10 -19.63 10.64
N GLY B 363 19.20 -19.41 9.68
CA GLY B 363 19.07 -20.32 8.57
C GLY B 363 20.18 -20.19 7.54
N VAL B 364 20.18 -21.10 6.58
CA VAL B 364 21.22 -21.07 5.54
C VAL B 364 21.14 -19.78 4.73
N MET B 365 19.97 -19.16 4.65
CA MET B 365 19.84 -17.91 3.92
CA MET B 365 19.82 -17.90 3.92
C MET B 365 20.59 -16.76 4.57
N GLU B 366 21.08 -16.94 5.81
CA GLU B 366 21.72 -15.85 6.54
C GLU B 366 23.23 -15.92 6.48
N HIS B 367 23.77 -16.61 5.49
CA HIS B 367 25.21 -16.62 5.20
C HIS B 367 25.37 -16.72 3.70
N PHE B 368 26.31 -15.95 3.14
CA PHE B 368 26.54 -16.12 1.71
C PHE B 368 27.20 -17.46 1.40
N GLU B 369 27.86 -18.08 2.39
CA GLU B 369 28.45 -19.41 2.21
C GLU B 369 27.41 -20.44 1.84
N THR B 370 26.20 -20.29 2.38
CA THR B 370 25.21 -21.35 2.37
C THR B 370 23.92 -20.99 1.66
N ALA B 371 23.70 -19.71 1.31
CA ALA B 371 22.37 -19.27 0.92
C ALA B 371 21.85 -20.03 -0.29
N THR B 372 22.70 -20.27 -1.30
CA THR B 372 22.21 -20.89 -2.53
C THR B 372 21.85 -22.35 -2.35
N ARG B 373 22.20 -22.97 -1.21
CA ARG B 373 21.75 -24.33 -0.98
CA ARG B 373 21.75 -24.34 -0.95
C ARG B 373 20.23 -24.41 -0.87
N ASP B 374 19.61 -23.32 -0.41
CA ASP B 374 18.18 -23.29 -0.15
C ASP B 374 17.40 -22.99 -1.43
N PRO B 375 16.46 -23.84 -1.83
CA PRO B 375 15.63 -23.52 -3.00
C PRO B 375 15.01 -22.13 -2.98
N SER B 376 14.62 -21.64 -1.80
CA SER B 376 13.94 -20.35 -1.75
C SER B 376 14.86 -19.20 -2.12
N PHE B 377 16.18 -19.43 -2.10
CA PHE B 377 17.10 -18.41 -2.58
C PHE B 377 16.70 -17.95 -3.97
N PHE B 378 16.39 -18.89 -4.84
CA PHE B 378 16.13 -18.52 -6.23
C PHE B 378 14.74 -17.92 -6.42
N ARG B 379 13.78 -18.30 -5.59
CA ARG B 379 12.48 -17.62 -5.61
C ARG B 379 12.61 -16.19 -5.11
N LEU B 380 13.38 -15.98 -4.04
CA LEU B 380 13.64 -14.62 -3.56
C LEU B 380 14.35 -13.81 -4.62
N HIS B 381 15.37 -14.39 -5.25
CA HIS B 381 16.14 -13.57 -6.18
C HIS B 381 15.45 -13.37 -7.51
N LYS B 382 14.54 -14.26 -7.92
CA LYS B 382 13.74 -13.92 -9.09
C LYS B 382 12.79 -12.78 -8.79
N TYR B 383 12.18 -12.81 -7.59
CA TYR B 383 11.36 -11.70 -7.12
C TYR B 383 12.13 -10.38 -7.19
N MET B 384 13.35 -10.36 -6.66
CA MET B 384 14.14 -9.13 -6.70
C MET B 384 14.49 -8.76 -8.13
N ASP B 385 14.84 -9.77 -8.93
CA ASP B 385 15.21 -9.54 -10.33
C ASP B 385 14.07 -8.86 -11.09
N ASN B 386 12.82 -9.23 -10.77
CA ASN B 386 11.68 -8.61 -11.44
C ASN B 386 11.49 -7.16 -11.07
N ILE B 387 11.93 -6.76 -9.86
CA ILE B 387 11.92 -5.33 -9.52
C ILE B 387 12.85 -4.57 -10.44
N PHE B 388 14.11 -5.02 -10.53
CA PHE B 388 15.05 -4.42 -11.48
C PHE B 388 14.48 -4.41 -12.90
N LYS B 389 13.81 -5.49 -13.29
CA LYS B 389 13.33 -5.61 -14.66
C LYS B 389 12.24 -4.58 -14.97
N LYS B 390 11.44 -4.17 -13.98
CA LYS B 390 10.49 -3.11 -14.26
C LYS B 390 11.22 -1.84 -14.69
N HIS B 391 12.35 -1.56 -14.06
CA HIS B 391 13.14 -0.40 -14.44
C HIS B 391 13.77 -0.58 -15.81
N THR B 392 14.45 -1.71 -16.04
CA THR B 392 15.12 -1.88 -17.33
C THR B 392 14.11 -1.95 -18.48
N ASP B 393 12.91 -2.47 -18.21
CA ASP B 393 11.86 -2.51 -19.22
C ASP B 393 11.24 -1.14 -19.51
N SER B 394 11.50 -0.14 -18.67
CA SER B 394 10.86 1.16 -18.86
C SER B 394 11.50 1.99 -19.95
N PHE B 395 12.71 1.64 -20.37
CA PHE B 395 13.42 2.40 -21.40
C PHE B 395 12.95 2.02 -22.79
N PRO B 396 13.11 2.93 -23.76
CA PRO B 396 12.71 2.61 -25.13
C PRO B 396 13.55 1.46 -25.67
N PRO B 397 12.96 0.58 -26.46
CA PRO B 397 13.76 -0.45 -27.13
C PRO B 397 14.88 0.19 -27.93
N TYR B 398 15.98 -0.54 -28.04
CA TYR B 398 17.07 -0.11 -28.91
C TYR B 398 16.62 -0.08 -30.36
N THR B 399 17.17 0.86 -31.11
CA THR B 399 16.94 0.96 -32.54
C THR B 399 18.10 0.36 -33.30
N HIS B 400 17.93 0.22 -34.61
CA HIS B 400 19.02 -0.21 -35.48
C HIS B 400 20.25 0.67 -35.27
N ASP B 401 20.07 1.98 -35.27
CA ASP B 401 21.20 2.90 -35.10
C ASP B 401 21.85 2.79 -33.73
N ASP B 402 21.06 2.46 -32.70
CA ASP B 402 21.66 2.21 -31.38
C ASP B 402 22.63 1.05 -31.42
N LEU B 403 22.24 -0.02 -32.11
CA LEU B 403 22.93 -1.30 -32.02
C LEU B 403 24.02 -1.50 -33.07
N GLU B 404 23.91 -0.85 -34.23
CA GLU B 404 24.84 -1.16 -35.31
C GLU B 404 26.24 -0.67 -34.98
N PHE B 405 27.21 -1.56 -35.13
CA PHE B 405 28.63 -1.24 -35.17
C PHE B 405 28.97 -1.19 -36.67
N ALA B 406 28.95 0.02 -37.23
CA ALA B 406 29.00 0.15 -38.69
C ALA B 406 30.28 -0.43 -39.24
N GLY B 407 30.16 -1.15 -40.36
CA GLY B 407 31.30 -1.77 -40.97
C GLY B 407 31.77 -3.04 -40.32
N MET B 408 31.07 -3.54 -39.31
CA MET B 408 31.44 -4.76 -38.62
CA MET B 408 31.45 -4.77 -38.62
C MET B 408 30.31 -5.77 -38.77
N ALA B 409 30.59 -6.88 -39.42
CA ALA B 409 29.58 -7.90 -39.67
C ALA B 409 30.05 -9.22 -39.07
N VAL B 410 29.16 -9.87 -38.31
CA VAL B 410 29.41 -11.23 -37.85
C VAL B 410 28.93 -12.17 -38.95
N ASP B 411 29.87 -12.79 -39.66
CA ASP B 411 29.54 -13.66 -40.78
C ASP B 411 29.14 -15.05 -40.31
N GLY B 412 29.79 -15.55 -39.25
CA GLY B 412 29.60 -16.92 -38.83
C GLY B 412 29.97 -17.08 -37.37
N VAL B 413 29.23 -17.96 -36.70
CA VAL B 413 29.53 -18.36 -35.32
C VAL B 413 29.49 -19.88 -35.29
N ALA B 414 30.59 -20.49 -34.86
CA ALA B 414 30.68 -21.94 -34.76
C ALA B 414 31.51 -22.28 -33.54
N ILE B 415 31.40 -23.54 -33.09
CA ILE B 415 32.19 -24.01 -31.96
C ILE B 415 33.05 -25.16 -32.43
N ASP B 416 34.34 -25.08 -32.11
CA ASP B 416 35.30 -26.17 -32.29
C ASP B 416 35.26 -27.03 -31.04
N GLY B 417 34.76 -28.25 -31.17
CA GLY B 417 34.60 -29.18 -30.07
C GLY B 417 33.14 -29.34 -29.68
N GLU B 418 32.77 -30.55 -29.30
CA GLU B 418 31.39 -30.80 -28.88
CA GLU B 418 31.40 -30.79 -28.89
C GLU B 418 31.14 -30.18 -27.52
N LEU B 419 29.90 -29.74 -27.30
CA LEU B 419 29.47 -29.20 -26.01
C LEU B 419 28.93 -30.37 -25.20
N ILE B 420 29.70 -30.79 -24.20
CA ILE B 420 29.42 -32.01 -23.43
CA ILE B 420 29.30 -31.94 -23.42
C ILE B 420 29.61 -31.70 -21.96
N THR B 421 28.64 -32.06 -21.13
CA THR B 421 28.76 -31.96 -19.68
C THR B 421 28.78 -33.35 -19.08
N PHE B 422 29.25 -33.41 -17.84
CA PHE B 422 29.36 -34.67 -17.11
C PHE B 422 29.55 -34.32 -15.65
N PHE B 423 29.52 -35.33 -14.79
CA PHE B 423 29.90 -35.15 -13.40
C PHE B 423 31.23 -35.82 -13.15
N ASP B 424 32.10 -35.16 -12.38
CA ASP B 424 33.33 -35.80 -11.93
C ASP B 424 33.47 -35.60 -10.42
N GLU B 425 34.59 -36.06 -9.86
CA GLU B 425 34.77 -36.07 -8.42
C GLU B 425 35.84 -35.07 -8.00
N PHE B 426 35.62 -34.46 -6.84
CA PHE B 426 36.48 -33.42 -6.29
C PHE B 426 36.60 -33.63 -4.79
N GLN B 427 37.80 -33.43 -4.26
CA GLN B 427 38.10 -33.70 -2.86
CA GLN B 427 38.12 -33.71 -2.86
C GLN B 427 38.57 -32.44 -2.16
N TYR B 428 38.15 -32.27 -0.90
CA TYR B 428 38.67 -31.20 -0.07
C TYR B 428 38.82 -31.72 1.36
N SER B 429 39.69 -31.06 2.12
CA SER B 429 40.02 -31.52 3.45
C SER B 429 39.01 -31.05 4.49
N LEU B 430 38.68 -31.95 5.42
CA LEU B 430 37.82 -31.64 6.56
C LEU B 430 38.60 -31.44 7.86
N ILE B 431 39.93 -31.39 7.78
CA ILE B 431 40.73 -31.39 9.02
C ILE B 431 40.38 -30.22 9.92
N ASN B 432 40.12 -29.05 9.34
CA ASN B 432 39.84 -27.90 10.19
C ASN B 432 38.50 -28.00 10.91
N ALA B 433 37.64 -28.94 10.52
CA ALA B 433 36.35 -29.11 11.18
C ALA B 433 36.43 -29.92 12.45
N VAL B 434 37.46 -30.73 12.62
CA VAL B 434 37.54 -31.64 13.75
C VAL B 434 38.40 -31.01 14.85
N ASP B 435 38.35 -31.59 16.03
CA ASP B 435 39.11 -31.08 17.16
C ASP B 435 40.42 -31.84 17.26
N SER B 436 41.52 -31.12 17.38
CA SER B 436 42.81 -31.74 17.56
C SER B 436 43.17 -31.61 19.03
N GLY B 437 43.72 -32.67 19.59
CA GLY B 437 44.12 -32.60 20.98
C GLY B 437 45.43 -31.88 21.14
N GLU B 438 45.86 -31.81 22.40
CA GLU B 438 47.26 -31.50 22.67
C GLU B 438 48.08 -32.74 22.39
N SER B 439 49.11 -32.60 21.55
CA SER B 439 50.02 -33.69 21.21
C SER B 439 49.28 -34.88 20.61
N ILE B 440 48.44 -34.60 19.61
CA ILE B 440 47.68 -35.61 18.89
C ILE B 440 47.92 -35.41 17.40
N GLU B 441 48.47 -36.44 16.74
CA GLU B 441 48.82 -36.32 15.33
C GLU B 441 47.59 -36.18 14.45
N ASP B 442 47.64 -35.25 13.51
CA ASP B 442 46.59 -35.17 12.50
C ASP B 442 46.50 -36.48 11.74
N VAL B 443 45.29 -36.81 11.31
CA VAL B 443 45.07 -37.81 10.27
C VAL B 443 44.32 -37.13 9.13
N GLU B 444 44.57 -37.57 7.91
CA GLU B 444 43.94 -36.97 6.74
CA GLU B 444 43.93 -36.95 6.76
C GLU B 444 42.46 -37.34 6.70
N ILE B 445 41.59 -36.35 6.59
CA ILE B 445 40.15 -36.55 6.57
C ILE B 445 39.60 -35.70 5.44
N ASN B 446 39.08 -36.34 4.40
CA ASN B 446 38.62 -35.63 3.21
C ASN B 446 37.16 -35.91 2.92
N ALA B 447 36.53 -34.95 2.24
CA ALA B 447 35.22 -35.13 1.64
C ALA B 447 35.39 -35.24 0.13
N ARG B 448 34.62 -36.13 -0.49
CA ARG B 448 34.61 -36.25 -1.95
C ARG B 448 33.22 -35.93 -2.45
N VAL B 449 33.12 -34.95 -3.35
CA VAL B 449 31.85 -34.50 -3.89
C VAL B 449 31.84 -34.74 -5.40
N HIS B 450 30.65 -35.03 -5.93
CA HIS B 450 30.42 -35.07 -7.36
C HIS B 450 30.03 -33.67 -7.81
N ARG B 451 30.66 -33.18 -8.87
CA ARG B 451 30.45 -31.81 -9.34
C ARG B 451 30.27 -31.81 -10.84
N LEU B 452 29.43 -30.90 -11.32
CA LEU B 452 29.26 -30.74 -12.77
C LEU B 452 30.56 -30.29 -13.40
N ASN B 453 30.78 -30.69 -14.65
CA ASN B 453 31.93 -30.23 -15.41
C ASN B 453 31.57 -30.31 -16.89
N HIS B 454 32.46 -29.79 -17.73
CA HIS B 454 32.24 -29.82 -19.17
C HIS B 454 33.57 -29.97 -19.88
N LYS B 455 33.50 -30.39 -21.15
CA LYS B 455 34.71 -30.47 -21.96
C LYS B 455 35.09 -29.10 -22.50
N GLU B 456 36.39 -28.91 -22.75
CA GLU B 456 36.88 -27.69 -23.38
CA GLU B 456 36.85 -27.68 -23.35
C GLU B 456 36.33 -27.55 -24.78
N PHE B 457 36.11 -26.30 -25.20
CA PHE B 457 35.69 -26.00 -26.57
C PHE B 457 36.22 -24.62 -26.92
N THR B 458 36.10 -24.26 -28.18
CA THR B 458 36.59 -22.98 -28.68
C THR B 458 35.57 -22.33 -29.59
N TYR B 459 35.25 -21.06 -29.32
CA TYR B 459 34.42 -20.29 -30.23
C TYR B 459 35.22 -19.91 -31.46
N LYS B 460 34.57 -19.99 -32.61
CA LYS B 460 35.13 -19.53 -33.88
CA LYS B 460 35.12 -19.53 -33.89
C LYS B 460 34.12 -18.52 -34.42
N ILE B 461 34.47 -17.24 -34.33
CA ILE B 461 33.58 -16.16 -34.71
C ILE B 461 34.20 -15.45 -35.91
N THR B 462 33.59 -15.63 -37.06
CA THR B 462 34.12 -15.04 -38.30
C THR B 462 33.50 -13.67 -38.49
N VAL B 463 34.34 -12.66 -38.61
CA VAL B 463 33.91 -11.28 -38.61
C VAL B 463 34.50 -10.59 -39.83
N SER B 464 33.70 -9.76 -40.50
CA SER B 464 34.16 -8.95 -41.62
C SER B 464 34.20 -7.49 -41.17
N ASN B 465 35.39 -6.91 -41.18
CA ASN B 465 35.60 -5.51 -40.82
C ASN B 465 35.83 -4.73 -42.11
N SER B 466 34.83 -3.94 -42.49
CA SER B 466 34.91 -3.09 -43.67
CA SER B 466 34.90 -3.09 -43.68
C SER B 466 35.03 -1.61 -43.32
N ILE B 467 35.42 -1.30 -42.08
CA ILE B 467 35.51 0.09 -41.64
C ILE B 467 36.62 0.82 -42.38
N GLY B 468 37.71 0.14 -42.71
CA GLY B 468 38.86 0.77 -43.33
C GLY B 468 40.11 0.76 -42.47
N SER B 469 40.00 0.31 -41.22
CA SER B 469 41.14 0.22 -40.32
C SER B 469 40.81 -0.81 -39.26
N ASP B 470 41.85 -1.29 -38.58
CA ASP B 470 41.63 -2.21 -37.47
C ASP B 470 40.85 -1.50 -36.36
N HIS B 471 39.93 -2.22 -35.72
CA HIS B 471 39.11 -1.62 -34.68
C HIS B 471 38.94 -2.56 -33.51
N LEU B 472 38.98 -1.99 -32.31
CA LEU B 472 38.70 -2.73 -31.08
C LEU B 472 37.21 -3.09 -31.04
N ALA B 473 36.92 -4.33 -30.71
CA ALA B 473 35.55 -4.77 -30.64
C ALA B 473 35.34 -5.46 -29.30
N THR B 474 34.13 -5.34 -28.76
CA THR B 474 33.73 -6.13 -27.61
C THR B 474 32.92 -7.31 -28.12
N PHE B 475 33.31 -8.51 -27.72
CA PHE B 475 32.58 -9.72 -28.05
C PHE B 475 31.76 -10.14 -26.84
N ARG B 476 30.43 -10.15 -26.99
CA ARG B 476 29.52 -10.47 -25.91
C ARG B 476 28.79 -11.76 -26.27
N ILE B 477 28.96 -12.80 -25.46
CA ILE B 477 28.46 -14.14 -25.79
C ILE B 477 27.47 -14.59 -24.73
N PHE B 478 26.25 -14.94 -25.16
CA PHE B 478 25.19 -15.42 -24.30
C PHE B 478 24.63 -16.74 -24.81
N LEU B 479 24.10 -17.54 -23.88
CA LEU B 479 23.39 -18.76 -24.20
C LEU B 479 21.93 -18.55 -23.86
N CYS B 480 21.04 -18.79 -24.83
CA CYS B 480 19.63 -18.46 -24.68
C CYS B 480 18.77 -19.68 -24.95
N PRO B 481 17.67 -19.85 -24.22
CA PRO B 481 16.78 -20.99 -24.48
C PRO B 481 16.03 -20.78 -25.80
N ILE B 482 15.80 -21.88 -26.50
CA ILE B 482 14.95 -21.82 -27.70
C ILE B 482 13.50 -22.08 -27.36
N GLU B 483 13.25 -23.07 -26.52
CA GLU B 483 11.90 -23.36 -26.09
CA GLU B 483 11.92 -23.45 -26.10
C GLU B 483 11.87 -23.54 -24.58
N ASP B 484 10.66 -23.40 -24.03
CA ASP B 484 10.50 -23.57 -22.59
C ASP B 484 10.23 -25.04 -22.29
N ASN B 485 9.95 -25.33 -21.02
CA ASN B 485 9.75 -26.70 -20.56
C ASN B 485 8.46 -27.30 -21.09
N ASN B 486 7.59 -26.49 -21.69
CA ASN B 486 6.39 -26.98 -22.35
C ASN B 486 6.58 -27.16 -23.85
N GLY B 487 7.81 -26.96 -24.34
CA GLY B 487 8.06 -27.09 -25.76
C GLY B 487 7.58 -25.93 -26.61
N ILE B 488 7.32 -24.78 -25.99
CA ILE B 488 6.87 -23.60 -26.72
C ILE B 488 8.08 -22.80 -27.15
N THR B 489 8.14 -22.48 -28.43
CA THR B 489 9.24 -21.69 -28.96
C THR B 489 9.14 -20.26 -28.46
N LEU B 490 10.24 -19.74 -27.94
CA LEU B 490 10.24 -18.42 -27.32
C LEU B 490 10.61 -17.36 -28.35
N THR B 491 9.93 -16.22 -28.27
CA THR B 491 10.37 -15.05 -29.02
C THR B 491 11.66 -14.52 -28.42
N LEU B 492 12.35 -13.65 -29.17
CA LEU B 492 13.57 -13.05 -28.64
C LEU B 492 13.28 -12.27 -27.36
N ASP B 493 12.15 -11.56 -27.32
CA ASP B 493 11.79 -10.81 -26.12
C ASP B 493 11.59 -11.74 -24.94
N LYS B 494 11.02 -12.93 -25.17
CA LYS B 494 10.82 -13.90 -24.10
CA LYS B 494 10.81 -13.91 -24.11
C LYS B 494 12.08 -14.68 -23.78
N GLU B 495 13.08 -14.66 -24.64
CA GLU B 495 14.36 -15.32 -24.36
C GLU B 495 15.30 -14.42 -23.58
N ARG B 496 15.29 -13.12 -23.85
CA ARG B 496 16.46 -12.30 -23.53
C ARG B 496 16.76 -12.29 -22.04
N TRP B 497 15.71 -12.27 -21.19
CA TRP B 497 15.91 -12.19 -19.76
C TRP B 497 16.31 -13.52 -19.16
N LEU B 498 16.20 -14.59 -19.95
CA LEU B 498 16.59 -15.93 -19.54
C LEU B 498 18.00 -16.28 -19.98
N CYS B 499 18.60 -15.48 -20.86
CA CYS B 499 19.92 -15.79 -21.38
C CYS B 499 20.97 -15.71 -20.29
N ILE B 500 21.96 -16.58 -20.37
CA ILE B 500 23.06 -16.55 -19.41
C ILE B 500 24.32 -16.06 -20.12
N GLU B 501 25.09 -15.24 -19.42
CA GLU B 501 26.33 -14.71 -19.96
C GLU B 501 27.39 -15.81 -19.97
N LEU B 502 28.00 -16.04 -21.13
CA LEU B 502 29.11 -16.99 -21.23
C LEU B 502 30.47 -16.31 -21.35
N ASP B 503 30.53 -15.12 -21.93
CA ASP B 503 31.84 -14.51 -22.10
C ASP B 503 31.66 -13.05 -22.47
N LYS B 504 32.70 -12.27 -22.21
CA LYS B 504 32.82 -10.90 -22.71
C LYS B 504 34.31 -10.62 -22.87
N PHE B 505 34.73 -10.18 -24.05
CA PHE B 505 36.15 -9.88 -24.18
C PHE B 505 36.36 -8.81 -25.23
N PHE B 506 37.50 -8.12 -25.13
CA PHE B 506 37.85 -7.03 -26.03
C PHE B 506 38.99 -7.50 -26.92
N GLN B 507 38.84 -7.32 -28.24
CA GLN B 507 39.85 -7.79 -29.16
C GLN B 507 39.88 -6.93 -30.41
N LYS B 508 41.09 -6.60 -30.86
CA LYS B 508 41.25 -5.86 -32.09
CA LYS B 508 41.25 -5.86 -32.09
C LYS B 508 40.87 -6.74 -33.27
N VAL B 509 39.95 -6.25 -34.10
CA VAL B 509 39.54 -6.95 -35.32
C VAL B 509 40.23 -6.27 -36.49
N PRO B 510 41.12 -6.94 -37.21
CA PRO B 510 41.78 -6.31 -38.35
C PRO B 510 40.82 -6.12 -39.51
N SER B 511 41.19 -5.19 -40.39
CA SER B 511 40.47 -5.00 -41.65
C SER B 511 40.34 -6.33 -42.39
N GLY B 512 39.19 -6.51 -43.02
CA GLY B 512 38.93 -7.71 -43.79
C GLY B 512 38.17 -8.74 -43.00
N THR B 513 38.27 -9.98 -43.46
CA THR B 513 37.52 -11.10 -42.91
C THR B 513 38.45 -12.02 -42.14
N HIS B 514 38.13 -12.29 -40.88
CA HIS B 514 39.01 -13.05 -40.02
C HIS B 514 38.17 -13.80 -39.00
N THR B 515 38.69 -14.94 -38.54
CA THR B 515 38.02 -15.75 -37.54
C THR B 515 38.70 -15.55 -36.18
N ILE B 516 37.95 -15.01 -35.25
CA ILE B 516 38.38 -14.87 -33.86
C ILE B 516 38.19 -16.20 -33.17
N HIS B 517 39.21 -16.65 -32.43
CA HIS B 517 39.12 -17.85 -31.64
C HIS B 517 39.15 -17.48 -30.16
N ARG B 518 38.26 -18.10 -29.39
CA ARG B 518 38.20 -17.83 -27.96
C ARG B 518 37.94 -19.13 -27.23
N SER B 519 38.88 -19.51 -26.36
CA SER B 519 38.77 -20.74 -25.60
CA SER B 519 38.77 -20.74 -25.60
C SER B 519 37.73 -20.60 -24.50
N SER B 520 36.96 -21.67 -24.28
CA SER B 520 36.06 -21.72 -23.14
C SER B 520 36.82 -21.49 -21.84
N LYS B 521 38.09 -21.94 -21.78
CA LYS B 521 38.86 -21.78 -20.55
CA LYS B 521 38.92 -21.79 -20.59
C LYS B 521 39.18 -20.34 -20.23
N ASP B 522 39.06 -19.43 -21.20
CA ASP B 522 39.43 -18.04 -20.98
C ASP B 522 38.24 -17.14 -20.67
N SER B 523 37.05 -17.71 -20.46
CA SER B 523 35.85 -16.92 -20.18
C SER B 523 36.09 -15.90 -19.06
N SER B 524 35.62 -14.67 -19.29
CA SER B 524 35.65 -13.61 -18.28
C SER B 524 34.51 -13.73 -17.29
N VAL B 525 33.67 -14.76 -17.44
CA VAL B 525 32.61 -15.05 -16.50
C VAL B 525 33.06 -16.05 -15.43
N THR B 526 34.08 -16.86 -15.72
CA THR B 526 34.41 -17.98 -14.86
C THR B 526 35.82 -17.86 -14.29
N VAL B 527 36.05 -18.62 -13.23
CA VAL B 527 37.40 -18.81 -12.67
C VAL B 527 37.58 -20.29 -12.34
N PRO B 528 38.82 -20.77 -12.31
CA PRO B 528 39.05 -22.19 -12.04
C PRO B 528 38.74 -22.55 -10.59
N ASP B 529 38.74 -23.86 -10.33
CA ASP B 529 38.65 -24.34 -8.96
C ASP B 529 39.79 -23.77 -8.12
N MET B 530 39.49 -23.43 -6.88
CA MET B 530 40.49 -22.92 -5.94
C MET B 530 41.59 -23.95 -5.69
N PRO B 531 42.85 -23.52 -5.54
CA PRO B 531 43.87 -24.45 -5.01
C PRO B 531 43.54 -24.84 -3.57
N SER B 532 43.85 -26.07 -3.24
CA SER B 532 43.57 -26.56 -1.89
C SER B 532 44.45 -25.86 -0.85
N PHE B 533 43.94 -25.85 0.38
CA PHE B 533 44.73 -25.34 1.51
C PHE B 533 46.08 -26.06 1.59
N HIS B 534 46.07 -27.38 1.38
CA HIS B 534 47.32 -28.15 1.43
C HIS B 534 48.28 -27.69 0.35
N SER B 535 47.77 -27.41 -0.84
CA SER B 535 48.63 -26.95 -1.93
C SER B 535 49.19 -25.56 -1.64
N LEU B 536 48.36 -24.66 -1.10
CA LEU B 536 48.85 -23.33 -0.74
C LEU B 536 49.91 -23.41 0.35
N LYS B 537 49.71 -24.27 1.35
CA LYS B 537 50.73 -24.45 2.39
C LYS B 537 52.03 -24.96 1.80
N GLU B 538 51.94 -25.99 0.96
CA GLU B 538 53.15 -26.56 0.36
CA GLU B 538 53.15 -26.56 0.36
C GLU B 538 53.90 -25.52 -0.45
N GLN B 539 53.18 -24.76 -1.28
CA GLN B 539 53.87 -23.79 -2.13
C GLN B 539 54.44 -22.64 -1.33
N ALA B 540 53.69 -22.13 -0.36
CA ALA B 540 54.24 -21.08 0.50
C ALA B 540 55.45 -21.59 1.28
N ASP B 541 55.33 -22.79 1.87
CA ASP B 541 56.43 -23.33 2.68
C ASP B 541 57.66 -23.60 1.83
N ASN B 542 57.47 -24.17 0.64
CA ASN B 542 58.61 -24.44 -0.23
C ASN B 542 59.31 -23.15 -0.63
N ALA B 543 58.55 -22.10 -0.90
CA ALA B 543 59.15 -20.83 -1.29
C ALA B 543 59.91 -20.20 -0.12
N VAL B 544 59.27 -20.12 1.05
CA VAL B 544 59.93 -19.54 2.21
C VAL B 544 61.19 -20.33 2.57
N ASN B 545 61.12 -21.65 2.50
CA ASN B 545 62.26 -22.50 2.81
C ASN B 545 63.15 -22.60 1.58
N GLY B 546 64.30 -21.93 1.60
CA GLY B 546 65.21 -21.94 0.49
C GLY B 546 65.37 -20.62 -0.23
N GLY B 547 64.73 -19.57 0.27
CA GLY B 547 64.85 -18.25 -0.33
C GLY B 547 64.42 -18.23 -1.79
N SER B 548 63.24 -18.76 -2.06
CA SER B 548 62.68 -18.79 -3.41
C SER B 548 61.48 -17.86 -3.45
N ASP B 549 61.57 -16.83 -4.29
CA ASP B 549 60.45 -15.92 -4.51
C ASP B 549 59.19 -16.70 -4.86
N LEU B 550 58.24 -16.80 -3.93
CA LEU B 550 56.93 -17.33 -4.26
C LEU B 550 56.26 -16.35 -5.20
N ASP B 551 55.76 -16.87 -6.31
CA ASP B 551 54.89 -16.09 -7.18
C ASP B 551 53.73 -16.95 -7.57
N LEU B 552 52.53 -16.53 -7.20
CA LEU B 552 51.29 -17.23 -7.51
C LEU B 552 50.44 -16.45 -8.51
N SER B 553 51.06 -15.52 -9.24
CA SER B 553 50.38 -14.68 -10.20
C SER B 553 49.72 -15.54 -11.28
N ALA B 554 49.87 -16.85 -11.13
CA ALA B 554 49.25 -17.84 -12.01
C ALA B 554 47.82 -18.17 -11.62
N TYR B 555 47.40 -17.83 -10.40
CA TYR B 555 46.05 -18.14 -9.96
C TYR B 555 45.14 -16.93 -10.16
N GLU B 556 43.86 -17.20 -10.12
CA GLU B 556 42.84 -16.17 -10.28
C GLU B 556 42.15 -15.91 -8.95
N ARG B 557 41.30 -14.88 -8.98
CA ARG B 557 40.37 -14.57 -7.91
C ARG B 557 39.39 -15.71 -7.72
N SER B 558 38.71 -15.70 -6.57
CA SER B 558 37.70 -16.70 -6.26
C SER B 558 36.30 -16.23 -6.62
N CYS B 559 36.17 -14.99 -7.05
CA CYS B 559 34.91 -14.47 -7.58
C CYS B 559 34.77 -14.87 -9.04
N GLY B 560 33.65 -15.51 -9.38
CA GLY B 560 33.37 -15.93 -10.73
C GLY B 560 32.69 -17.29 -10.74
N ILE B 561 31.76 -17.49 -11.67
CA ILE B 561 31.15 -18.81 -11.85
C ILE B 561 32.27 -19.84 -12.00
N PRO B 562 32.23 -20.98 -11.33
CA PRO B 562 33.28 -21.98 -11.57
C PRO B 562 33.34 -22.35 -13.05
N GLU B 563 34.57 -22.45 -13.56
CA GLU B 563 34.77 -22.88 -14.94
CA GLU B 563 34.77 -22.88 -14.95
C GLU B 563 33.98 -24.15 -15.25
N ARG B 564 33.98 -25.09 -14.33
CA ARG B 564 33.28 -26.36 -14.53
C ARG B 564 31.79 -26.19 -14.73
N MET B 565 31.22 -25.06 -14.29
CA MET B 565 29.78 -24.83 -14.44
C MET B 565 29.46 -23.83 -15.55
N LEU B 566 30.38 -23.63 -16.49
CA LEU B 566 30.14 -22.66 -17.57
C LEU B 566 28.86 -22.98 -18.32
N LEU B 567 28.63 -24.25 -18.63
CA LEU B 567 27.47 -24.71 -19.38
C LEU B 567 26.40 -25.30 -18.46
N PRO B 568 25.14 -25.14 -18.82
CA PRO B 568 24.09 -25.86 -18.10
C PRO B 568 24.22 -27.36 -18.34
N LYS B 569 23.69 -28.13 -17.39
CA LYS B 569 23.81 -29.59 -17.46
C LYS B 569 23.29 -30.14 -18.79
N SER B 570 22.15 -29.63 -19.26
CA SER B 570 21.44 -30.19 -20.41
C SER B 570 20.97 -31.62 -20.13
N LYS B 571 20.60 -32.34 -21.19
CA LYS B 571 20.00 -33.67 -21.09
C LYS B 571 20.85 -34.70 -21.82
N PRO B 572 20.79 -35.97 -21.40
CA PRO B 572 21.51 -37.02 -22.14
C PRO B 572 21.11 -37.10 -23.60
N GLU B 573 19.85 -36.81 -23.92
CA GLU B 573 19.42 -36.84 -25.32
CA GLU B 573 19.35 -36.80 -25.30
C GLU B 573 19.83 -35.59 -26.09
N GLY B 574 20.45 -34.62 -25.44
CA GLY B 574 20.83 -33.36 -26.04
C GLY B 574 19.71 -32.34 -25.96
N MET B 575 20.10 -31.08 -25.89
CA MET B 575 19.17 -29.96 -26.01
C MET B 575 19.81 -28.94 -26.92
N GLU B 576 18.98 -28.23 -27.69
CA GLU B 576 19.46 -27.14 -28.52
C GLU B 576 19.20 -25.81 -27.85
N PHE B 577 20.18 -24.91 -27.97
CA PHE B 577 20.10 -23.57 -27.43
C PHE B 577 20.53 -22.59 -28.49
N ASN B 578 20.18 -21.33 -28.30
CA ASN B 578 20.69 -20.25 -29.14
C ASN B 578 21.97 -19.72 -28.51
N LEU B 579 23.06 -19.74 -29.28
CA LEU B 579 24.28 -19.05 -28.90
C LEU B 579 24.23 -17.68 -29.53
N PHE B 580 24.17 -16.65 -28.70
CA PHE B 580 23.94 -15.28 -29.14
C PHE B 580 25.24 -14.51 -29.02
N VAL B 581 25.69 -13.89 -30.12
CA VAL B 581 26.93 -13.12 -30.13
C VAL B 581 26.62 -11.71 -30.59
N ALA B 582 26.99 -10.73 -29.77
CA ALA B 582 26.93 -9.32 -30.15
C ALA B 582 28.35 -8.80 -30.17
N VAL B 583 28.76 -8.24 -31.30
CA VAL B 583 30.06 -7.61 -31.45
C VAL B 583 29.82 -6.10 -31.46
N THR B 584 30.36 -5.40 -30.48
CA THR B 584 30.05 -3.99 -30.31
C THR B 584 31.32 -3.16 -30.32
N ASP B 585 31.14 -1.84 -30.44
CA ASP B 585 32.25 -0.90 -30.66
C ASP B 585 33.12 -0.84 -29.42
N GLY B 586 34.29 -1.50 -29.47
CA GLY B 586 35.18 -1.55 -28.32
C GLY B 586 35.71 -0.18 -27.91
N ASP B 587 35.89 0.72 -28.87
CA ASP B 587 36.32 2.07 -28.52
C ASP B 587 35.28 2.76 -27.66
N LYS B 588 34.01 2.73 -28.10
CA LYS B 588 32.93 3.33 -27.32
C LYS B 588 32.78 2.63 -25.97
N ASP B 589 32.91 1.30 -25.96
CA ASP B 589 32.64 0.53 -24.75
C ASP B 589 33.70 0.75 -23.69
N THR B 590 34.94 1.04 -24.09
CA THR B 590 36.03 1.17 -23.12
C THR B 590 36.56 2.59 -23.00
N GLU B 591 35.97 3.56 -23.72
CA GLU B 591 36.28 4.98 -23.59
C GLU B 591 36.43 5.38 -22.12
N GLY B 592 37.46 6.17 -21.81
CA GLY B 592 37.71 6.51 -20.43
C GLY B 592 38.41 5.43 -19.64
N HIS B 593 38.73 4.30 -20.27
CA HIS B 593 39.57 3.26 -19.68
C HIS B 593 40.67 2.90 -20.66
N ASN B 594 41.05 1.62 -20.68
CA ASN B 594 42.10 1.12 -21.57
C ASN B 594 41.62 -0.23 -22.09
N GLY B 595 41.12 -0.25 -23.33
CA GLY B 595 40.42 -1.42 -23.83
C GLY B 595 41.31 -2.63 -23.98
N ASP B 596 42.48 -2.45 -24.60
CA ASP B 596 43.40 -3.55 -24.87
C ASP B 596 44.38 -3.80 -23.73
N HIS B 597 43.95 -3.63 -22.49
CA HIS B 597 44.78 -3.87 -21.32
CA HIS B 597 44.77 -3.85 -21.30
C HIS B 597 44.26 -5.06 -20.54
N ASP B 598 45.08 -5.53 -19.59
CA ASP B 598 44.72 -6.69 -18.78
C ASP B 598 43.57 -6.34 -17.83
N HIS B 599 42.43 -7.01 -18.00
CA HIS B 599 41.28 -6.82 -17.14
C HIS B 599 41.07 -7.99 -16.19
N GLY B 600 42.08 -8.84 -16.03
CA GLY B 600 41.92 -10.04 -15.22
C GLY B 600 41.00 -11.05 -15.91
N GLY B 601 40.70 -12.11 -15.17
CA GLY B 601 39.95 -13.23 -15.70
C GLY B 601 38.49 -13.29 -15.32
N THR B 602 37.96 -12.28 -14.65
CA THR B 602 36.60 -12.39 -14.14
C THR B 602 35.89 -11.04 -14.20
N HIS B 603 36.20 -10.23 -15.21
CA HIS B 603 35.65 -8.87 -15.20
C HIS B 603 34.17 -8.81 -15.53
N ALA B 604 33.57 -9.87 -16.09
CA ALA B 604 32.19 -9.75 -16.56
C ALA B 604 31.22 -9.47 -15.42
N GLN B 605 31.34 -10.21 -14.32
CA GLN B 605 30.47 -10.01 -13.18
C GLN B 605 31.19 -9.61 -11.91
N CYS B 606 32.50 -9.84 -11.85
CA CYS B 606 33.30 -9.57 -10.66
C CYS B 606 34.21 -8.36 -10.84
N GLY B 607 34.15 -7.69 -11.99
CA GLY B 607 34.96 -6.51 -12.18
C GLY B 607 36.45 -6.80 -12.15
N VAL B 608 37.22 -5.71 -11.99
CA VAL B 608 38.67 -5.73 -12.01
C VAL B 608 39.15 -5.21 -10.66
N HIS B 609 39.96 -6.02 -9.97
CA HIS B 609 40.47 -5.64 -8.65
CA HIS B 609 40.43 -5.62 -8.65
C HIS B 609 41.15 -4.28 -8.70
N GLY B 610 40.69 -3.36 -7.88
CA GLY B 610 41.33 -2.06 -7.74
C GLY B 610 41.19 -1.15 -8.94
N GLU B 611 40.26 -1.41 -9.84
CA GLU B 611 40.13 -0.59 -11.03
C GLU B 611 38.66 -0.35 -11.35
N ALA B 612 38.43 0.65 -12.19
CA ALA B 612 37.09 0.91 -12.69
C ALA B 612 36.58 -0.29 -13.49
N TYR B 613 35.26 -0.40 -13.56
CA TYR B 613 34.67 -1.48 -14.36
C TYR B 613 34.93 -1.18 -15.84
N PRO B 614 35.44 -2.14 -16.62
CA PRO B 614 36.06 -1.79 -17.92
C PRO B 614 35.10 -1.57 -19.07
N ASP B 615 33.81 -1.84 -18.91
CA ASP B 615 32.82 -1.81 -19.98
C ASP B 615 31.77 -0.77 -19.62
N ASN B 616 31.64 0.27 -20.46
CA ASN B 616 30.72 1.36 -20.16
C ASN B 616 29.27 1.00 -20.43
N ARG B 617 29.01 -0.06 -21.19
CA ARG B 617 27.64 -0.41 -21.53
C ARG B 617 26.87 -0.87 -20.30
N PRO B 618 25.54 -0.71 -20.29
CA PRO B 618 24.74 -1.29 -19.21
C PRO B 618 25.01 -2.77 -19.08
N LEU B 619 25.03 -3.27 -17.84
CA LEU B 619 25.18 -4.70 -17.65
C LEU B 619 24.05 -5.44 -18.37
N GLY B 620 24.41 -6.46 -19.12
CA GLY B 620 23.44 -7.18 -19.92
C GLY B 620 23.30 -6.72 -21.35
N TYR B 621 24.02 -5.68 -21.73
CA TYR B 621 23.93 -5.15 -23.09
C TYR B 621 24.24 -6.23 -24.12
N PRO B 622 23.46 -6.34 -25.21
CA PRO B 622 22.32 -5.52 -25.63
C PRO B 622 20.96 -6.15 -25.35
N LEU B 623 20.90 -7.04 -24.38
CA LEU B 623 19.69 -7.80 -24.10
C LEU B 623 18.86 -7.23 -22.96
N GLU B 624 19.26 -6.10 -22.39
CA GLU B 624 18.67 -5.65 -21.14
C GLU B 624 17.47 -4.72 -21.33
N ARG B 625 17.14 -4.35 -22.57
CA ARG B 625 15.93 -3.60 -22.88
C ARG B 625 14.92 -4.48 -23.61
N ARG B 626 13.65 -4.08 -23.56
CA ARG B 626 12.62 -4.83 -24.30
C ARG B 626 12.95 -4.90 -25.78
N ILE B 627 12.64 -6.04 -26.38
CA ILE B 627 12.83 -6.24 -27.82
C ILE B 627 11.47 -6.66 -28.40
N PRO B 628 10.52 -5.74 -28.51
CA PRO B 628 9.19 -6.12 -29.01
C PRO B 628 9.19 -6.50 -30.47
N ASP B 629 10.19 -6.04 -31.23
CA ASP B 629 10.26 -6.21 -32.68
C ASP B 629 11.60 -6.85 -32.99
N GLU B 630 11.59 -8.16 -33.23
CA GLU B 630 12.82 -8.88 -33.50
CA GLU B 630 12.83 -8.86 -33.49
C GLU B 630 13.49 -8.44 -34.80
N ARG B 631 12.72 -7.81 -35.71
CA ARG B 631 13.31 -7.32 -36.96
C ARG B 631 14.45 -6.35 -36.70
N VAL B 632 14.38 -5.61 -35.60
CA VAL B 632 15.44 -4.65 -35.30
C VAL B 632 16.77 -5.38 -35.10
N PHE B 633 16.75 -6.46 -34.31
CA PHE B 633 17.98 -7.21 -34.07
C PHE B 633 18.45 -7.93 -35.33
N ASP B 634 17.52 -8.52 -36.09
CA ASP B 634 17.90 -9.26 -37.28
C ASP B 634 18.53 -8.36 -38.33
N GLY B 635 18.26 -7.06 -38.29
CA GLY B 635 18.81 -6.15 -39.27
C GLY B 635 20.17 -5.59 -38.93
N VAL B 636 20.75 -6.00 -37.81
CA VAL B 636 22.01 -5.48 -37.31
C VAL B 636 23.11 -6.47 -37.67
N PRO B 637 24.05 -6.13 -38.56
CA PRO B 637 25.01 -7.14 -39.03
C PRO B 637 25.97 -7.61 -37.96
N ASN B 638 26.22 -6.83 -36.91
CA ASN B 638 27.17 -7.22 -35.87
C ASN B 638 26.53 -8.03 -34.76
N ILE B 639 25.29 -8.50 -34.93
CA ILE B 639 24.64 -9.43 -34.01
C ILE B 639 24.31 -10.69 -34.78
N LYS B 640 24.60 -11.85 -34.20
CA LYS B 640 24.22 -13.10 -34.84
C LYS B 640 23.97 -14.14 -33.76
N HIS B 641 22.94 -14.97 -33.95
CA HIS B 641 22.82 -16.13 -33.11
C HIS B 641 22.73 -17.38 -33.97
N VAL B 642 23.22 -18.49 -33.42
CA VAL B 642 23.23 -19.78 -34.09
C VAL B 642 22.79 -20.83 -33.08
N VAL B 643 22.32 -21.96 -33.59
CA VAL B 643 21.85 -23.05 -32.75
C VAL B 643 23.04 -23.94 -32.39
N VAL B 644 23.18 -24.24 -31.10
CA VAL B 644 24.18 -25.20 -30.63
C VAL B 644 23.47 -26.26 -29.81
N LYS B 645 24.11 -27.43 -29.72
CA LYS B 645 23.57 -28.58 -28.99
CA LYS B 645 23.57 -28.58 -28.99
C LYS B 645 24.52 -28.92 -27.85
N ILE B 646 23.97 -29.08 -26.64
CA ILE B 646 24.73 -29.52 -25.47
C ILE B 646 24.21 -30.90 -25.06
N VAL B 647 25.11 -31.84 -24.84
CA VAL B 647 24.74 -33.20 -24.47
C VAL B 647 25.32 -33.50 -23.09
N HIS B 648 24.50 -34.08 -22.21
CA HIS B 648 25.00 -34.52 -20.92
C HIS B 648 25.41 -35.99 -21.00
N HIS B 649 26.60 -36.31 -20.48
CA HIS B 649 27.06 -37.68 -20.42
C HIS B 649 26.92 -38.18 -18.99
N PRO B 650 25.95 -39.03 -18.67
CA PRO B 650 25.71 -39.52 -17.31
C PRO B 650 26.65 -40.65 -16.88
N ALA C 1 -19.21 11.46 -56.77
CA ALA C 1 -18.14 10.56 -56.36
C ALA C 1 -17.97 10.56 -54.84
N SER C 2 -17.81 11.76 -54.29
CA SER C 2 -17.83 11.97 -52.84
C SER C 2 -19.16 12.54 -52.36
N SER C 3 -20.21 12.38 -53.15
CA SER C 3 -21.55 12.75 -52.69
C SER C 3 -21.97 11.82 -51.55
N THR C 4 -22.93 12.29 -50.74
CA THR C 4 -23.41 11.51 -49.61
C THR C 4 -23.91 10.14 -50.06
N ALA C 5 -24.63 10.08 -51.19
CA ALA C 5 -25.16 8.80 -51.66
C ALA C 5 -24.04 7.81 -51.96
N HIS C 6 -23.00 8.26 -52.65
CA HIS C 6 -21.91 7.35 -53.00
C HIS C 6 -21.09 6.95 -51.78
N LYS C 7 -20.78 7.90 -50.90
CA LYS C 7 -20.03 7.55 -49.70
C LYS C 7 -20.81 6.56 -48.84
N GLN C 8 -22.11 6.80 -48.67
CA GLN C 8 -22.92 5.87 -47.88
C GLN C 8 -22.95 4.50 -48.53
N GLN C 9 -23.13 4.44 -49.84
CA GLN C 9 -23.17 3.15 -50.51
C GLN C 9 -21.82 2.44 -50.36
N ASP C 10 -20.73 3.18 -50.50
CA ASP C 10 -19.41 2.58 -50.34
C ASP C 10 -19.26 1.95 -48.96
N ILE C 11 -19.67 2.68 -47.92
CA ILE C 11 -19.57 2.15 -46.56
C ILE C 11 -20.49 0.94 -46.39
N ASN C 12 -21.72 1.02 -46.91
CA ASN C 12 -22.63 -0.14 -46.88
C ASN C 12 -21.95 -1.37 -47.50
N HIS C 13 -21.32 -1.19 -48.67
CA HIS C 13 -20.73 -2.32 -49.37
C HIS C 13 -19.54 -2.88 -48.61
N LEU C 14 -18.71 -2.01 -48.05
CA LEU C 14 -17.53 -2.44 -47.31
C LEU C 14 -17.90 -3.28 -46.09
N LEU C 15 -19.04 -2.98 -45.46
CA LEU C 15 -19.44 -3.67 -44.24
C LEU C 15 -20.35 -4.86 -44.49
N ASP C 16 -20.75 -5.06 -45.75
CA ASP C 16 -21.64 -6.16 -46.12
C ASP C 16 -20.89 -7.48 -46.08
N LYS C 17 -21.52 -8.51 -45.50
CA LYS C 17 -20.96 -9.85 -45.38
C LYS C 17 -19.49 -9.82 -45.01
N ILE C 18 -19.22 -9.25 -43.83
CA ILE C 18 -17.88 -8.85 -43.45
C ILE C 18 -16.93 -10.04 -43.28
N TYR C 19 -17.44 -11.26 -43.11
CA TYR C 19 -16.56 -12.39 -42.88
C TYR C 19 -16.12 -13.07 -44.18
N GLU C 20 -16.55 -12.58 -45.32
CA GLU C 20 -16.19 -13.16 -46.60
C GLU C 20 -15.52 -12.09 -47.46
N ASP C 21 -14.69 -12.55 -48.40
CA ASP C 21 -14.15 -11.65 -49.42
C ASP C 21 -15.28 -10.87 -50.07
N THR C 22 -14.99 -9.64 -50.47
CA THR C 22 -16.06 -8.78 -50.98
C THR C 22 -16.68 -9.37 -52.23
N LYS C 23 -18.00 -9.21 -52.33
CA LYS C 23 -18.76 -9.70 -53.47
C LYS C 23 -19.05 -8.61 -54.47
N TYR C 24 -18.57 -7.39 -54.23
CA TYR C 24 -18.79 -6.27 -55.13
C TYR C 24 -17.63 -6.17 -56.11
N PRO C 25 -17.88 -6.32 -57.42
CA PRO C 25 -16.75 -6.33 -58.37
C PRO C 25 -15.88 -5.08 -58.30
N ASP C 26 -16.48 -3.91 -58.10
CA ASP C 26 -15.68 -2.69 -58.04
C ASP C 26 -14.75 -2.69 -56.83
N LEU C 27 -15.21 -3.21 -55.70
CA LEU C 27 -14.33 -3.31 -54.53
C LEU C 27 -13.28 -4.37 -54.74
N GLN C 28 -13.65 -5.50 -55.37
CA GLN C 28 -12.67 -6.53 -55.72
CA GLN C 28 -12.64 -6.51 -55.69
C GLN C 28 -11.54 -5.94 -56.56
N GLU C 29 -11.90 -5.14 -57.56
CA GLU C 29 -10.90 -4.58 -58.47
CA GLU C 29 -10.92 -4.56 -58.47
C GLU C 29 -9.99 -3.60 -57.73
N ILE C 30 -10.54 -2.81 -56.82
CA ILE C 30 -9.73 -1.88 -56.05
C ILE C 30 -8.76 -2.65 -55.15
N ALA C 31 -9.27 -3.68 -54.46
CA ALA C 31 -8.41 -4.42 -53.54
C ALA C 31 -7.29 -5.13 -54.30
N LYS C 32 -7.53 -5.47 -55.57
CA LYS C 32 -6.52 -6.15 -56.36
C LYS C 32 -5.46 -5.18 -56.89
N ASN C 33 -5.87 -3.97 -57.29
CA ASN C 33 -5.00 -3.13 -58.09
C ASN C 33 -4.56 -1.84 -57.40
N PHE C 34 -5.25 -1.40 -56.36
CA PHE C 34 -4.88 -0.16 -55.69
C PHE C 34 -3.60 -0.37 -54.89
N ASN C 35 -2.73 0.64 -54.91
CA ASN C 35 -1.49 0.64 -54.15
C ASN C 35 -1.54 1.78 -53.15
N PRO C 36 -1.67 1.50 -51.84
CA PRO C 36 -1.70 2.58 -50.83
C PRO C 36 -0.50 3.51 -50.90
N LEU C 37 0.60 3.04 -51.50
CA LEU C 37 1.82 3.82 -51.62
C LEU C 37 2.03 4.35 -53.03
N GLY C 38 1.08 4.15 -53.94
CA GLY C 38 1.30 4.52 -55.33
C GLY C 38 1.35 6.02 -55.54
N ASP C 39 0.62 6.78 -54.73
CA ASP C 39 0.55 8.24 -54.90
C ASP C 39 0.38 8.83 -53.50
N THR C 40 1.50 9.14 -52.85
CA THR C 40 1.38 9.55 -51.46
C THR C 40 0.92 11.00 -51.32
N SER C 41 0.67 11.69 -52.43
CA SER C 41 0.09 13.03 -52.35
C SER C 41 -1.37 13.00 -51.90
N MET C 42 -1.98 11.81 -51.83
CA MET C 42 -3.35 11.74 -51.34
C MET C 42 -3.43 11.87 -49.82
N TYR C 43 -2.30 11.86 -49.12
CA TYR C 43 -2.27 11.83 -47.66
C TYR C 43 -1.71 13.13 -47.10
N ASN C 44 -2.31 13.61 -46.00
CA ASN C 44 -1.79 14.81 -45.34
C ASN C 44 -0.44 14.60 -44.69
N ASP C 45 0.01 13.36 -44.53
CA ASP C 45 1.33 13.04 -43.99
C ASP C 45 2.27 12.49 -45.05
N GLN C 46 1.93 12.65 -46.33
CA GLN C 46 2.77 12.22 -47.44
C GLN C 46 3.08 10.73 -47.38
N GLY C 47 2.19 9.94 -46.78
CA GLY C 47 2.30 8.51 -46.83
C GLY C 47 2.92 7.85 -45.62
N ALA C 48 3.25 8.59 -44.56
CA ALA C 48 3.92 7.96 -43.43
C ALA C 48 3.09 6.84 -42.85
N ALA C 49 1.80 7.08 -42.62
CA ALA C 49 0.96 6.05 -42.01
C ALA C 49 0.79 4.84 -42.94
N ALA C 50 0.66 5.09 -44.24
CA ALA C 50 0.51 3.97 -45.17
C ALA C 50 1.78 3.13 -45.22
N GLU C 51 2.95 3.77 -45.14
CA GLU C 51 4.20 3.03 -45.11
C GLU C 51 4.27 2.10 -43.90
N VAL C 52 3.86 2.61 -42.74
CA VAL C 52 3.87 1.78 -41.52
C VAL C 52 3.02 0.54 -41.73
N LEU C 53 1.79 0.73 -42.21
CA LEU C 53 0.87 -0.39 -42.31
C LEU C 53 1.32 -1.37 -43.40
N MET C 54 1.79 -0.85 -44.55
CA MET C 54 2.22 -1.73 -45.62
C MET C 54 3.42 -2.57 -45.18
N LYS C 55 4.32 -2.00 -44.38
CA LYS C 55 5.45 -2.79 -43.91
C LYS C 55 4.99 -3.92 -43.00
N GLU C 56 4.05 -3.64 -42.08
CA GLU C 56 3.51 -4.69 -41.24
C GLU C 56 2.82 -5.76 -42.07
N LEU C 57 2.03 -5.35 -43.06
CA LEU C 57 1.36 -6.30 -43.94
C LEU C 57 2.37 -7.17 -44.68
N ASN C 58 3.34 -6.53 -45.35
CA ASN C 58 4.28 -7.26 -46.18
C ASN C 58 5.17 -8.19 -45.36
N ASP C 59 5.44 -7.85 -44.10
CA ASP C 59 6.24 -8.72 -43.24
C ASP C 59 5.41 -9.78 -42.54
N HIS C 60 4.11 -9.88 -42.87
CA HIS C 60 3.23 -10.90 -42.30
C HIS C 60 3.11 -10.79 -40.79
N ARG C 61 3.00 -9.56 -40.31
CA ARG C 61 2.93 -9.29 -38.87
C ARG C 61 1.52 -8.96 -38.39
N LEU C 62 0.53 -8.96 -39.27
CA LEU C 62 -0.82 -8.60 -38.90
C LEU C 62 -1.65 -9.82 -38.53
N LEU C 63 -2.64 -9.60 -37.66
CA LEU C 63 -3.55 -10.65 -37.27
C LEU C 63 -4.28 -11.22 -38.49
N GLU C 64 -4.37 -12.55 -38.54
CA GLU C 64 -5.03 -13.22 -39.66
C GLU C 64 -6.53 -12.92 -39.68
N GLN C 65 -7.14 -13.09 -40.85
CA GLN C 65 -8.59 -13.04 -40.92
C GLN C 65 -9.18 -14.27 -40.24
N HIS C 66 -10.46 -14.17 -39.89
CA HIS C 66 -11.20 -15.22 -39.20
C HIS C 66 -10.56 -15.55 -37.84
N HIS C 67 -10.51 -14.51 -37.01
CA HIS C 67 -9.91 -14.62 -35.69
C HIS C 67 -10.56 -13.58 -34.80
N TRP C 68 -10.75 -13.92 -33.54
CA TRP C 68 -11.31 -12.95 -32.60
C TRP C 68 -10.43 -11.71 -32.56
N TYR C 69 -11.07 -10.59 -32.24
CA TYR C 69 -10.42 -9.30 -32.08
C TYR C 69 -10.92 -8.68 -30.79
N SER C 70 -10.01 -8.10 -30.00
CA SER C 70 -10.40 -7.34 -28.83
C SER C 70 -9.68 -6.01 -28.82
N LEU C 71 -10.44 -4.93 -28.72
CA LEU C 71 -9.87 -3.59 -28.61
C LEU C 71 -8.95 -3.45 -27.41
N PHE C 72 -9.12 -4.29 -26.39
CA PHE C 72 -8.25 -4.24 -25.22
C PHE C 72 -6.97 -5.03 -25.41
N ASN C 73 -6.79 -5.72 -26.52
CA ASN C 73 -5.53 -6.39 -26.82
C ASN C 73 -4.58 -5.40 -27.46
N ALA C 74 -3.44 -5.13 -26.80
CA ALA C 74 -2.58 -4.02 -27.22
C ALA C 74 -2.16 -4.15 -28.68
N ARG C 75 -1.64 -5.31 -29.08
CA ARG C 75 -1.14 -5.43 -30.44
C ARG C 75 -2.27 -5.38 -31.46
N GLN C 76 -3.40 -6.03 -31.17
CA GLN C 76 -4.51 -5.98 -32.12
C GLN C 76 -5.06 -4.57 -32.24
N ARG C 77 -5.13 -3.84 -31.13
CA ARG C 77 -5.55 -2.45 -31.20
C ARG C 77 -4.57 -1.64 -32.03
N GLU C 78 -3.26 -1.83 -31.79
CA GLU C 78 -2.24 -1.12 -32.57
CA GLU C 78 -2.27 -1.10 -32.57
C GLU C 78 -2.44 -1.35 -34.07
N GLU C 79 -2.75 -2.59 -34.46
CA GLU C 79 -2.97 -2.92 -35.87
C GLU C 79 -4.22 -2.22 -36.41
N ALA C 80 -5.32 -2.27 -35.67
CA ALA C 80 -6.52 -1.53 -36.10
C ALA C 80 -6.25 -0.03 -36.23
N LEU C 81 -5.51 0.55 -35.28
CA LEU C 81 -5.21 1.97 -35.34
C LEU C 81 -4.23 2.31 -36.46
N MET C 82 -3.44 1.36 -36.93
CA MET C 82 -2.63 1.61 -38.12
C MET C 82 -3.51 1.88 -39.33
N LEU C 83 -4.62 1.13 -39.46
CA LEU C 83 -5.53 1.40 -40.56
C LEU C 83 -6.30 2.70 -40.33
N PHE C 84 -6.76 2.92 -39.09
CA PHE C 84 -7.38 4.21 -38.79
C PHE C 84 -6.45 5.37 -39.18
N ALA C 85 -5.16 5.25 -38.84
CA ALA C 85 -4.22 6.34 -39.14
C ALA C 85 -4.14 6.62 -40.64
N VAL C 86 -4.20 5.57 -41.47
CA VAL C 86 -4.17 5.76 -42.92
C VAL C 86 -5.44 6.47 -43.37
N LEU C 87 -6.61 5.95 -42.98
CA LEU C 87 -7.88 6.57 -43.35
C LEU C 87 -7.93 8.02 -42.89
N ASN C 88 -7.42 8.29 -41.70
CA ASN C 88 -7.45 9.63 -41.12
C ASN C 88 -6.57 10.61 -41.88
N GLN C 89 -5.58 10.12 -42.62
CA GLN C 89 -4.69 10.99 -43.39
C GLN C 89 -5.21 11.27 -44.79
N CYS C 90 -6.22 10.54 -45.24
CA CYS C 90 -6.73 10.71 -46.59
C CYS C 90 -7.32 12.10 -46.77
N LYS C 91 -6.90 12.78 -47.85
CA LYS C 91 -7.41 14.11 -48.13
C LYS C 91 -8.81 14.05 -48.72
N VAL C 92 -9.06 13.04 -49.56
CA VAL C 92 -10.30 12.99 -50.33
C VAL C 92 -10.87 11.57 -50.25
N TRP C 93 -12.15 11.47 -50.60
CA TRP C 93 -12.88 10.23 -50.35
C TRP C 93 -12.30 9.04 -51.10
N HIS C 94 -11.85 9.25 -52.35
CA HIS C 94 -11.37 8.11 -53.10
C HIS C 94 -10.17 7.45 -52.41
N CYS C 95 -9.34 8.25 -51.71
CA CYS C 95 -8.28 7.68 -50.89
C CYS C 95 -8.85 6.85 -49.75
N PHE C 96 -9.87 7.39 -49.08
CA PHE C 96 -10.50 6.71 -47.95
C PHE C 96 -11.16 5.42 -48.41
N ARG C 97 -11.94 5.49 -49.48
CA ARG C 97 -12.61 4.31 -50.01
C ARG C 97 -11.61 3.26 -50.49
N ASN C 98 -10.56 3.68 -51.20
CA ASN C 98 -9.67 2.70 -51.81
C ASN C 98 -8.82 2.02 -50.76
N ASN C 99 -8.33 2.77 -49.79
CA ASN C 99 -7.60 2.14 -48.70
C ASN C 99 -8.51 1.23 -47.89
N ALA C 100 -9.76 1.63 -47.65
CA ALA C 100 -10.68 0.75 -46.95
C ALA C 100 -10.88 -0.55 -47.72
N ALA C 101 -11.10 -0.45 -49.04
CA ALA C 101 -11.31 -1.66 -49.84
C ALA C 101 -10.07 -2.53 -49.86
N TYR C 102 -8.90 -1.90 -50.05
CA TYR C 102 -7.66 -2.67 -50.09
C TYR C 102 -7.44 -3.43 -48.79
N PHE C 103 -7.57 -2.75 -47.65
CA PHE C 103 -7.24 -3.39 -46.40
C PHE C 103 -8.36 -4.27 -45.87
N ARG C 104 -9.59 -4.07 -46.31
CA ARG C 104 -10.64 -5.02 -45.97
C ARG C 104 -10.25 -6.44 -46.34
N GLU C 105 -9.59 -6.61 -47.50
CA GLU C 105 -9.27 -7.94 -47.99
C GLU C 105 -7.95 -8.46 -47.46
N GLN C 106 -7.21 -7.64 -46.74
CA GLN C 106 -5.94 -8.05 -46.15
C GLN C 106 -5.98 -8.25 -44.65
N MET C 107 -6.80 -7.49 -43.94
CA MET C 107 -6.74 -7.40 -42.48
CA MET C 107 -6.69 -7.49 -42.49
C MET C 107 -7.87 -8.17 -41.80
N ASN C 108 -7.63 -8.52 -40.54
CA ASN C 108 -8.63 -9.15 -39.70
C ASN C 108 -9.91 -8.31 -39.69
N GLU C 109 -11.05 -9.00 -39.81
CA GLU C 109 -12.33 -8.32 -39.97
C GLU C 109 -12.72 -7.50 -38.74
N GLY C 110 -12.39 -7.97 -37.54
CA GLY C 110 -12.68 -7.20 -36.35
C GLY C 110 -11.89 -5.91 -36.31
N GLU C 111 -10.59 -5.98 -36.62
CA GLU C 111 -9.77 -4.80 -36.71
C GLU C 111 -10.30 -3.84 -37.77
N PHE C 112 -10.70 -4.41 -38.91
CA PHE C 112 -11.15 -3.60 -40.02
C PHE C 112 -12.42 -2.84 -39.68
N VAL C 113 -13.41 -3.54 -39.12
CA VAL C 113 -14.67 -2.88 -38.76
C VAL C 113 -14.41 -1.77 -37.77
N TYR C 114 -13.58 -2.04 -36.76
CA TYR C 114 -13.29 -1.00 -35.78
C TYR C 114 -12.65 0.21 -36.45
N ALA C 115 -11.62 -0.02 -37.27
CA ALA C 115 -10.91 1.09 -37.90
C ALA C 115 -11.82 1.90 -38.81
N LEU C 116 -12.68 1.21 -39.56
CA LEU C 116 -13.57 1.91 -40.49
C LEU C 116 -14.56 2.76 -39.73
N TYR C 117 -15.10 2.25 -38.62
CA TYR C 117 -16.06 3.03 -37.84
C TYR C 117 -15.41 4.29 -37.26
N VAL C 118 -14.25 4.13 -36.60
CA VAL C 118 -13.64 5.33 -36.01
C VAL C 118 -13.07 6.23 -37.09
N GLY C 119 -12.65 5.66 -38.23
CA GLY C 119 -12.24 6.49 -39.36
C GLY C 119 -13.37 7.36 -39.89
N VAL C 120 -14.56 6.78 -40.04
CA VAL C 120 -15.71 7.58 -40.47
C VAL C 120 -16.05 8.64 -39.45
N ILE C 121 -16.05 8.27 -38.16
CA ILE C 121 -16.48 9.18 -37.11
C ILE C 121 -15.52 10.36 -36.98
N HIS C 122 -14.23 10.12 -37.13
CA HIS C 122 -13.24 11.15 -36.83
C HIS C 122 -12.64 11.81 -38.05
N SER C 123 -13.06 11.46 -39.25
CA SER C 123 -12.65 12.19 -40.45
C SER C 123 -13.78 13.08 -40.94
N LYS C 124 -13.45 14.30 -41.34
CA LYS C 124 -14.41 15.16 -42.00
CA LYS C 124 -14.46 15.14 -41.96
C LYS C 124 -15.02 14.49 -43.22
N LEU C 125 -14.27 13.58 -43.84
CA LEU C 125 -14.79 12.86 -45.01
C LEU C 125 -15.98 11.98 -44.65
N GLY C 126 -16.11 11.59 -43.38
CA GLY C 126 -17.23 10.80 -42.96
C GLY C 126 -18.48 11.57 -42.64
N ASP C 127 -18.42 12.90 -42.71
CA ASP C 127 -19.58 13.72 -42.37
C ASP C 127 -20.76 13.35 -43.25
N GLY C 128 -21.92 13.16 -42.64
CA GLY C 128 -23.13 12.82 -43.36
C GLY C 128 -23.38 11.33 -43.52
N ILE C 129 -22.37 10.49 -43.28
CA ILE C 129 -22.55 9.05 -43.37
C ILE C 129 -23.25 8.57 -42.11
N VAL C 130 -24.16 7.61 -42.26
CA VAL C 130 -24.81 6.95 -41.14
C VAL C 130 -24.24 5.53 -41.04
N LEU C 131 -23.59 5.23 -39.93
CA LEU C 131 -22.98 3.92 -39.83
C LEU C 131 -24.04 2.87 -39.52
N PRO C 132 -24.05 1.73 -40.21
CA PRO C 132 -25.02 0.69 -39.88
C PRO C 132 -24.87 0.24 -38.45
N PRO C 133 -25.92 -0.29 -37.84
CA PRO C 133 -25.79 -0.78 -36.46
C PRO C 133 -24.88 -2.00 -36.40
N LEU C 134 -23.96 -1.99 -35.43
CA LEU C 134 -23.01 -3.09 -35.33
C LEU C 134 -23.70 -4.41 -35.07
N TYR C 135 -24.90 -4.39 -34.50
CA TYR C 135 -25.55 -5.68 -34.26
C TYR C 135 -26.01 -6.36 -35.54
N GLU C 136 -26.06 -5.65 -36.67
CA GLU C 136 -26.28 -6.29 -37.96
C GLU C 136 -24.99 -6.50 -38.75
N ILE C 137 -23.90 -5.82 -38.39
CA ILE C 137 -22.63 -6.03 -39.08
C ILE C 137 -21.86 -7.21 -38.48
N THR C 138 -21.80 -7.30 -37.15
CA THR C 138 -21.21 -8.44 -36.45
C THR C 138 -22.22 -8.97 -35.45
N PRO C 139 -23.27 -9.66 -35.91
CA PRO C 139 -24.36 -10.07 -35.00
C PRO C 139 -23.93 -10.97 -33.87
N HIS C 140 -22.84 -11.74 -34.00
CA HIS C 140 -22.39 -12.60 -32.90
C HIS C 140 -22.10 -11.80 -31.65
N MET C 141 -21.68 -10.54 -31.79
CA MET C 141 -21.31 -9.77 -30.61
C MET C 141 -22.52 -9.16 -29.91
N PHE C 142 -23.72 -9.46 -30.39
CA PHE C 142 -24.95 -8.89 -29.86
C PHE C 142 -26.06 -9.92 -29.73
N THR C 143 -25.78 -11.21 -29.98
CA THR C 143 -26.81 -12.23 -30.11
C THR C 143 -26.35 -13.50 -29.42
N ASN C 144 -27.23 -14.14 -28.67
CA ASN C 144 -26.79 -15.31 -27.93
C ASN C 144 -26.62 -16.52 -28.84
N SER C 145 -25.90 -17.51 -28.33
CA SER C 145 -25.48 -18.65 -29.12
C SER C 145 -26.65 -19.46 -29.61
N GLU C 146 -27.73 -19.54 -28.81
CA GLU C 146 -28.88 -20.33 -29.23
CA GLU C 146 -28.88 -20.33 -29.22
C GLU C 146 -29.51 -19.77 -30.50
N VAL C 147 -29.61 -18.44 -30.58
CA VAL C 147 -30.23 -17.83 -31.74
C VAL C 147 -29.30 -17.91 -32.94
N ILE C 148 -27.99 -17.69 -32.71
CA ILE C 148 -27.02 -17.88 -33.80
C ILE C 148 -27.11 -19.29 -34.33
N ASP C 149 -27.23 -20.28 -33.45
CA ASP C 149 -27.33 -21.66 -33.94
CA ASP C 149 -27.36 -21.67 -33.89
C ASP C 149 -28.59 -21.85 -34.78
N LYS C 150 -29.70 -21.21 -34.40
CA LYS C 150 -30.91 -21.30 -35.23
C LYS C 150 -30.70 -20.64 -36.58
N ALA C 151 -29.92 -19.55 -36.61
CA ALA C 151 -29.58 -18.91 -37.87
C ALA C 151 -28.70 -19.81 -38.73
N TYR C 152 -27.72 -20.47 -38.11
CA TYR C 152 -26.89 -21.41 -38.86
C TYR C 152 -27.74 -22.54 -39.42
N SER C 153 -28.71 -23.02 -38.64
CA SER C 153 -29.58 -24.09 -39.13
C SER C 153 -30.45 -23.61 -40.27
N ALA C 154 -31.00 -22.39 -40.16
CA ALA C 154 -31.75 -21.81 -41.26
C ALA C 154 -30.89 -21.75 -42.53
N LYS C 155 -29.62 -21.37 -42.38
CA LYS C 155 -28.76 -21.25 -43.56
C LYS C 155 -28.40 -22.62 -44.12
N MET C 156 -28.07 -23.58 -43.26
CA MET C 156 -27.80 -24.94 -43.71
C MET C 156 -28.98 -25.52 -44.49
N THR C 157 -30.20 -25.22 -44.05
CA THR C 157 -31.40 -25.78 -44.68
C THR C 157 -31.98 -24.86 -45.75
N GLN C 158 -31.31 -23.74 -46.03
CA GLN C 158 -31.73 -22.81 -47.09
CA GLN C 158 -31.75 -22.83 -47.09
C GLN C 158 -33.17 -22.35 -46.87
N LYS C 159 -33.51 -22.02 -45.62
CA LYS C 159 -34.85 -21.57 -45.27
C LYS C 159 -34.74 -20.27 -44.46
N ALA C 160 -35.58 -19.29 -44.83
CA ALA C 160 -35.72 -18.04 -44.09
C ALA C 160 -36.34 -18.31 -42.74
N GLY C 161 -36.17 -17.36 -41.82
CA GLY C 161 -36.86 -17.45 -40.53
C GLY C 161 -36.52 -16.27 -39.65
N THR C 162 -37.41 -16.04 -38.67
CA THR C 162 -37.20 -15.05 -37.63
C THR C 162 -37.24 -15.74 -36.27
N PHE C 163 -36.23 -15.52 -35.45
CA PHE C 163 -36.04 -16.30 -34.22
C PHE C 163 -36.08 -15.39 -33.00
N ASN C 164 -36.81 -15.83 -31.98
CA ASN C 164 -36.99 -15.02 -30.78
C ASN C 164 -35.82 -15.19 -29.83
N VAL C 165 -35.29 -14.05 -29.35
CA VAL C 165 -34.21 -14.04 -28.37
CA VAL C 165 -34.21 -14.05 -28.38
C VAL C 165 -34.81 -14.04 -26.98
N SER C 166 -34.31 -14.90 -26.12
CA SER C 166 -34.64 -14.88 -24.71
C SER C 166 -33.40 -14.49 -23.92
N PHE C 167 -33.56 -14.30 -22.62
CA PHE C 167 -32.42 -13.93 -21.80
C PHE C 167 -31.66 -15.16 -21.36
N THR C 168 -30.46 -14.93 -20.81
CA THR C 168 -29.59 -16.00 -20.37
C THR C 168 -29.90 -16.37 -18.92
N GLY C 169 -29.36 -17.51 -18.49
CA GLY C 169 -29.64 -18.00 -17.16
C GLY C 169 -31.07 -18.54 -17.07
N THR C 170 -31.53 -18.66 -15.83
CA THR C 170 -32.87 -19.15 -15.53
CA THR C 170 -32.87 -19.14 -15.51
C THR C 170 -33.54 -18.20 -14.53
N LYS C 171 -34.83 -18.45 -14.27
CA LYS C 171 -35.54 -17.66 -13.28
C LYS C 171 -34.97 -17.84 -11.89
N LYS C 172 -34.25 -18.94 -11.65
CA LYS C 172 -33.57 -19.12 -10.38
CA LYS C 172 -33.56 -19.12 -10.39
C LYS C 172 -32.47 -18.10 -10.19
N ASN C 173 -32.00 -17.48 -11.27
CA ASN C 173 -30.94 -16.48 -11.19
C ASN C 173 -31.61 -15.11 -11.11
N LYS C 174 -31.59 -14.50 -9.91
CA LYS C 174 -32.27 -13.23 -9.74
C LYS C 174 -31.67 -12.13 -10.59
N GLU C 175 -30.41 -12.24 -10.95
CA GLU C 175 -29.78 -11.25 -11.80
CA GLU C 175 -29.81 -11.22 -11.80
C GLU C 175 -30.44 -11.19 -13.18
N GLN C 176 -31.03 -12.30 -13.63
CA GLN C 176 -31.73 -12.30 -14.92
CA GLN C 176 -31.74 -12.32 -14.91
C GLN C 176 -32.86 -11.28 -14.94
N ARG C 177 -33.40 -10.92 -13.77
CA ARG C 177 -34.50 -9.95 -13.74
C ARG C 177 -34.13 -8.64 -14.43
N VAL C 178 -32.85 -8.29 -14.46
CA VAL C 178 -32.44 -7.02 -15.06
C VAL C 178 -31.59 -7.24 -16.30
N ALA C 179 -31.70 -8.42 -16.92
CA ALA C 179 -30.93 -8.67 -18.13
C ALA C 179 -31.32 -7.73 -19.26
N TYR C 180 -32.56 -7.24 -19.27
CA TYR C 180 -33.01 -6.34 -20.34
C TYR C 180 -32.22 -5.04 -20.37
N PHE C 181 -31.48 -4.72 -19.31
CA PHE C 181 -30.68 -3.49 -19.34
C PHE C 181 -29.38 -3.72 -20.10
N GLY C 182 -28.50 -4.56 -19.56
CA GLY C 182 -27.18 -4.72 -20.15
C GLY C 182 -27.14 -5.51 -21.44
N GLU C 183 -28.18 -6.29 -21.73
CA GLU C 183 -28.24 -7.01 -22.99
C GLU C 183 -28.99 -6.26 -24.09
N ASP C 184 -29.60 -5.12 -23.79
CA ASP C 184 -30.31 -4.38 -24.83
C ASP C 184 -29.34 -3.99 -25.94
N ILE C 185 -29.71 -4.27 -27.19
CA ILE C 185 -28.76 -4.08 -28.27
C ILE C 185 -28.44 -2.60 -28.45
N GLY C 186 -29.43 -1.72 -28.20
CA GLY C 186 -29.17 -0.28 -28.30
C GLY C 186 -28.30 0.24 -27.18
N MET C 187 -28.48 -0.28 -25.96
CA MET C 187 -27.60 0.12 -24.87
C MET C 187 -26.16 -0.26 -25.18
N ASN C 188 -25.96 -1.42 -25.81
CA ASN C 188 -24.62 -1.81 -26.20
C ASN C 188 -24.08 -0.93 -27.31
N ILE C 189 -24.94 -0.51 -28.25
CA ILE C 189 -24.48 0.43 -29.27
C ILE C 189 -24.14 1.78 -28.65
N HIS C 190 -24.96 2.25 -27.72
CA HIS C 190 -24.63 3.48 -26.98
C HIS C 190 -23.23 3.38 -26.40
N HIS C 191 -22.96 2.27 -25.74
CA HIS C 191 -21.68 2.11 -25.06
C HIS C 191 -20.51 2.05 -26.06
N VAL C 192 -20.59 1.21 -27.10
CA VAL C 192 -19.43 1.19 -27.99
CA VAL C 192 -19.49 1.15 -28.05
C VAL C 192 -19.30 2.49 -28.74
N THR C 193 -20.41 3.18 -29.05
CA THR C 193 -20.28 4.41 -29.83
C THR C 193 -19.68 5.52 -28.97
N TRP C 194 -20.05 5.59 -27.68
CA TRP C 194 -19.40 6.58 -26.82
C TRP C 194 -17.89 6.41 -26.87
N HIS C 195 -17.41 5.17 -26.75
CA HIS C 195 -15.97 4.93 -26.76
C HIS C 195 -15.37 5.17 -28.14
N MET C 196 -16.14 4.94 -29.21
CA MET C 196 -15.66 5.31 -30.54
C MET C 196 -15.54 6.81 -30.69
N ASP C 197 -16.49 7.55 -30.10
CA ASP C 197 -16.46 9.01 -30.15
C ASP C 197 -15.36 9.59 -29.27
N PHE C 198 -15.08 8.93 -28.16
CA PHE C 198 -14.15 9.42 -27.14
C PHE C 198 -13.13 8.34 -26.78
N PRO C 199 -12.30 7.93 -27.73
CA PRO C 199 -11.45 6.76 -27.50
C PRO C 199 -10.25 7.08 -26.60
N PHE C 200 -9.93 6.10 -25.75
CA PHE C 200 -8.82 6.27 -24.82
C PHE C 200 -7.48 6.38 -25.55
N TRP C 201 -7.41 5.91 -26.79
CA TRP C 201 -6.18 5.98 -27.57
C TRP C 201 -6.03 7.30 -28.31
N TRP C 202 -7.01 8.19 -28.20
CA TRP C 202 -6.96 9.43 -28.97
C TRP C 202 -5.73 10.26 -28.61
N GLN C 203 -5.08 10.78 -29.64
CA GLN C 203 -4.01 11.74 -29.53
C GLN C 203 -4.38 12.93 -30.38
N ASP C 204 -4.14 14.13 -29.86
CA ASP C 204 -4.60 15.32 -30.57
C ASP C 204 -3.84 15.51 -31.88
N SER C 205 -2.71 14.82 -32.06
CA SER C 205 -2.03 14.88 -33.35
C SER C 205 -2.89 14.28 -34.46
N TYR C 206 -3.93 13.51 -34.13
CA TYR C 206 -4.82 13.00 -35.16
C TYR C 206 -5.68 14.08 -35.79
N GLY C 207 -5.84 15.24 -35.15
CA GLY C 207 -6.52 16.34 -35.82
C GLY C 207 -7.21 17.38 -34.97
N ASN C 208 -7.78 16.97 -33.84
CA ASN C 208 -8.57 17.86 -33.01
C ASN C 208 -8.56 17.33 -31.59
N HIS C 209 -8.83 18.23 -30.64
CA HIS C 209 -8.93 17.87 -29.23
C HIS C 209 -10.35 17.45 -28.90
N LEU C 210 -10.50 16.44 -28.04
CA LEU C 210 -11.82 15.96 -27.59
C LEU C 210 -12.12 16.62 -26.25
N ASP C 211 -12.96 17.65 -26.29
CA ASP C 211 -13.14 18.54 -25.14
C ASP C 211 -13.76 17.82 -23.95
N ARG C 212 -13.11 17.98 -22.79
CA ARG C 212 -13.57 17.46 -21.50
C ARG C 212 -13.73 15.95 -21.49
N LYS C 213 -12.98 15.26 -22.35
CA LYS C 213 -13.17 13.82 -22.53
C LYS C 213 -13.07 13.06 -21.21
N GLY C 214 -12.07 13.39 -20.38
CA GLY C 214 -11.91 12.64 -19.13
C GLY C 214 -13.07 12.81 -18.17
N GLU C 215 -13.70 13.98 -18.18
CA GLU C 215 -14.85 14.21 -17.32
C GLU C 215 -16.09 13.53 -17.90
N LEU C 216 -16.22 13.55 -19.23
CA LEU C 216 -17.31 12.82 -19.87
C LEU C 216 -17.16 11.32 -19.63
N PHE C 217 -15.93 10.82 -19.56
CA PHE C 217 -15.70 9.41 -19.24
C PHE C 217 -16.26 9.08 -17.87
N PHE C 218 -15.95 9.90 -16.85
CA PHE C 218 -16.57 9.71 -15.55
C PHE C 218 -18.10 9.71 -15.65
N TRP C 219 -18.64 10.70 -16.35
CA TRP C 219 -20.07 10.96 -16.29
C TRP C 219 -20.88 9.88 -16.99
N VAL C 220 -20.44 9.45 -18.18
CA VAL C 220 -21.23 8.48 -18.94
C VAL C 220 -21.29 7.16 -18.18
N HIS C 221 -20.22 6.79 -17.48
CA HIS C 221 -20.20 5.54 -16.73
C HIS C 221 -20.92 5.68 -15.39
N HIS C 222 -20.83 6.85 -14.77
CA HIS C 222 -21.66 7.10 -13.60
C HIS C 222 -23.14 6.93 -13.95
N GLN C 223 -23.55 7.41 -15.12
CA GLN C 223 -24.94 7.31 -15.53
C GLN C 223 -25.33 5.87 -15.87
N LEU C 224 -24.43 5.10 -16.49
CA LEU C 224 -24.71 3.68 -16.71
C LEU C 224 -24.92 2.96 -15.37
N THR C 225 -24.03 3.22 -14.41
CA THR C 225 -24.13 2.60 -13.10
C THR C 225 -25.42 3.00 -12.40
N ALA C 226 -25.73 4.30 -12.37
CA ALA C 226 -26.95 4.76 -11.70
C ALA C 226 -28.20 4.22 -12.38
N ARG C 227 -28.19 4.16 -13.72
CA ARG C 227 -29.37 3.63 -14.43
C ARG C 227 -29.56 2.15 -14.14
N PHE C 228 -28.48 1.37 -14.12
CA PHE C 228 -28.61 -0.05 -13.79
C PHE C 228 -29.19 -0.23 -12.39
N ASP C 229 -28.70 0.55 -11.41
CA ASP C 229 -29.23 0.43 -10.06
C ASP C 229 -30.71 0.78 -10.01
N PHE C 230 -31.16 1.71 -10.86
CA PHE C 230 -32.59 1.99 -10.91
C PHE C 230 -33.39 0.79 -11.40
N GLU C 231 -32.82 0.02 -12.35
CA GLU C 231 -33.50 -1.20 -12.77
C GLU C 231 -33.49 -2.24 -11.65
N ARG C 232 -32.41 -2.31 -10.88
CA ARG C 232 -32.40 -3.25 -9.75
C ARG C 232 -33.49 -2.90 -8.75
N LEU C 233 -33.59 -1.61 -8.39
CA LEU C 233 -34.63 -1.14 -7.49
C LEU C 233 -36.02 -1.47 -8.04
N SER C 234 -36.21 -1.32 -9.35
CA SER C 234 -37.47 -1.65 -10.00
C SER C 234 -37.84 -3.12 -9.90
N ASN C 235 -36.87 -3.99 -9.62
CA ASN C 235 -37.07 -5.43 -9.66
C ASN C 235 -36.79 -6.09 -8.32
N TRP C 236 -36.96 -5.34 -7.23
CA TRP C 236 -36.90 -5.86 -5.87
C TRP C 236 -35.50 -6.35 -5.51
N LEU C 237 -34.46 -5.78 -6.14
CA LEU C 237 -33.08 -6.13 -5.88
C LEU C 237 -32.38 -4.98 -5.17
N ASP C 238 -31.35 -5.31 -4.40
CA ASP C 238 -30.52 -4.29 -3.77
C ASP C 238 -29.57 -3.68 -4.79
N PRO C 239 -28.97 -2.53 -4.46
CA PRO C 239 -27.97 -1.94 -5.38
C PRO C 239 -26.79 -2.87 -5.55
N VAL C 240 -26.06 -2.72 -6.68
CA VAL C 240 -24.87 -3.52 -6.85
C VAL C 240 -23.87 -3.15 -5.75
N ASP C 241 -23.12 -4.14 -5.29
CA ASP C 241 -21.95 -3.87 -4.47
C ASP C 241 -20.85 -3.30 -5.35
N GLU C 242 -19.81 -2.77 -4.74
CA GLU C 242 -18.64 -2.43 -5.55
C GLU C 242 -17.64 -3.58 -5.53
N LEU C 243 -16.91 -3.72 -6.63
CA LEU C 243 -15.78 -4.64 -6.71
CA LEU C 243 -15.83 -4.68 -6.63
C LEU C 243 -14.67 -4.18 -5.78
N HIS C 244 -13.91 -5.14 -5.25
CA HIS C 244 -12.64 -4.82 -4.66
CA HIS C 244 -12.66 -4.90 -4.53
C HIS C 244 -11.65 -5.94 -4.98
N TRP C 245 -10.40 -5.53 -5.21
CA TRP C 245 -9.39 -6.49 -5.67
C TRP C 245 -9.11 -7.58 -4.64
N ASP C 246 -9.35 -7.31 -3.36
CA ASP C 246 -9.10 -8.29 -2.32
C ASP C 246 -10.36 -8.97 -1.81
N ARG C 247 -11.49 -8.84 -2.51
CA ARG C 247 -12.73 -9.46 -2.07
CA ARG C 247 -12.73 -9.48 -2.07
C ARG C 247 -13.36 -10.24 -3.23
N ILE C 248 -14.22 -11.19 -2.88
CA ILE C 248 -14.80 -12.06 -3.88
CA ILE C 248 -14.82 -12.06 -3.87
C ILE C 248 -15.74 -11.27 -4.79
N ILE C 249 -15.77 -11.69 -6.06
CA ILE C 249 -16.77 -11.23 -7.03
C ILE C 249 -17.94 -12.18 -6.86
N ARG C 250 -18.99 -11.74 -6.18
CA ARG C 250 -20.06 -12.66 -5.81
CA ARG C 250 -20.06 -12.65 -5.81
C ARG C 250 -20.80 -13.19 -7.04
N GLU C 251 -21.21 -12.31 -7.94
CA GLU C 251 -22.10 -12.70 -9.03
CA GLU C 251 -22.10 -12.70 -9.03
C GLU C 251 -21.29 -13.11 -10.25
N GLY C 252 -21.33 -14.40 -10.59
CA GLY C 252 -20.73 -14.90 -11.80
C GLY C 252 -21.60 -14.62 -13.01
N PHE C 253 -21.24 -15.21 -14.15
CA PHE C 253 -21.92 -14.91 -15.40
C PHE C 253 -21.65 -16.00 -16.43
N ALA C 254 -22.71 -16.53 -17.03
CA ALA C 254 -22.60 -17.38 -18.21
C ALA C 254 -23.15 -16.64 -19.41
N PRO C 255 -22.29 -16.14 -20.31
CA PRO C 255 -22.78 -15.33 -21.42
C PRO C 255 -23.73 -16.05 -22.35
N LEU C 256 -23.51 -17.36 -22.55
CA LEU C 256 -24.22 -18.16 -23.55
C LEU C 256 -24.19 -17.48 -24.91
N THR C 257 -23.04 -16.86 -25.20
CA THR C 257 -22.78 -16.12 -26.43
CA THR C 257 -22.79 -16.15 -26.45
C THR C 257 -21.47 -16.65 -27.02
N SER C 258 -21.28 -16.45 -28.32
CA SER C 258 -20.11 -16.98 -29.02
CA SER C 258 -20.09 -16.96 -28.99
CA SER C 258 -20.11 -16.98 -29.00
C SER C 258 -19.53 -15.94 -29.95
N TYR C 259 -18.22 -16.01 -30.15
CA TYR C 259 -17.58 -15.29 -31.23
C TYR C 259 -17.94 -15.96 -32.55
N LYS C 260 -17.90 -15.20 -33.64
CA LYS C 260 -17.99 -15.84 -34.94
C LYS C 260 -16.80 -16.78 -35.15
N TYR C 261 -15.59 -16.30 -34.81
CA TYR C 261 -14.39 -17.13 -34.77
C TYR C 261 -13.71 -16.96 -33.42
N GLY C 262 -13.44 -18.07 -32.74
CA GLY C 262 -12.75 -18.02 -31.47
C GLY C 262 -13.43 -18.82 -30.39
N GLY C 263 -14.64 -19.28 -30.63
CA GLY C 263 -15.35 -20.12 -29.67
C GLY C 263 -16.37 -19.35 -28.85
N GLU C 264 -16.86 -20.03 -27.82
CA GLU C 264 -17.84 -19.45 -26.92
CA GLU C 264 -17.84 -19.42 -26.94
C GLU C 264 -17.16 -18.49 -25.95
N PHE C 265 -17.87 -17.41 -25.60
CA PHE C 265 -17.37 -16.52 -24.57
C PHE C 265 -17.27 -17.28 -23.25
N PRO C 266 -16.23 -17.05 -22.46
CA PRO C 266 -16.03 -17.84 -21.24
C PRO C 266 -17.00 -17.47 -20.11
N VAL C 267 -17.30 -18.45 -19.27
CA VAL C 267 -18.13 -18.23 -18.10
C VAL C 267 -17.25 -17.87 -16.91
N ARG C 268 -17.84 -17.17 -15.94
CA ARG C 268 -17.16 -16.88 -14.67
C ARG C 268 -18.00 -17.46 -13.55
N PRO C 269 -17.44 -18.31 -12.70
CA PRO C 269 -18.22 -18.88 -11.60
C PRO C 269 -18.63 -17.81 -10.60
N ASP C 270 -19.69 -18.09 -9.86
CA ASP C 270 -20.03 -17.28 -8.69
C ASP C 270 -18.87 -17.31 -7.69
N ASN C 271 -18.76 -16.22 -6.91
CA ASN C 271 -17.98 -16.21 -5.68
C ASN C 271 -16.51 -16.58 -5.88
N LYS C 272 -15.88 -15.95 -6.86
CA LYS C 272 -14.48 -16.21 -7.12
CA LYS C 272 -14.47 -16.21 -7.13
C LYS C 272 -13.62 -15.03 -6.68
N HIS C 273 -12.42 -15.33 -6.22
CA HIS C 273 -11.43 -14.31 -5.95
C HIS C 273 -10.71 -13.97 -7.24
N PHE C 274 -10.29 -12.70 -7.36
CA PHE C 274 -9.46 -12.33 -8.49
C PHE C 274 -8.14 -13.08 -8.45
N GLU C 275 -7.74 -13.60 -9.61
CA GLU C 275 -6.44 -14.22 -9.81
CA GLU C 275 -6.43 -14.21 -9.80
C GLU C 275 -5.59 -13.33 -10.72
N ASP C 276 -4.27 -13.41 -10.53
CA ASP C 276 -3.34 -12.77 -11.47
C ASP C 276 -3.62 -13.29 -12.87
N VAL C 277 -3.51 -12.40 -13.86
CA VAL C 277 -3.77 -12.76 -15.25
C VAL C 277 -2.46 -12.65 -16.01
N ASP C 278 -1.91 -13.79 -16.44
CA ASP C 278 -0.62 -13.79 -17.14
C ASP C 278 -0.67 -12.88 -18.36
N GLY C 279 0.38 -12.06 -18.51
CA GLY C 279 0.44 -11.14 -19.62
C GLY C 279 -0.45 -9.93 -19.51
N VAL C 280 -1.12 -9.73 -18.36
CA VAL C 280 -1.98 -8.57 -18.19
C VAL C 280 -1.55 -7.81 -16.94
N ALA C 281 -1.79 -8.38 -15.77
CA ALA C 281 -1.38 -7.74 -14.52
C ALA C 281 -1.58 -8.71 -13.36
N HIS C 282 -0.84 -8.47 -12.28
CA HIS C 282 -1.13 -9.10 -11.01
C HIS C 282 -2.24 -8.35 -10.32
N VAL C 283 -3.03 -9.07 -9.50
CA VAL C 283 -4.05 -8.40 -8.69
C VAL C 283 -3.42 -7.30 -7.86
N HIS C 284 -2.24 -7.56 -7.32
CA HIS C 284 -1.57 -6.56 -6.49
C HIS C 284 -1.24 -5.29 -7.29
N ASP C 285 -0.93 -5.42 -8.58
CA ASP C 285 -0.69 -4.24 -9.40
C ASP C 285 -1.92 -3.35 -9.43
N MET C 286 -3.12 -3.96 -9.48
CA MET C 286 -4.35 -3.18 -9.50
C MET C 286 -4.52 -2.41 -8.20
N GLU C 287 -4.20 -3.05 -7.08
CA GLU C 287 -4.32 -2.38 -5.79
CA GLU C 287 -4.29 -2.40 -5.78
C GLU C 287 -3.35 -1.22 -5.70
N ILE C 288 -2.11 -1.40 -6.16
CA ILE C 288 -1.14 -0.30 -6.14
C ILE C 288 -1.64 0.86 -7.00
N THR C 289 -2.12 0.55 -8.21
CA THR C 289 -2.62 1.58 -9.10
C THR C 289 -3.76 2.35 -8.43
N GLU C 290 -4.73 1.63 -7.87
CA GLU C 290 -5.81 2.26 -7.12
C GLU C 290 -5.26 3.17 -6.03
N ASN C 291 -4.28 2.68 -5.26
CA ASN C 291 -3.71 3.49 -4.18
C ASN C 291 -3.10 4.79 -4.72
N ARG C 292 -2.39 4.70 -5.86
CA ARG C 292 -1.76 5.89 -6.41
C ARG C 292 -2.78 6.92 -6.85
N ILE C 293 -3.90 6.45 -7.42
CA ILE C 293 -4.95 7.39 -7.82
C ILE C 293 -5.56 8.06 -6.60
N TYR C 294 -5.84 7.27 -5.55
CA TYR C 294 -6.39 7.88 -4.35
C TYR C 294 -5.38 8.81 -3.68
N GLU C 295 -4.09 8.55 -3.80
CA GLU C 295 -3.09 9.49 -3.29
CA GLU C 295 -3.12 9.50 -3.27
C GLU C 295 -3.22 10.83 -3.98
N ALA C 296 -3.38 10.82 -5.31
CA ALA C 296 -3.55 12.08 -6.02
C ALA C 296 -4.81 12.80 -5.55
N ILE C 297 -5.90 12.06 -5.41
CA ILE C 297 -7.16 12.68 -5.00
C ILE C 297 -7.02 13.28 -3.61
N ASP C 298 -6.44 12.53 -2.68
CA ASP C 298 -6.35 13.01 -1.31
C ASP C 298 -5.27 14.06 -1.12
N HIS C 299 -4.25 14.09 -2.00
CA HIS C 299 -3.27 15.18 -2.01
C HIS C 299 -3.84 16.47 -2.61
N GLY C 300 -4.81 16.35 -3.51
CA GLY C 300 -5.26 17.50 -4.29
C GLY C 300 -4.41 17.81 -5.49
N TYR C 301 -3.52 16.91 -5.90
CA TYR C 301 -2.71 17.12 -7.09
C TYR C 301 -2.23 15.79 -7.63
N ILE C 302 -2.06 15.77 -8.95
CA ILE C 302 -1.49 14.65 -9.69
C ILE C 302 0.00 14.90 -9.82
N THR C 303 0.81 13.86 -9.73
CA THR C 303 2.25 14.02 -9.83
C THR C 303 2.71 13.77 -11.27
N ALA C 304 3.44 14.74 -11.82
CA ALA C 304 3.98 14.66 -13.17
C ALA C 304 5.18 13.71 -13.22
N THR C 305 5.62 13.41 -14.44
CA THR C 305 6.77 12.52 -14.58
C THR C 305 8.02 13.08 -13.93
N ASP C 306 8.18 14.40 -13.87
CA ASP C 306 9.37 14.96 -13.22
C ASP C 306 9.15 15.32 -11.76
N GLY C 307 8.01 14.93 -11.20
CA GLY C 307 7.72 15.18 -9.81
C GLY C 307 6.93 16.43 -9.51
N HIS C 308 6.79 17.35 -10.47
CA HIS C 308 6.03 18.55 -10.16
C HIS C 308 4.54 18.22 -10.01
N THR C 309 3.83 19.11 -9.33
CA THR C 309 2.43 18.88 -8.98
C THR C 309 1.51 19.52 -10.03
N ILE C 310 0.43 18.82 -10.33
CA ILE C 310 -0.63 19.31 -11.19
C ILE C 310 -1.88 19.44 -10.33
N ASP C 311 -2.28 20.68 -10.06
CA ASP C 311 -3.41 20.95 -9.17
C ASP C 311 -4.69 20.35 -9.73
N ILE C 312 -5.42 19.61 -8.89
CA ILE C 312 -6.74 19.15 -9.27
C ILE C 312 -7.85 19.71 -8.38
N ARG C 313 -7.54 20.67 -7.51
CA ARG C 313 -8.55 21.37 -6.71
C ARG C 313 -9.14 22.53 -7.50
N GLN C 314 -9.65 22.18 -8.66
CA GLN C 314 -10.20 23.15 -9.60
CA GLN C 314 -10.22 23.15 -9.60
C GLN C 314 -11.15 22.39 -10.52
N PRO C 315 -11.99 23.11 -11.29
CA PRO C 315 -12.99 22.40 -12.11
C PRO C 315 -12.43 21.37 -13.09
N LYS C 316 -11.21 21.55 -13.62
CA LYS C 316 -10.66 20.56 -14.53
CA LYS C 316 -10.67 20.55 -14.52
C LYS C 316 -10.11 19.34 -13.81
N GLY C 317 -10.05 19.37 -12.47
CA GLY C 317 -9.47 18.25 -11.74
C GLY C 317 -10.13 16.92 -12.06
N ILE C 318 -11.48 16.91 -12.11
CA ILE C 318 -12.20 15.68 -12.41
C ILE C 318 -11.85 15.17 -13.81
N GLU C 319 -11.63 16.09 -14.75
CA GLU C 319 -11.25 15.68 -16.09
C GLU C 319 -9.86 15.05 -16.08
N LEU C 320 -8.91 15.67 -15.38
CA LEU C 320 -7.57 15.11 -15.28
C LEU C 320 -7.59 13.75 -14.61
N LEU C 321 -8.47 13.57 -13.61
CA LEU C 321 -8.63 12.24 -13.02
C LEU C 321 -9.17 11.24 -14.02
N GLY C 322 -10.15 11.65 -14.84
CA GLY C 322 -10.61 10.76 -15.90
C GLY C 322 -9.48 10.37 -16.84
N ASP C 323 -8.63 11.34 -17.17
CA ASP C 323 -7.47 11.06 -18.02
C ASP C 323 -6.56 9.99 -17.41
N ILE C 324 -6.27 10.07 -16.11
CA ILE C 324 -5.32 9.11 -15.53
C ILE C 324 -5.98 7.80 -15.09
N ILE C 325 -7.30 7.78 -14.89
CA ILE C 325 -7.98 6.58 -14.41
C ILE C 325 -8.36 5.64 -15.55
N GLU C 326 -8.77 6.19 -16.71
CA GLU C 326 -9.34 5.32 -17.75
C GLU C 326 -8.36 4.20 -18.17
N SER C 327 -7.08 4.50 -18.45
CA SER C 327 -6.49 5.82 -18.67
C SER C 327 -6.49 6.08 -20.17
N SER C 328 -6.33 7.35 -20.54
CA SER C 328 -6.26 7.74 -21.93
C SER C 328 -4.88 8.29 -22.24
N MET C 329 -4.64 8.57 -23.52
CA MET C 329 -3.38 9.19 -23.92
C MET C 329 -3.27 10.62 -23.44
N TYR C 330 -4.32 11.18 -22.83
CA TYR C 330 -4.20 12.48 -22.17
C TYR C 330 -3.57 12.37 -20.78
N SER C 331 -3.38 11.16 -20.26
CA SER C 331 -2.79 11.02 -18.93
C SER C 331 -1.44 11.70 -18.89
N PRO C 332 -1.18 12.57 -17.91
CA PRO C 332 0.16 13.18 -17.80
C PRO C 332 1.24 12.23 -17.35
N ASN C 333 0.89 11.05 -16.84
CA ASN C 333 1.91 10.21 -16.25
C ASN C 333 1.45 8.76 -16.21
N ALA C 334 1.35 8.14 -17.38
CA ALA C 334 0.92 6.74 -17.44
C ALA C 334 1.96 5.79 -16.85
N GLN C 335 3.24 6.17 -16.85
CA GLN C 335 4.23 5.29 -16.25
C GLN C 335 3.95 5.08 -14.76
N TYR C 336 3.45 6.13 -14.10
CA TYR C 336 3.16 6.02 -12.67
C TYR C 336 1.72 5.56 -12.40
N TYR C 337 0.74 6.15 -13.09
CA TYR C 337 -0.65 5.87 -12.78
C TYR C 337 -1.23 4.68 -13.55
N GLY C 338 -0.54 4.21 -14.59
CA GLY C 338 -0.99 3.03 -15.32
C GLY C 338 -2.32 3.22 -16.03
N SER C 339 -3.16 2.19 -15.95
CA SER C 339 -4.44 2.23 -16.68
C SER C 339 -5.43 1.36 -15.90
N LEU C 340 -5.93 1.92 -14.78
CA LEU C 340 -6.72 1.13 -13.84
C LEU C 340 -7.95 0.54 -14.52
N HIS C 341 -8.74 1.38 -15.20
CA HIS C 341 -10.04 0.93 -15.69
C HIS C 341 -9.89 -0.03 -16.86
N ASN C 342 -9.06 0.31 -17.85
CA ASN C 342 -8.91 -0.58 -19.00
C ASN C 342 -8.28 -1.91 -18.61
N THR C 343 -7.27 -1.86 -17.73
CA THR C 343 -6.67 -3.11 -17.27
C THR C 343 -7.67 -3.93 -16.47
N ALA C 344 -8.52 -3.26 -15.68
CA ALA C 344 -9.53 -3.98 -14.92
C ALA C 344 -10.51 -4.71 -15.82
N HIS C 345 -10.89 -4.11 -16.97
CA HIS C 345 -11.75 -4.80 -17.91
C HIS C 345 -11.13 -6.13 -18.31
N VAL C 346 -9.83 -6.12 -18.60
CA VAL C 346 -9.16 -7.34 -19.03
C VAL C 346 -9.00 -8.31 -17.87
N MET C 347 -8.60 -7.80 -16.69
CA MET C 347 -8.49 -8.65 -15.50
C MET C 347 -9.79 -9.40 -15.24
N LEU C 348 -10.91 -8.68 -15.25
CA LEU C 348 -12.18 -9.32 -15.01
CA LEU C 348 -12.20 -9.31 -15.03
C LEU C 348 -12.55 -10.24 -16.17
N GLY C 349 -12.34 -9.78 -17.41
CA GLY C 349 -12.70 -10.56 -18.58
C GLY C 349 -12.00 -11.90 -18.64
N ARG C 350 -10.80 -12.01 -18.08
CA ARG C 350 -10.01 -13.22 -18.19
CA ARG C 350 -10.00 -13.22 -18.18
C ARG C 350 -10.12 -14.15 -16.98
N GLN C 351 -11.01 -13.84 -16.03
CA GLN C 351 -11.07 -14.66 -14.81
C GLN C 351 -11.59 -16.07 -15.06
N GLY C 352 -12.09 -16.35 -16.26
CA GLY C 352 -12.45 -17.72 -16.58
C GLY C 352 -11.30 -18.58 -17.02
N ASP C 353 -10.13 -17.98 -17.24
CA ASP C 353 -8.93 -18.64 -17.73
C ASP C 353 -7.74 -17.74 -17.43
N PRO C 354 -7.51 -17.41 -16.16
CA PRO C 354 -6.58 -16.31 -15.86
C PRO C 354 -5.15 -16.58 -16.29
N HIS C 355 -4.75 -17.85 -16.39
CA HIS C 355 -3.38 -18.19 -16.78
C HIS C 355 -3.28 -18.72 -18.21
N GLY C 356 -4.37 -18.67 -18.97
CA GLY C 356 -4.32 -19.13 -20.34
C GLY C 356 -4.13 -20.62 -20.52
N LYS C 357 -4.47 -21.43 -19.52
CA LYS C 357 -4.30 -22.87 -19.65
C LYS C 357 -5.34 -23.50 -20.56
N PHE C 358 -6.50 -22.88 -20.71
CA PHE C 358 -7.63 -23.52 -21.36
C PHE C 358 -7.89 -23.03 -22.78
N ASN C 359 -7.07 -22.11 -23.27
CA ASN C 359 -7.21 -21.59 -24.62
CA ASN C 359 -7.22 -21.58 -24.63
C ASN C 359 -8.56 -20.89 -24.81
N LEU C 360 -9.08 -20.27 -23.74
CA LEU C 360 -10.34 -19.57 -23.90
C LEU C 360 -10.13 -18.17 -24.49
N PRO C 361 -11.07 -17.70 -25.30
CA PRO C 361 -10.96 -16.35 -25.87
C PRO C 361 -11.30 -15.30 -24.82
N PRO C 362 -11.14 -14.02 -25.15
CA PRO C 362 -11.41 -12.97 -24.15
C PRO C 362 -12.86 -12.99 -23.68
N GLY C 363 -13.08 -12.52 -22.45
CA GLY C 363 -14.40 -12.45 -21.88
C GLY C 363 -15.22 -11.31 -22.47
N VAL C 364 -16.52 -11.33 -22.15
CA VAL C 364 -17.40 -10.25 -22.63
C VAL C 364 -16.95 -8.89 -22.13
N MET C 365 -16.24 -8.83 -21.00
CA MET C 365 -15.77 -7.55 -20.48
CA MET C 365 -15.75 -7.56 -20.47
C MET C 365 -14.69 -6.94 -21.37
N GLU C 366 -14.16 -7.67 -22.34
CA GLU C 366 -13.05 -7.20 -23.16
C GLU C 366 -13.52 -6.66 -24.51
N HIS C 367 -14.79 -6.27 -24.60
CA HIS C 367 -15.34 -5.59 -25.77
C HIS C 367 -16.39 -4.62 -25.30
N PHE C 368 -16.42 -3.43 -25.88
CA PHE C 368 -17.50 -2.52 -25.52
C PHE C 368 -18.85 -2.98 -26.07
N GLU C 369 -18.87 -3.81 -27.12
CA GLU C 369 -20.13 -4.37 -27.62
C GLU C 369 -20.84 -5.20 -26.56
N THR C 370 -20.07 -5.89 -25.73
CA THR C 370 -20.60 -6.96 -24.89
C THR C 370 -20.46 -6.69 -23.40
N ALA C 371 -19.68 -5.69 -22.99
CA ALA C 371 -19.27 -5.61 -21.59
C ALA C 371 -20.45 -5.50 -20.64
N THR C 372 -21.49 -4.72 -21.00
CA THR C 372 -22.59 -4.53 -20.06
C THR C 372 -23.48 -5.76 -19.94
N ARG C 373 -23.28 -6.78 -20.79
CA ARG C 373 -24.00 -8.04 -20.60
C ARG C 373 -23.65 -8.68 -19.26
N ASP C 374 -22.42 -8.46 -18.79
CA ASP C 374 -21.88 -9.13 -17.61
C ASP C 374 -22.27 -8.37 -16.35
N PRO C 375 -22.96 -9.01 -15.39
CA PRO C 375 -23.27 -8.35 -14.12
C PRO C 375 -22.08 -7.65 -13.47
N SER C 376 -20.87 -8.23 -13.60
CA SER C 376 -19.71 -7.64 -12.94
C SER C 376 -19.31 -6.31 -13.54
N PHE C 377 -19.78 -6.01 -14.75
CA PHE C 377 -19.56 -4.68 -15.31
C PHE C 377 -19.96 -3.61 -14.31
N PHE C 378 -21.13 -3.75 -13.72
CA PHE C 378 -21.67 -2.68 -12.89
C PHE C 378 -21.04 -2.66 -11.51
N ARG C 379 -20.55 -3.81 -11.03
CA ARG C 379 -19.79 -3.81 -9.79
C ARG C 379 -18.43 -3.15 -10.01
N LEU C 380 -17.80 -3.43 -11.16
CA LEU C 380 -16.54 -2.76 -11.47
C LEU C 380 -16.75 -1.27 -11.64
N HIS C 381 -17.83 -0.87 -12.30
CA HIS C 381 -17.97 0.57 -12.58
C HIS C 381 -18.50 1.34 -11.37
N LYS C 382 -19.21 0.70 -10.44
CA LYS C 382 -19.49 1.38 -9.19
C LYS C 382 -18.20 1.59 -8.40
N TYR C 383 -17.33 0.58 -8.38
CA TYR C 383 -16.03 0.72 -7.74
C TYR C 383 -15.29 1.92 -8.31
N MET C 384 -15.24 2.03 -9.64
CA MET C 384 -14.56 3.17 -10.24
C MET C 384 -15.28 4.47 -9.92
N ASP C 385 -16.60 4.45 -9.95
CA ASP C 385 -17.40 5.64 -9.68
C ASP C 385 -17.09 6.19 -8.29
N ASN C 386 -16.87 5.30 -7.33
CA ASN C 386 -16.58 5.74 -5.97
C ASN C 386 -15.22 6.41 -5.85
N ILE C 387 -14.28 6.05 -6.74
CA ILE C 387 -13.01 6.77 -6.78
C ILE C 387 -13.25 8.21 -7.18
N PHE C 388 -13.97 8.40 -8.29
CA PHE C 388 -14.34 9.76 -8.68
C PHE C 388 -15.10 10.47 -7.57
N LYS C 389 -16.00 9.75 -6.90
CA LYS C 389 -16.83 10.37 -5.87
C LYS C 389 -16.00 10.91 -4.71
N LYS C 390 -14.88 10.26 -4.36
CA LYS C 390 -14.09 10.83 -3.29
CA LYS C 390 -14.03 10.81 -3.31
C LYS C 390 -13.55 12.20 -3.67
N HIS C 391 -13.22 12.40 -4.94
CA HIS C 391 -12.79 13.72 -5.42
C HIS C 391 -13.95 14.71 -5.41
N THR C 392 -15.11 14.33 -5.98
CA THR C 392 -16.19 15.30 -6.06
C THR C 392 -16.74 15.64 -4.67
N ASP C 393 -16.69 14.68 -3.74
CA ASP C 393 -17.10 14.94 -2.35
C ASP C 393 -16.11 15.83 -1.61
N SER C 394 -14.91 16.05 -2.14
CA SER C 394 -13.92 16.80 -1.38
C SER C 394 -14.14 18.30 -1.43
N PHE C 395 -14.98 18.78 -2.35
CA PHE C 395 -15.19 20.21 -2.49
C PHE C 395 -16.22 20.70 -1.47
N PRO C 396 -16.19 21.99 -1.14
CA PRO C 396 -17.22 22.54 -0.24
C PRO C 396 -18.61 22.38 -0.84
N PRO C 397 -19.61 22.05 -0.02
CA PRO C 397 -20.99 22.07 -0.52
C PRO C 397 -21.33 23.44 -1.12
N TYR C 398 -22.20 23.42 -2.12
CA TYR C 398 -22.66 24.66 -2.71
C TYR C 398 -23.43 25.48 -1.68
N THR C 399 -23.33 26.80 -1.78
CA THR C 399 -24.11 27.72 -0.96
C THR C 399 -25.31 28.23 -1.73
N HIS C 400 -26.19 28.93 -1.01
CA HIS C 400 -27.31 29.61 -1.65
C HIS C 400 -26.85 30.51 -2.78
N ASP C 401 -25.84 31.34 -2.50
CA ASP C 401 -25.35 32.26 -3.52
C ASP C 401 -24.68 31.53 -4.69
N ASP C 402 -24.05 30.37 -4.43
CA ASP C 402 -23.54 29.56 -5.54
C ASP C 402 -24.65 29.17 -6.50
N LEU C 403 -25.80 28.76 -5.96
CA LEU C 403 -26.82 28.07 -6.75
C LEU C 403 -27.88 29.01 -7.29
N GLU C 404 -28.11 30.15 -6.65
CA GLU C 404 -29.23 30.99 -7.04
C GLU C 404 -28.99 31.62 -8.41
N PHE C 405 -29.96 31.44 -9.30
CA PHE C 405 -30.08 32.17 -10.56
C PHE C 405 -31.01 33.35 -10.27
N ALA C 406 -30.43 34.53 -10.02
CA ALA C 406 -31.19 35.64 -9.46
C ALA C 406 -32.37 36.02 -10.35
N GLY C 407 -33.55 36.14 -9.74
CA GLY C 407 -34.74 36.53 -10.47
C GLY C 407 -35.40 35.44 -11.27
N MET C 408 -34.93 34.20 -11.14
CA MET C 408 -35.51 33.06 -11.85
CA MET C 408 -35.52 33.06 -11.85
C MET C 408 -36.07 32.08 -10.83
N ALA C 409 -37.39 31.88 -10.84
CA ALA C 409 -38.04 30.95 -9.93
C ALA C 409 -38.70 29.84 -10.73
N VAL C 410 -38.53 28.61 -10.26
CA VAL C 410 -39.33 27.49 -10.75
C VAL C 410 -40.58 27.43 -9.90
N ASP C 411 -41.71 27.86 -10.48
CA ASP C 411 -42.97 27.87 -9.75
C ASP C 411 -43.61 26.49 -9.67
N GLY C 412 -43.45 25.68 -10.71
CA GLY C 412 -44.12 24.40 -10.74
C GLY C 412 -43.48 23.49 -11.74
N VAL C 413 -43.57 22.19 -11.48
CA VAL C 413 -43.10 21.16 -12.39
C VAL C 413 -44.20 20.12 -12.50
N ALA C 414 -44.61 19.82 -13.73
CA ALA C 414 -45.68 18.87 -13.97
C ALA C 414 -45.37 18.09 -15.24
N ILE C 415 -46.05 16.97 -15.41
CA ILE C 415 -45.89 16.15 -16.59
C ILE C 415 -47.23 15.96 -17.26
N ASP C 416 -47.28 16.23 -18.56
CA ASP C 416 -48.46 15.92 -19.37
CA ASP C 416 -48.45 15.92 -19.36
C ASP C 416 -48.31 14.50 -19.89
N GLY C 417 -49.20 13.62 -19.49
CA GLY C 417 -49.16 12.22 -19.86
C GLY C 417 -48.66 11.34 -18.74
N GLU C 418 -49.12 10.10 -18.71
CA GLU C 418 -48.69 9.17 -17.68
C GLU C 418 -47.30 8.65 -17.98
N LEU C 419 -46.54 8.36 -16.92
CA LEU C 419 -45.24 7.71 -17.06
C LEU C 419 -45.47 6.21 -17.02
N ILE C 420 -45.37 5.56 -18.18
CA ILE C 420 -45.71 4.15 -18.34
CA ILE C 420 -45.66 4.14 -18.28
C ILE C 420 -44.60 3.48 -19.14
N THR C 421 -44.10 2.35 -18.65
CA THR C 421 -43.13 1.54 -19.39
C THR C 421 -43.77 0.22 -19.77
N PHE C 422 -43.15 -0.44 -20.74
CA PHE C 422 -43.63 -1.71 -21.27
C PHE C 422 -42.49 -2.34 -22.07
N PHE C 423 -42.70 -3.58 -22.50
CA PHE C 423 -41.79 -4.24 -23.42
C PHE C 423 -42.46 -4.39 -24.78
N ASP C 424 -41.71 -4.08 -25.85
CA ASP C 424 -42.21 -4.37 -27.19
C ASP C 424 -41.16 -5.15 -27.98
N GLU C 425 -41.41 -5.39 -29.25
CA GLU C 425 -40.58 -6.26 -30.07
C GLU C 425 -39.78 -5.45 -31.07
N PHE C 426 -38.58 -5.92 -31.36
CA PHE C 426 -37.66 -5.26 -32.29
C PHE C 426 -36.93 -6.35 -33.06
N GLN C 427 -36.76 -6.14 -34.36
CA GLN C 427 -36.10 -7.12 -35.22
C GLN C 427 -34.84 -6.55 -35.84
N TYR C 428 -33.85 -7.42 -36.02
CA TYR C 428 -32.66 -7.07 -36.77
C TYR C 428 -32.17 -8.31 -37.51
N SER C 429 -31.39 -8.07 -38.55
CA SER C 429 -30.98 -9.14 -39.45
C SER C 429 -29.73 -9.86 -38.94
N LEU C 430 -29.71 -11.18 -39.11
CA LEU C 430 -28.57 -12.01 -38.78
C LEU C 430 -27.79 -12.44 -40.02
N ILE C 431 -28.11 -11.90 -41.20
CA ILE C 431 -27.52 -12.38 -42.45
C ILE C 431 -26.00 -12.30 -42.42
N ASN C 432 -25.45 -11.22 -41.85
CA ASN C 432 -23.99 -11.09 -41.84
C ASN C 432 -23.34 -12.15 -40.98
N ALA C 433 -24.08 -12.81 -40.09
CA ALA C 433 -23.50 -13.82 -39.21
C ALA C 433 -23.39 -15.19 -39.88
N VAL C 434 -24.11 -15.45 -40.96
CA VAL C 434 -24.11 -16.77 -41.57
C VAL C 434 -23.20 -16.76 -42.80
N ASP C 435 -22.87 -17.94 -43.29
CA ASP C 435 -21.92 -18.11 -44.38
C ASP C 435 -22.66 -18.29 -45.69
N SER C 436 -22.30 -17.48 -46.68
CA SER C 436 -22.98 -17.49 -47.97
CA SER C 436 -22.98 -17.48 -47.97
C SER C 436 -22.25 -18.39 -48.95
N GLY C 437 -23.02 -19.20 -49.66
CA GLY C 437 -22.44 -20.07 -50.66
C GLY C 437 -22.12 -19.34 -51.94
N GLU C 438 -21.14 -19.86 -52.65
CA GLU C 438 -20.77 -19.33 -53.95
C GLU C 438 -21.91 -19.59 -54.94
N SER C 439 -22.61 -18.52 -55.32
CA SER C 439 -23.70 -18.54 -56.29
C SER C 439 -24.96 -19.22 -55.77
N ILE C 440 -25.17 -19.27 -54.46
CA ILE C 440 -26.47 -19.63 -53.90
C ILE C 440 -27.06 -18.40 -53.23
N GLU C 441 -28.38 -18.31 -53.27
CA GLU C 441 -29.06 -17.07 -52.94
C GLU C 441 -29.19 -16.88 -51.43
N ASP C 442 -29.21 -15.62 -51.02
CA ASP C 442 -29.45 -15.30 -49.62
C ASP C 442 -30.87 -15.68 -49.24
N VAL C 443 -31.07 -15.82 -47.94
CA VAL C 443 -32.40 -15.97 -47.37
C VAL C 443 -32.48 -15.09 -46.13
N GLU C 444 -33.65 -14.52 -45.88
CA GLU C 444 -33.82 -13.58 -44.77
CA GLU C 444 -33.81 -13.58 -44.78
C GLU C 444 -33.80 -14.33 -43.44
N ILE C 445 -32.91 -13.92 -42.55
CA ILE C 445 -32.78 -14.54 -41.23
C ILE C 445 -32.70 -13.42 -40.22
N ASN C 446 -33.67 -13.36 -39.30
CA ASN C 446 -33.81 -12.24 -38.38
C ASN C 446 -33.86 -12.72 -36.94
N ALA C 447 -33.45 -11.85 -36.02
CA ALA C 447 -33.65 -12.02 -34.59
C ALA C 447 -34.74 -11.05 -34.14
N ARG C 448 -35.58 -11.51 -33.21
CA ARG C 448 -36.61 -10.68 -32.61
C ARG C 448 -36.35 -10.64 -31.10
N VAL C 449 -36.15 -9.43 -30.59
CA VAL C 449 -35.84 -9.22 -29.17
C VAL C 449 -36.96 -8.43 -28.53
N HIS C 450 -37.19 -8.73 -27.24
CA HIS C 450 -38.05 -7.91 -26.39
C HIS C 450 -37.21 -6.82 -25.77
N ARG C 451 -37.65 -5.57 -25.91
CA ARG C 451 -36.92 -4.42 -25.38
C ARG C 451 -37.83 -3.52 -24.57
N LEU C 452 -37.26 -2.91 -23.54
CA LEU C 452 -38.00 -1.93 -22.75
C LEU C 452 -38.38 -0.75 -23.61
N ASN C 453 -39.52 -0.13 -23.29
CA ASN C 453 -39.96 1.09 -23.96
C ASN C 453 -40.86 1.85 -23.00
N HIS C 454 -41.23 3.06 -23.40
CA HIS C 454 -42.08 3.90 -22.59
C HIS C 454 -42.96 4.76 -23.50
N LYS C 455 -44.06 5.26 -22.95
CA LYS C 455 -44.93 6.16 -23.68
C LYS C 455 -44.35 7.58 -23.66
N GLU C 456 -44.69 8.35 -24.68
CA GLU C 456 -44.22 9.72 -24.74
CA GLU C 456 -44.24 9.74 -24.76
C GLU C 456 -44.93 10.58 -23.70
N PHE C 457 -44.23 11.60 -23.22
CA PHE C 457 -44.77 12.53 -22.23
C PHE C 457 -44.10 13.88 -22.41
N THR C 458 -44.61 14.89 -21.73
CA THR C 458 -44.12 16.26 -21.88
C THR C 458 -43.91 16.91 -20.51
N TYR C 459 -42.72 17.45 -20.28
CA TYR C 459 -42.50 18.26 -19.09
C TYR C 459 -43.17 19.61 -19.24
N LYS C 460 -43.80 20.08 -18.16
CA LYS C 460 -44.39 21.42 -18.10
C LYS C 460 -43.75 22.13 -16.91
N ILE C 461 -42.79 23.01 -17.19
CA ILE C 461 -42.00 23.67 -16.16
C ILE C 461 -42.37 25.15 -16.17
N THR C 462 -43.09 25.58 -15.14
CA THR C 462 -43.53 26.97 -15.05
C THR C 462 -42.45 27.76 -14.31
N VAL C 463 -41.92 28.78 -14.97
CA VAL C 463 -40.86 29.58 -14.40
CA VAL C 463 -40.83 29.59 -14.43
C VAL C 463 -41.29 31.04 -14.41
N SER C 464 -40.84 31.78 -13.41
CA SER C 464 -41.08 33.21 -13.31
C SER C 464 -39.74 33.92 -13.45
N ASN C 465 -39.61 34.74 -14.51
CA ASN C 465 -38.42 35.54 -14.74
C ASN C 465 -38.73 36.97 -14.31
N SER C 466 -38.24 37.34 -13.12
CA SER C 466 -38.41 38.68 -12.58
C SER C 466 -37.19 39.55 -12.80
N ILE C 467 -36.26 39.13 -13.66
CA ILE C 467 -35.26 40.04 -14.19
C ILE C 467 -35.92 40.91 -15.26
N GLY C 468 -35.34 42.08 -15.48
CA GLY C 468 -35.94 43.03 -16.40
C GLY C 468 -35.84 42.70 -17.87
N SER C 469 -35.46 41.46 -18.20
CA SER C 469 -35.27 41.08 -19.59
C SER C 469 -35.31 39.56 -19.72
N ASP C 470 -35.53 39.10 -20.95
CA ASP C 470 -35.44 37.68 -21.24
C ASP C 470 -34.02 37.18 -21.01
N HIS C 471 -33.91 35.93 -20.54
CA HIS C 471 -32.60 35.39 -20.20
C HIS C 471 -32.50 33.94 -20.62
N LEU C 472 -31.34 33.59 -21.18
CA LEU C 472 -31.04 32.20 -21.49
C LEU C 472 -30.97 31.37 -20.21
N ALA C 473 -31.60 30.22 -20.20
CA ALA C 473 -31.57 29.34 -19.04
C ALA C 473 -31.19 27.93 -19.48
N THR C 474 -30.48 27.24 -18.61
CA THR C 474 -30.25 25.80 -18.75
C THR C 474 -31.24 25.07 -17.86
N PHE C 475 -32.00 24.15 -18.46
CA PHE C 475 -32.91 23.30 -17.72
C PHE C 475 -32.24 21.94 -17.54
N ARG C 476 -32.02 21.55 -16.28
CA ARG C 476 -31.34 20.30 -15.94
C ARG C 476 -32.34 19.42 -15.21
N ILE C 477 -32.60 18.22 -15.75
CA ILE C 477 -33.68 17.36 -15.26
C ILE C 477 -33.13 16.01 -14.87
N PHE C 478 -33.38 15.61 -13.63
CA PHE C 478 -32.91 14.34 -13.09
C PHE C 478 -34.08 13.59 -12.48
N LEU C 479 -33.96 12.25 -12.45
CA LEU C 479 -34.89 11.37 -11.74
C LEU C 479 -34.16 10.75 -10.56
N CYS C 480 -34.72 10.89 -9.37
CA CYS C 480 -34.04 10.52 -8.13
C CYS C 480 -34.91 9.56 -7.32
N PRO C 481 -34.32 8.58 -6.66
CA PRO C 481 -35.11 7.68 -5.82
C PRO C 481 -35.58 8.38 -4.55
N ILE C 482 -36.76 7.99 -4.07
CA ILE C 482 -37.27 8.48 -2.79
C ILE C 482 -36.91 7.53 -1.65
N GLU C 483 -37.09 6.23 -1.88
CA GLU C 483 -36.79 5.21 -0.90
CA GLU C 483 -36.78 5.22 -0.89
C GLU C 483 -35.91 4.15 -1.53
N ASP C 484 -35.16 3.45 -0.69
CA ASP C 484 -34.34 2.34 -1.16
C ASP C 484 -35.18 1.05 -1.16
N ASN C 485 -34.52 -0.07 -1.50
CA ASN C 485 -35.18 -1.38 -1.58
C ASN C 485 -35.64 -1.90 -0.23
N ASN C 486 -35.24 -1.27 0.87
CA ASN C 486 -35.72 -1.64 2.20
C ASN C 486 -36.84 -0.73 2.67
N GLY C 487 -37.30 0.19 1.82
CA GLY C 487 -38.37 1.11 2.19
C GLY C 487 -37.93 2.24 3.09
N ILE C 488 -36.63 2.55 3.11
CA ILE C 488 -36.11 3.64 3.92
C ILE C 488 -36.07 4.91 3.08
N THR C 489 -36.62 5.99 3.62
CA THR C 489 -36.61 7.26 2.90
C THR C 489 -35.21 7.86 2.88
N LEU C 490 -34.75 8.24 1.69
CA LEU C 490 -33.42 8.77 1.49
C LEU C 490 -33.37 10.27 1.72
N THR C 491 -32.30 10.72 2.37
CA THR C 491 -32.01 12.15 2.37
C THR C 491 -31.58 12.59 0.97
N LEU C 492 -31.60 13.90 0.75
CA LEU C 492 -31.12 14.41 -0.53
C LEU C 492 -29.66 14.03 -0.75
N ASP C 493 -28.83 14.12 0.29
CA ASP C 493 -27.43 13.72 0.13
C ASP C 493 -27.31 12.25 -0.24
N LYS C 494 -28.18 11.40 0.31
CA LYS C 494 -28.14 9.98 -0.02
C LYS C 494 -28.77 9.67 -1.38
N ALA C 495 -29.62 10.56 -1.90
CA ALA C 495 -30.25 10.34 -3.20
C ALA C 495 -29.42 10.86 -4.35
N ARG C 496 -28.62 11.90 -4.13
CA ARG C 496 -28.11 12.69 -5.25
C ARG C 496 -27.21 11.86 -6.18
N TRP C 497 -26.39 10.96 -5.61
CA TRP C 497 -25.47 10.18 -6.44
C TRP C 497 -26.20 9.06 -7.16
N LEU C 498 -27.45 8.83 -6.82
CA LEU C 498 -28.27 7.81 -7.43
C LEU C 498 -29.16 8.37 -8.53
N CYS C 499 -29.25 9.70 -8.63
CA CYS C 499 -30.12 10.32 -9.62
C CYS C 499 -29.60 10.02 -11.01
N ILE C 500 -30.52 9.88 -11.96
CA ILE C 500 -30.17 9.67 -13.35
C ILE C 500 -30.58 10.91 -14.14
N GLU C 501 -29.72 11.29 -15.08
CA GLU C 501 -29.97 12.43 -15.93
C GLU C 501 -31.04 12.08 -16.95
N LEU C 502 -32.10 12.91 -17.03
CA LEU C 502 -33.14 12.73 -18.04
C LEU C 502 -33.06 13.73 -19.17
N ASP C 503 -32.55 14.94 -18.93
CA ASP C 503 -32.55 15.95 -19.98
C ASP C 503 -31.65 17.11 -19.55
N LYS C 504 -31.21 17.85 -20.55
CA LYS C 504 -30.53 19.13 -20.36
C LYS C 504 -30.77 19.94 -21.61
N PHE C 505 -31.30 21.15 -21.46
CA PHE C 505 -31.51 21.97 -22.66
C PHE C 505 -31.43 23.43 -22.29
N PHE C 506 -31.17 24.25 -23.31
CA PHE C 506 -30.99 25.68 -23.15
C PHE C 506 -32.16 26.37 -23.83
N GLN C 507 -32.79 27.30 -23.12
CA GLN C 507 -33.96 27.95 -23.69
C GLN C 507 -34.11 29.34 -23.08
N LYS C 508 -34.48 30.30 -23.93
CA LYS C 508 -34.68 31.67 -23.46
C LYS C 508 -35.98 31.73 -22.67
N VAL C 509 -35.90 32.28 -21.46
CA VAL C 509 -37.05 32.47 -20.60
C VAL C 509 -37.48 33.93 -20.71
N PRO C 510 -38.65 34.23 -21.27
CA PRO C 510 -39.10 35.62 -21.33
C PRO C 510 -39.46 36.14 -19.94
N SER C 511 -39.44 37.47 -19.82
CA SER C 511 -39.90 38.11 -18.59
C SER C 511 -41.33 37.67 -18.27
N GLY C 512 -41.62 37.55 -16.98
CA GLY C 512 -42.93 37.14 -16.52
C GLY C 512 -42.98 35.67 -16.19
N THR C 513 -44.20 35.13 -16.13
CA THR C 513 -44.45 33.74 -15.78
C THR C 513 -44.88 32.98 -17.01
N HIS C 514 -44.14 31.92 -17.36
CA HIS C 514 -44.43 31.12 -18.53
C HIS C 514 -44.11 29.65 -18.24
N THR C 515 -44.90 28.77 -18.85
CA THR C 515 -44.69 27.33 -18.75
C THR C 515 -43.89 26.86 -19.95
N ILE C 516 -42.70 26.33 -19.69
CA ILE C 516 -41.86 25.74 -20.72
C ILE C 516 -42.30 24.30 -20.96
N HIS C 517 -42.48 23.92 -22.22
CA HIS C 517 -42.88 22.57 -22.61
C HIS C 517 -41.70 21.87 -23.28
N ARG C 518 -41.42 20.63 -22.83
CA ARG C 518 -40.30 19.87 -23.36
C ARG C 518 -40.75 18.42 -23.54
N SER C 519 -40.69 17.93 -24.78
CA SER C 519 -41.08 16.56 -25.06
C SER C 519 -40.02 15.57 -24.60
N SER C 520 -40.46 14.42 -24.08
CA SER C 520 -39.54 13.35 -23.76
C SER C 520 -38.72 12.93 -24.98
N LYS C 521 -39.32 12.99 -26.17
CA LYS C 521 -38.65 12.60 -27.40
CA LYS C 521 -38.63 12.57 -27.38
C LYS C 521 -37.44 13.47 -27.71
N ASP C 522 -37.38 14.68 -27.17
CA ASP C 522 -36.33 15.61 -27.50
C ASP C 522 -35.16 15.59 -26.52
N SER C 523 -35.12 14.62 -25.61
CA SER C 523 -34.09 14.58 -24.56
C SER C 523 -32.69 14.63 -25.16
N SER C 524 -31.82 15.44 -24.57
CA SER C 524 -30.43 15.47 -24.99
C SER C 524 -29.61 14.32 -24.41
N VAL C 525 -30.25 13.44 -23.65
CA VAL C 525 -29.60 12.24 -23.11
C VAL C 525 -29.77 11.04 -24.03
N THR C 526 -30.81 11.05 -24.87
CA THR C 526 -31.19 9.86 -25.61
C THR C 526 -31.11 10.09 -27.10
N VAL C 527 -31.05 8.98 -27.83
CA VAL C 527 -31.15 8.97 -29.29
C VAL C 527 -32.06 7.81 -29.69
N PRO C 528 -32.67 7.90 -30.88
CA PRO C 528 -33.60 6.85 -31.31
C PRO C 528 -32.89 5.55 -31.67
N ASP C 529 -33.70 4.51 -31.88
CA ASP C 529 -33.18 3.27 -32.44
C ASP C 529 -32.52 3.55 -33.79
N MET C 530 -31.44 2.83 -34.08
CA MET C 530 -30.71 3.02 -35.33
C MET C 530 -31.53 2.53 -36.52
N PRO C 531 -31.37 3.17 -37.68
CA PRO C 531 -31.95 2.59 -38.90
C PRO C 531 -31.25 1.29 -39.25
N SER C 532 -32.01 0.37 -39.84
CA SER C 532 -31.47 -0.94 -40.17
C SER C 532 -30.49 -0.84 -41.34
N PHE C 533 -29.61 -1.84 -41.40
CA PHE C 533 -28.71 -1.99 -42.54
C PHE C 533 -29.48 -2.04 -43.84
N HIS C 534 -30.54 -2.84 -43.88
CA HIS C 534 -31.38 -2.95 -45.06
C HIS C 534 -31.89 -1.58 -45.51
N SER C 535 -32.38 -0.77 -44.55
CA SER C 535 -32.89 0.55 -44.90
C SER C 535 -31.79 1.45 -45.45
N LEU C 536 -30.60 1.40 -44.84
CA LEU C 536 -29.51 2.22 -45.36
C LEU C 536 -29.09 1.78 -46.75
N LYS C 537 -29.06 0.47 -47.02
CA LYS C 537 -28.76 0.00 -48.37
C LYS C 537 -29.81 0.48 -49.36
N GLU C 538 -31.09 0.35 -48.99
CA GLU C 538 -32.17 0.74 -49.89
C GLU C 538 -32.06 2.21 -50.24
N GLN C 539 -31.86 3.06 -49.22
CA GLN C 539 -31.81 4.49 -49.48
C GLN C 539 -30.58 4.86 -50.30
N ALA C 540 -29.40 4.31 -49.96
CA ALA C 540 -28.21 4.64 -50.72
C ALA C 540 -28.30 4.14 -52.16
N ASP C 541 -28.78 2.90 -52.33
CA ASP C 541 -28.89 2.34 -53.68
C ASP C 541 -29.86 3.15 -54.53
N ASN C 542 -31.02 3.53 -53.96
CA ASN C 542 -31.99 4.29 -54.73
C ASN C 542 -31.43 5.63 -55.18
N ALA C 543 -30.64 6.28 -54.31
CA ALA C 543 -30.06 7.57 -54.66
C ALA C 543 -28.98 7.43 -55.73
N VAL C 544 -28.06 6.49 -55.54
CA VAL C 544 -26.99 6.34 -56.52
CA VAL C 544 -26.99 6.29 -56.51
C VAL C 544 -27.55 5.88 -57.86
N ASN C 545 -28.51 4.95 -57.86
CA ASN C 545 -29.00 4.43 -59.14
C ASN C 545 -29.86 5.44 -59.89
N GLY C 546 -30.51 6.35 -59.17
CA GLY C 546 -31.33 7.35 -59.80
C GLY C 546 -30.66 8.68 -60.03
N GLY C 547 -29.42 8.85 -59.60
CA GLY C 547 -28.78 10.14 -59.64
C GLY C 547 -29.39 11.17 -58.74
N HIS C 548 -29.95 10.76 -57.60
CA HIS C 548 -30.52 11.70 -56.64
C HIS C 548 -29.56 11.94 -55.47
N ASP C 549 -29.69 13.11 -54.87
CA ASP C 549 -28.94 13.39 -53.65
CA ASP C 549 -28.95 13.40 -53.65
C ASP C 549 -29.52 12.59 -52.49
N LEU C 550 -28.64 12.08 -51.65
CA LEU C 550 -29.03 11.34 -50.45
C LEU C 550 -28.92 12.30 -49.26
N ASP C 551 -30.02 12.49 -48.54
CA ASP C 551 -30.04 13.35 -47.37
C ASP C 551 -30.39 12.50 -46.15
N LEU C 552 -29.39 12.12 -45.37
CA LEU C 552 -29.61 11.37 -44.14
C LEU C 552 -29.52 12.24 -42.90
N SER C 553 -29.63 13.57 -43.07
CA SER C 553 -29.38 14.49 -41.97
C SER C 553 -30.38 14.36 -40.84
N ALA C 554 -31.57 13.81 -41.10
CA ALA C 554 -32.54 13.59 -40.04
C ALA C 554 -32.11 12.49 -39.08
N TYR C 555 -31.16 11.64 -39.48
CA TYR C 555 -30.71 10.57 -38.59
C TYR C 555 -29.78 11.12 -37.52
N GLU C 556 -29.96 10.65 -36.30
CA GLU C 556 -29.14 11.09 -35.19
CA GLU C 556 -29.17 11.06 -35.16
C GLU C 556 -27.93 10.17 -35.03
N ARG C 557 -27.00 10.59 -34.17
CA ARG C 557 -25.85 9.80 -33.77
C ARG C 557 -26.31 8.55 -33.03
N SER C 558 -25.40 7.56 -32.95
CA SER C 558 -25.65 6.33 -32.23
C SER C 558 -25.16 6.37 -30.78
N CYS C 559 -24.48 7.44 -30.39
CA CYS C 559 -24.11 7.68 -29.00
C CYS C 559 -25.28 8.32 -28.26
N GLY C 560 -25.70 7.69 -27.16
CA GLY C 560 -26.75 8.21 -26.32
C GLY C 560 -27.62 7.07 -25.83
N ILE C 561 -28.15 7.20 -24.62
CA ILE C 561 -29.08 6.23 -24.04
C ILE C 561 -30.22 6.01 -25.03
N PRO C 562 -30.63 4.79 -25.34
CA PRO C 562 -31.77 4.63 -26.25
C PRO C 562 -33.01 5.36 -25.73
N ASP C 563 -33.67 6.10 -26.63
CA ASP C 563 -34.94 6.76 -26.30
CA ASP C 563 -34.95 6.74 -26.33
C ASP C 563 -35.84 5.81 -25.50
N ARG C 564 -35.94 4.56 -25.93
CA ARG C 564 -36.84 3.60 -25.31
C ARG C 564 -36.49 3.33 -23.85
N MET C 565 -35.24 3.59 -23.44
CA MET C 565 -34.80 3.31 -22.08
C MET C 565 -34.68 4.57 -21.23
N LEU C 566 -35.32 5.67 -21.65
CA LEU C 566 -35.26 6.92 -20.90
C LEU C 566 -35.65 6.72 -19.44
N LEU C 567 -36.74 5.95 -19.19
CA LEU C 567 -37.24 5.72 -17.84
C LEU C 567 -36.86 4.34 -17.32
N PRO C 568 -36.67 4.21 -16.02
CA PRO C 568 -36.51 2.88 -15.43
C PRO C 568 -37.79 2.07 -15.59
N LYS C 569 -37.66 0.74 -15.53
CA LYS C 569 -38.80 -0.14 -15.74
C LYS C 569 -39.93 0.15 -14.75
N SER C 570 -39.57 0.41 -13.48
CA SER C 570 -40.50 0.51 -12.37
C SER C 570 -41.27 -0.79 -12.17
N LYS C 571 -42.37 -0.74 -11.43
CA LYS C 571 -43.15 -1.91 -11.02
C LYS C 571 -44.57 -1.81 -11.53
N PRO C 572 -45.24 -2.95 -11.76
CA PRO C 572 -46.66 -2.93 -12.12
C PRO C 572 -47.53 -2.17 -11.13
N GLU C 573 -47.18 -2.23 -9.83
CA GLU C 573 -47.94 -1.55 -8.79
C GLU C 573 -47.66 -0.05 -8.77
N GLY C 574 -46.71 0.41 -9.58
CA GLY C 574 -46.26 1.79 -9.55
C GLY C 574 -45.15 2.01 -8.53
N MET C 575 -44.28 2.97 -8.84
CA MET C 575 -43.25 3.44 -7.92
C MET C 575 -43.19 4.96 -8.01
N GLU C 576 -42.93 5.61 -6.89
CA GLU C 576 -42.80 7.07 -6.87
C GLU C 576 -41.33 7.45 -6.86
N PHE C 577 -41.00 8.51 -7.59
CA PHE C 577 -39.65 9.04 -7.69
C PHE C 577 -39.70 10.56 -7.53
N ASN C 578 -38.54 11.16 -7.25
CA ASN C 578 -38.44 12.61 -7.25
C ASN C 578 -37.95 13.04 -8.63
N LEU C 579 -38.71 13.93 -9.26
CA LEU C 579 -38.29 14.57 -10.50
C LEU C 579 -37.64 15.90 -10.13
N PHE C 580 -36.33 16.01 -10.36
CA PHE C 580 -35.54 17.14 -9.91
C PHE C 580 -35.23 18.06 -11.08
N VAL C 581 -35.58 19.33 -10.94
CA VAL C 581 -35.34 20.31 -12.00
C VAL C 581 -34.51 21.44 -11.42
N ALA C 582 -33.37 21.72 -12.05
CA ALA C 582 -32.56 22.88 -11.74
C ALA C 582 -32.50 23.76 -12.97
N VAL C 583 -32.85 25.03 -12.81
CA VAL C 583 -32.78 26.01 -13.88
C VAL C 583 -31.62 26.94 -13.55
N THR C 584 -30.62 26.99 -14.44
CA THR C 584 -29.40 27.71 -14.16
C THR C 584 -29.12 28.73 -15.25
N ASP C 585 -28.17 29.61 -14.97
CA ASP C 585 -27.89 30.78 -15.82
C ASP C 585 -27.27 30.32 -17.13
N GLY C 586 -28.07 30.33 -18.20
CA GLY C 586 -27.60 29.83 -19.48
C GLY C 586 -26.52 30.70 -20.11
N VAL C 587 -26.55 32.01 -19.83
CA VAL C 587 -25.50 32.86 -20.37
C VAL C 587 -24.14 32.46 -19.79
N LYS C 588 -24.10 32.14 -18.50
CA LYS C 588 -22.86 31.68 -17.90
CA LYS C 588 -22.86 31.67 -17.89
C LYS C 588 -22.52 30.25 -18.33
N ASP C 589 -23.51 29.36 -18.35
CA ASP C 589 -23.24 27.95 -18.64
C ASP C 589 -22.73 27.74 -20.07
N THR C 590 -23.24 28.52 -21.03
CA THR C 590 -22.89 28.30 -22.42
C THR C 590 -21.90 29.34 -22.95
N GLU C 591 -21.33 30.16 -22.07
CA GLU C 591 -20.44 31.22 -22.52
C GLU C 591 -19.31 30.64 -23.37
N GLY C 592 -19.11 31.23 -24.55
CA GLY C 592 -18.17 30.72 -25.52
C GLY C 592 -18.70 29.64 -26.44
N HIS C 593 -19.93 29.15 -26.21
CA HIS C 593 -20.49 28.06 -27.02
C HIS C 593 -21.82 28.43 -27.68
N ASN C 594 -22.27 29.69 -27.56
CA ASN C 594 -23.52 30.21 -28.12
CA ASN C 594 -23.52 30.21 -28.14
C ASN C 594 -24.76 29.45 -27.69
N GLY C 595 -25.71 30.18 -27.09
CA GLY C 595 -26.99 29.61 -26.71
C GLY C 595 -28.04 29.58 -27.80
N ASP C 596 -27.71 30.08 -28.99
CA ASP C 596 -28.57 29.96 -30.16
C ASP C 596 -28.14 28.85 -31.10
N HIS C 597 -26.88 28.46 -31.05
CA HIS C 597 -26.32 27.46 -31.95
C HIS C 597 -26.93 26.08 -31.70
N ASP C 598 -26.92 25.25 -32.73
CA ASP C 598 -27.44 23.89 -32.64
C ASP C 598 -26.43 23.00 -31.94
N HIS C 599 -26.83 22.38 -30.83
CA HIS C 599 -25.95 21.50 -30.07
C HIS C 599 -26.27 20.04 -30.29
N GLY C 600 -27.09 19.70 -31.29
CA GLY C 600 -27.38 18.31 -31.58
C GLY C 600 -28.34 17.71 -30.57
N GLY C 601 -28.55 16.40 -30.74
CA GLY C 601 -29.53 15.67 -29.97
C GLY C 601 -28.98 14.85 -28.83
N THR C 602 -27.67 14.89 -28.56
CA THR C 602 -27.12 13.99 -27.57
C THR C 602 -26.00 14.65 -26.78
N HIS C 603 -26.10 15.95 -26.53
CA HIS C 603 -24.97 16.66 -25.95
C HIS C 603 -24.76 16.41 -24.47
N ALA C 604 -25.75 15.83 -23.76
CA ALA C 604 -25.63 15.70 -22.31
C ALA C 604 -24.47 14.80 -21.92
N GLN C 605 -24.33 13.65 -22.58
CA GLN C 605 -23.27 12.71 -22.28
C GLN C 605 -22.36 12.44 -23.46
N CYS C 606 -22.80 12.74 -24.69
CA CYS C 606 -22.04 12.45 -25.88
C CYS C 606 -21.47 13.70 -26.53
N GLY C 607 -21.69 14.87 -25.95
CA GLY C 607 -21.13 16.07 -26.50
C GLY C 607 -21.71 16.44 -27.86
N VAL C 608 -20.96 17.28 -28.57
CA VAL C 608 -21.36 17.85 -29.85
C VAL C 608 -20.28 17.50 -30.85
N HIS C 609 -20.67 16.78 -31.90
CA HIS C 609 -19.70 16.31 -32.89
C HIS C 609 -18.90 17.48 -33.44
N GLY C 610 -17.57 17.40 -33.33
CA GLY C 610 -16.68 18.41 -33.89
C GLY C 610 -16.64 19.73 -33.15
N GLU C 611 -17.19 19.81 -31.95
CA GLU C 611 -17.27 21.07 -31.23
C GLU C 611 -16.92 20.86 -29.77
N ALA C 612 -16.63 21.97 -29.10
CA ALA C 612 -16.40 21.94 -27.67
C ALA C 612 -17.69 21.56 -26.94
N TYR C 613 -17.52 21.08 -25.71
CA TYR C 613 -18.68 20.70 -24.92
C TYR C 613 -19.43 21.97 -24.50
N PRO C 614 -20.75 22.03 -24.69
CA PRO C 614 -21.43 23.34 -24.66
C PRO C 614 -21.83 23.86 -23.29
N ASP C 615 -21.63 23.08 -22.23
CA ASP C 615 -22.05 23.44 -20.89
C ASP C 615 -20.80 23.47 -20.02
N ASN C 616 -20.44 24.68 -19.54
CA ASN C 616 -19.22 24.87 -18.77
C ASN C 616 -19.31 24.29 -17.37
N ARG C 617 -20.52 24.03 -16.85
CA ARG C 617 -20.67 23.54 -15.49
C ARG C 617 -20.07 22.15 -15.34
N PRO C 618 -19.67 21.77 -14.13
CA PRO C 618 -19.23 20.38 -13.90
C PRO C 618 -20.33 19.41 -14.31
N LEU C 619 -19.92 18.27 -14.89
CA LEU C 619 -20.89 17.25 -15.23
C LEU C 619 -21.61 16.81 -13.97
N GLY C 620 -22.93 16.77 -14.03
CA GLY C 620 -23.73 16.45 -12.88
C GLY C 620 -24.24 17.62 -12.09
N TYR C 621 -23.89 18.84 -12.48
CA TYR C 621 -24.31 20.02 -11.75
C TYR C 621 -25.83 20.10 -11.67
N PRO C 622 -26.41 20.47 -10.52
CA PRO C 622 -25.79 20.87 -9.26
C PRO C 622 -25.78 19.76 -8.21
N LEU C 623 -25.78 18.51 -8.65
CA LEU C 623 -25.87 17.37 -7.75
C LEU C 623 -24.54 16.70 -7.47
N GLU C 624 -23.44 17.25 -7.99
CA GLU C 624 -22.16 16.55 -7.95
C GLU C 624 -21.32 16.90 -6.71
N ARG C 625 -21.82 17.77 -5.84
CA ARG C 625 -21.16 18.03 -4.56
C ARG C 625 -22.05 17.54 -3.42
N ARG C 626 -21.42 17.31 -2.26
CA ARG C 626 -22.17 16.92 -1.07
C ARG C 626 -23.25 17.94 -0.73
N ILE C 627 -24.40 17.44 -0.28
CA ILE C 627 -25.50 18.30 0.16
C ILE C 627 -25.84 17.90 1.60
N PRO C 628 -24.99 18.24 2.57
CA PRO C 628 -25.28 17.82 3.95
C PRO C 628 -26.48 18.52 4.54
N ASP C 629 -26.86 19.67 4.02
CA ASP C 629 -27.92 20.50 4.57
C ASP C 629 -28.92 20.76 3.45
N GLU C 630 -30.02 20.02 3.49
CA GLU C 630 -31.04 20.15 2.45
CA GLU C 630 -31.06 20.15 2.47
C GLU C 630 -31.66 21.54 2.44
N ARG C 631 -31.61 22.26 3.58
CA ARG C 631 -32.17 23.61 3.64
C ARG C 631 -31.55 24.52 2.58
N VAL C 632 -30.28 24.30 2.24
CA VAL C 632 -29.62 25.13 1.24
C VAL C 632 -30.32 24.99 -0.12
N PHE C 633 -30.61 23.75 -0.53
CA PHE C 633 -31.28 23.56 -1.81
C PHE C 633 -32.73 24.05 -1.76
N ASP C 634 -33.41 23.81 -0.63
CA ASP C 634 -34.82 24.21 -0.53
C ASP C 634 -35.00 25.72 -0.58
N GLY C 635 -33.98 26.49 -0.25
CA GLY C 635 -34.04 27.93 -0.28
C GLY C 635 -33.67 28.59 -1.59
N VAL C 636 -33.37 27.79 -2.61
CA VAL C 636 -32.97 28.28 -3.92
C VAL C 636 -34.20 28.27 -4.83
N PRO C 637 -34.71 29.42 -5.27
CA PRO C 637 -35.97 29.44 -6.03
C PRO C 637 -35.90 28.74 -7.38
N ASN C 638 -34.72 28.67 -8.01
CA ASN C 638 -34.57 28.08 -9.33
C ASN C 638 -34.30 26.58 -9.28
N ILE C 639 -34.53 25.93 -8.13
CA ILE C 639 -34.47 24.48 -8.00
C ILE C 639 -35.80 24.01 -7.44
N LYS C 640 -36.34 22.93 -8.01
CA LYS C 640 -37.58 22.37 -7.48
C LYS C 640 -37.63 20.89 -7.81
N HIS C 641 -38.13 20.10 -6.87
CA HIS C 641 -38.42 18.70 -7.18
C HIS C 641 -39.87 18.38 -6.80
N VAL C 642 -40.45 17.45 -7.55
CA VAL C 642 -41.82 16.99 -7.35
C VAL C 642 -41.87 15.48 -7.47
N VAL C 643 -42.90 14.89 -6.89
CA VAL C 643 -43.07 13.44 -6.92
C VAL C 643 -43.79 13.04 -8.20
N VAL C 644 -43.25 12.05 -8.90
CA VAL C 644 -43.90 11.47 -10.07
C VAL C 644 -44.02 9.97 -9.85
N LYS C 645 -44.96 9.35 -10.56
CA LYS C 645 -45.19 7.92 -10.48
C LYS C 645 -44.94 7.30 -11.83
N ILE C 646 -44.20 6.20 -11.87
CA ILE C 646 -43.98 5.41 -13.08
C ILE C 646 -44.60 4.05 -12.85
N VAL C 647 -45.40 3.59 -13.82
CA VAL C 647 -46.07 2.29 -13.76
C VAL C 647 -45.57 1.43 -14.91
N HIS C 648 -45.19 0.19 -14.61
CA HIS C 648 -44.85 -0.77 -15.65
C HIS C 648 -46.12 -1.52 -16.07
N HIS C 649 -46.33 -1.62 -17.37
CA HIS C 649 -47.42 -2.42 -17.91
C HIS C 649 -46.86 -3.73 -18.45
N PRO C 650 -47.03 -4.87 -17.73
CA PRO C 650 -46.44 -6.16 -18.10
C PRO C 650 -47.07 -6.82 -19.33
#